data_8FGL
#
_entry.id   8FGL
#
_cell.length_a   52.030
_cell.length_b   121.912
_cell.length_c   164.655
_cell.angle_alpha   90.000
_cell.angle_beta   90.100
_cell.angle_gamma   90.000
#
_symmetry.space_group_name_H-M   'P 1 21 1'
#
loop_
_entity.id
_entity.type
_entity.pdbx_description
1 polymer 'Nitric oxide synthase, brain'
2 non-polymer 'PROTOPORPHYRIN IX CONTAINING FE'
3 non-polymer 5,6,7,8-TETRAHYDROBIOPTERIN
4 non-polymer 6-(2-{2,3-difluoro-5-[2-(4-methylpiperazin-1-yl)ethyl]phenyl}ethyl)-4-methylpyridin-2-amine
5 non-polymer GLYCEROL
6 non-polymer 'ZINC ION'
7 water water
#
_entity_poly.entity_id   1
_entity_poly.type   'polypeptide(L)'
_entity_poly.pdbx_seq_one_letter_code
;CPRFLKVKNWETEVVLTDTLHLKSTLETGCTEYICMGSIMHPSQHARRPEDVATKDQLFPLAKEFIDQYYSSIKRFGSKA
HMERLEEVNKEIDTTSTYQLKDTELIYGAKHAWRNASRCVGRIQWSKLQVFDARDCTTAHGMFNYICNHVKYATNKGNLR
SAITIFPQRTDGKHDFRVWNSQLIRYAGYKQPDGSTLGDPANVQFTEICIQQGWKPPRGRFDVLPLLLQANGNDPELFQI
PPELVLEVPIRHPKFEWFKDLGLKWYGLPAVSNMLLEIGGLEFSACPFSGWYMGTEIGVRDYCDNSRYNILEEVAKKMNL
DMRKTSSLWKDQALVEINIAVLYSFQSDKVTIVDHHSATESFIKHMENEYRCRGGCPADWVWIVPPMSGSITPVFHQEML
NYRLTPSFEYQPDPWNTHVWK
;
_entity_poly.pdbx_strand_id   A,B,C,D
#
loop_
_chem_comp.id
_chem_comp.type
_chem_comp.name
_chem_comp.formula
GOL non-polymer GLYCEROL 'C3 H8 O3'
H4B non-polymer 5,6,7,8-TETRAHYDROBIOPTERIN 'C9 H15 N5 O3'
HEM non-polymer 'PROTOPORPHYRIN IX CONTAINING FE' 'C34 H32 Fe N4 O4'
XVK non-polymer 6-(2-{2,3-difluoro-5-[2-(4-methylpiperazin-1-yl)ethyl]phenyl}ethyl)-4-methylpyridin-2-amine 'C21 H28 F2 N4'
ZN non-polymer 'ZINC ION' 'Zn 2'
#
# COMPACT_ATOMS: atom_id res chain seq x y z
N CYS A 1 4.68 15.55 -8.60
CA CYS A 1 5.91 16.21 -9.04
C CYS A 1 6.83 15.16 -9.63
N PRO A 2 7.65 15.57 -10.66
CA PRO A 2 8.23 14.59 -11.59
C PRO A 2 8.70 13.27 -10.99
N ARG A 3 8.68 12.23 -11.82
CA ARG A 3 9.00 10.85 -11.45
C ARG A 3 10.09 10.78 -10.39
N PHE A 4 11.22 11.42 -10.65
CA PHE A 4 12.28 11.60 -9.67
C PHE A 4 12.25 13.00 -9.11
N LEU A 5 13.10 13.21 -8.12
CA LEU A 5 13.68 14.52 -7.86
C LEU A 5 15.04 14.23 -7.25
N LYS A 6 16.10 14.58 -7.95
CA LYS A 6 17.44 14.34 -7.47
C LYS A 6 17.94 15.53 -6.65
N VAL A 7 18.74 15.23 -5.63
CA VAL A 7 19.38 16.25 -4.82
C VAL A 7 20.88 15.93 -4.76
N LYS A 8 21.69 16.97 -4.73
CA LYS A 8 23.14 16.85 -4.82
C LYS A 8 23.78 17.40 -3.57
N ASN A 9 24.87 16.76 -3.16
CA ASN A 9 25.74 17.33 -2.14
C ASN A 9 26.91 17.95 -2.89
N TRP A 10 27.15 19.22 -2.62
CA TRP A 10 28.16 19.96 -3.35
C TRP A 10 29.54 19.72 -2.79
N GLU A 11 29.68 19.45 -1.50
CA GLU A 11 31.00 19.15 -0.98
C GLU A 11 31.49 17.79 -1.44
N THR A 12 30.58 16.83 -1.68
CA THR A 12 30.95 15.45 -2.00
C THR A 12 30.55 14.98 -3.39
N GLU A 13 29.63 15.69 -4.07
CA GLU A 13 29.05 15.25 -5.34
C GLU A 13 28.27 13.96 -5.18
N VAL A 14 27.86 13.61 -3.96
CA VAL A 14 26.90 12.53 -3.80
C VAL A 14 25.52 13.01 -4.24
N VAL A 15 24.80 12.16 -4.96
CA VAL A 15 23.49 12.50 -5.51
C VAL A 15 22.49 11.46 -5.04
N LEU A 16 21.30 11.94 -4.66
CA LEU A 16 20.24 11.10 -4.12
C LEU A 16 18.94 11.37 -4.86
N THR A 17 18.17 10.31 -5.08
CA THR A 17 16.91 10.37 -5.83
C THR A 17 15.75 10.28 -4.85
N ASP A 18 14.89 11.28 -4.87
CA ASP A 18 13.73 11.29 -4.00
C ASP A 18 12.52 10.78 -4.77
N THR A 19 11.84 9.80 -4.20
CA THR A 19 10.53 9.39 -4.66
C THR A 19 9.48 9.48 -3.58
N LEU A 20 9.90 9.55 -2.31
CA LEU A 20 8.97 9.63 -1.19
C LEU A 20 8.04 10.84 -1.32
N HIS A 21 8.49 11.89 -2.01
CA HIS A 21 7.72 13.13 -2.09
C HIS A 21 6.42 12.94 -2.85
N LEU A 22 6.28 11.84 -3.57
CA LEU A 22 4.99 11.56 -4.19
C LEU A 22 3.95 11.18 -3.17
N LYS A 23 4.27 11.19 -1.88
CA LYS A 23 3.30 10.88 -0.86
C LYS A 23 2.94 12.07 0.01
N SER A 24 3.56 13.23 -0.17
CA SER A 24 3.12 14.40 0.58
C SER A 24 1.68 14.76 0.18
N THR A 25 1.03 15.58 1.01
CA THR A 25 -0.39 15.84 0.80
C THR A 25 -0.78 17.27 1.14
N LEU A 26 -0.16 17.87 2.15
CA LEU A 26 -0.61 19.15 2.63
C LEU A 26 0.26 20.26 2.04
N GLU A 27 -0.20 21.49 2.21
CA GLU A 27 0.50 22.64 1.64
C GLU A 27 1.88 22.78 2.29
N THR A 28 2.89 23.05 1.46
CA THR A 28 4.10 23.63 2.02
C THR A 28 3.94 25.12 2.26
N GLY A 29 3.02 25.76 1.52
CA GLY A 29 2.90 27.19 1.49
C GLY A 29 3.50 27.81 0.24
N CYS A 30 4.60 27.24 -0.23
CA CYS A 30 5.20 27.68 -1.48
C CYS A 30 4.23 27.48 -2.64
N THR A 31 4.41 28.28 -3.69
CA THR A 31 3.74 28.03 -4.94
C THR A 31 4.78 28.00 -6.03
N GLU A 32 4.34 27.88 -7.28
CA GLU A 32 5.29 27.98 -8.36
C GLU A 32 5.82 29.39 -8.46
N TYR A 33 5.03 30.38 -8.06
CA TYR A 33 5.47 31.77 -8.13
C TYR A 33 6.28 32.20 -6.92
N ILE A 34 5.95 31.80 -5.71
CA ILE A 34 6.76 32.31 -4.60
C ILE A 34 6.99 31.20 -3.58
N CYS A 35 8.15 31.25 -2.94
CA CYS A 35 8.65 30.21 -2.06
C CYS A 35 8.73 30.77 -0.65
N MET A 36 8.32 29.94 0.33
CA MET A 36 8.17 30.33 1.72
C MET A 36 9.03 29.47 2.65
N GLY A 37 10.15 28.96 2.14
CA GLY A 37 11.00 28.09 2.92
C GLY A 37 11.60 28.70 4.17
N SER A 38 11.43 30.01 4.40
CA SER A 38 11.96 30.70 5.57
C SER A 38 10.88 31.36 6.40
N ILE A 39 9.62 31.18 6.04
CA ILE A 39 8.52 31.58 6.91
C ILE A 39 8.37 30.55 8.01
N MET A 40 8.16 31.05 9.23
CA MET A 40 8.13 30.18 10.41
C MET A 40 6.97 29.20 10.32
N HIS A 41 5.78 29.69 10.02
CA HIS A 41 4.59 28.85 9.95
C HIS A 41 3.65 29.39 8.88
N PRO A 42 3.75 28.88 7.65
CA PRO A 42 2.81 29.29 6.59
C PRO A 42 1.41 28.70 6.76
N ALA A 53 -12.35 18.03 12.58
CA ALA A 53 -12.86 17.34 11.40
C ALA A 53 -14.28 16.82 11.62
N THR A 54 -14.98 16.50 10.54
CA THR A 54 -16.33 15.97 10.63
C THR A 54 -16.41 14.58 10.02
N LYS A 55 -17.59 14.19 9.53
CA LYS A 55 -17.81 12.86 8.98
C LYS A 55 -16.87 12.57 7.81
N ASP A 56 -17.17 13.13 6.63
CA ASP A 56 -16.36 12.88 5.46
C ASP A 56 -14.90 13.23 5.71
N GLN A 57 -14.64 14.24 6.54
CA GLN A 57 -13.27 14.69 6.74
C GLN A 57 -12.41 13.61 7.42
N LEU A 58 -12.94 12.96 8.46
CA LEU A 58 -12.12 12.17 9.39
C LEU A 58 -11.73 10.80 8.83
N PHE A 59 -12.67 10.09 8.23
CA PHE A 59 -12.39 8.69 7.89
C PHE A 59 -11.24 8.51 6.91
N PRO A 60 -11.14 9.24 5.80
CA PRO A 60 -10.04 8.96 4.84
C PRO A 60 -8.65 9.19 5.42
N LEU A 61 -8.48 10.12 6.37
CA LEU A 61 -7.20 10.24 7.06
C LEU A 61 -6.90 8.96 7.85
N ALA A 62 -7.90 8.40 8.53
CA ALA A 62 -7.74 7.13 9.23
C ALA A 62 -7.40 6.02 8.25
N LYS A 63 -8.14 5.93 7.14
CA LYS A 63 -7.88 4.93 6.12
C LYS A 63 -6.45 4.96 5.63
N GLU A 64 -5.92 6.16 5.34
CA GLU A 64 -4.56 6.25 4.83
C GLU A 64 -3.57 5.73 5.85
N PHE A 65 -3.71 6.20 7.11
CA PHE A 65 -2.76 5.80 8.14
C PHE A 65 -2.79 4.29 8.36
N ILE A 66 -3.98 3.70 8.51
CA ILE A 66 -4.04 2.25 8.74
C ILE A 66 -3.38 1.52 7.57
N ASP A 67 -3.68 1.94 6.34
CA ASP A 67 -2.99 1.41 5.16
C ASP A 67 -1.49 1.56 5.31
N GLN A 68 -1.04 2.77 5.62
CA GLN A 68 0.37 3.02 5.85
C GLN A 68 0.94 2.09 6.91
N TYR A 69 0.20 1.92 8.01
CA TYR A 69 0.65 1.02 9.09
C TYR A 69 0.78 -0.40 8.59
N TYR A 70 -0.30 -0.94 8.03
CA TYR A 70 -0.26 -2.31 7.55
C TYR A 70 0.68 -2.47 6.37
N SER A 71 0.88 -1.42 5.57
CA SER A 71 1.95 -1.54 4.58
C SER A 71 3.30 -1.65 5.27
N SER A 72 3.47 -0.96 6.40
CA SER A 72 4.74 -0.96 7.11
C SER A 72 5.11 -2.30 7.73
N ILE A 73 4.22 -3.29 7.72
CA ILE A 73 4.53 -4.55 8.38
C ILE A 73 4.31 -5.74 7.45
N LYS A 74 4.60 -5.54 6.16
CA LYS A 74 4.63 -6.59 5.14
C LYS A 74 3.32 -7.37 5.06
N ARG A 75 2.22 -6.77 5.51
CA ARG A 75 0.90 -7.40 5.60
C ARG A 75 -0.17 -6.51 4.97
N PHE A 76 0.16 -5.87 3.84
CA PHE A 76 -0.77 -4.95 3.20
C PHE A 76 -1.94 -5.70 2.57
N GLY A 77 -3.13 -5.14 2.73
CA GLY A 77 -4.35 -5.78 2.26
C GLY A 77 -4.65 -7.14 2.87
N SER A 78 -4.04 -7.47 3.99
CA SER A 78 -3.91 -8.84 4.45
C SER A 78 -4.93 -9.11 5.57
N LYS A 79 -4.51 -9.63 6.72
CA LYS A 79 -5.36 -10.30 7.69
C LYS A 79 -6.29 -9.33 8.40
N ALA A 80 -5.85 -8.77 9.53
CA ALA A 80 -6.70 -7.84 10.26
C ALA A 80 -6.91 -6.56 9.48
N HIS A 81 -6.07 -6.31 8.49
CA HIS A 81 -6.05 -5.05 7.77
C HIS A 81 -7.45 -4.61 7.38
N MET A 82 -8.15 -5.44 6.60
CA MET A 82 -9.50 -5.09 6.20
C MET A 82 -10.43 -4.99 7.40
N GLU A 83 -10.25 -5.87 8.39
CA GLU A 83 -11.13 -5.84 9.56
C GLU A 83 -10.78 -4.68 10.47
N ARG A 84 -9.53 -4.24 10.47
CA ARG A 84 -9.18 -3.00 11.13
C ARG A 84 -9.82 -1.81 10.40
N LEU A 85 -9.76 -1.81 9.07
CA LEU A 85 -10.48 -0.82 8.28
C LEU A 85 -11.99 -0.85 8.57
N GLU A 86 -12.56 -2.06 8.64
CA GLU A 86 -13.94 -2.23 9.09
C GLU A 86 -14.14 -1.66 10.49
N GLU A 87 -13.34 -2.13 11.45
CA GLU A 87 -13.44 -1.71 12.84
C GLU A 87 -13.39 -0.20 12.98
N VAL A 88 -12.43 0.46 12.34
CA VAL A 88 -12.33 1.92 12.40
C VAL A 88 -13.57 2.56 11.78
N ASN A 89 -13.94 2.13 10.59
CA ASN A 89 -15.19 2.58 9.97
C ASN A 89 -16.37 2.41 10.93
N LYS A 90 -16.51 1.22 11.54
CA LYS A 90 -17.61 1.00 12.47
C LYS A 90 -17.54 1.98 13.65
N GLU A 91 -16.36 2.14 14.24
CA GLU A 91 -16.24 2.95 15.45
C GLU A 91 -16.54 4.41 15.19
N ILE A 92 -16.09 4.94 14.04
CA ILE A 92 -16.40 6.32 13.69
C ILE A 92 -17.91 6.51 13.58
N ASP A 93 -18.61 5.50 13.06
CA ASP A 93 -20.06 5.62 12.88
C ASP A 93 -20.76 5.89 14.21
N THR A 94 -20.30 5.25 15.30
CA THR A 94 -20.94 5.37 16.61
C THR A 94 -20.31 6.45 17.50
N THR A 95 -18.98 6.48 17.62
CA THR A 95 -18.33 7.45 18.49
C THR A 95 -17.94 8.76 17.81
N SER A 96 -18.15 8.88 16.49
CA SER A 96 -17.73 10.04 15.70
C SER A 96 -16.22 10.05 15.44
N THR A 97 -15.45 9.56 16.39
CA THR A 97 -14.01 9.41 16.21
C THR A 97 -13.64 7.94 16.32
N TYR A 98 -12.40 7.63 16.69
CA TYR A 98 -11.97 6.27 16.89
C TYR A 98 -10.69 6.30 17.72
N GLN A 99 -10.31 5.13 18.22
CA GLN A 99 -9.23 5.04 19.20
C GLN A 99 -8.13 4.14 18.65
N LEU A 100 -6.89 4.62 18.71
CA LEU A 100 -5.77 3.89 18.14
C LEU A 100 -5.38 2.71 19.05
N LYS A 101 -5.16 1.56 18.42
CA LYS A 101 -4.50 0.44 19.08
C LYS A 101 -3.12 0.84 19.57
N ASP A 102 -2.66 0.17 20.64
CA ASP A 102 -1.35 0.47 21.21
C ASP A 102 -0.26 0.45 20.15
N THR A 103 -0.33 -0.49 19.21
CA THR A 103 0.70 -0.59 18.17
C THR A 103 0.66 0.62 17.25
N GLU A 104 -0.54 1.01 16.83
CA GLU A 104 -0.71 2.21 16.02
C GLU A 104 -0.16 3.46 16.71
N LEU A 105 -0.47 3.63 18.01
CA LEU A 105 0.04 4.81 18.72
C LEU A 105 1.57 4.86 18.69
N ILE A 106 2.21 3.71 18.95
CA ILE A 106 3.66 3.66 18.91
C ILE A 106 4.18 3.94 17.51
N TYR A 107 3.54 3.36 16.48
CA TYR A 107 3.98 3.61 15.12
C TYR A 107 3.84 5.09 14.75
N GLY A 108 2.66 5.66 15.01
CA GLY A 108 2.42 7.05 14.65
C GLY A 108 3.35 8.04 15.32
N ALA A 109 3.64 7.82 16.60
CA ALA A 109 4.52 8.74 17.29
C ALA A 109 5.94 8.63 16.76
N LYS A 110 6.37 7.41 16.46
CA LYS A 110 7.73 7.26 15.97
C LYS A 110 7.86 7.87 14.59
N HIS A 111 6.81 7.78 13.77
CA HIS A 111 6.86 8.34 12.44
C HIS A 111 6.62 9.84 12.43
N ALA A 112 5.94 10.38 13.45
CA ALA A 112 5.89 11.83 13.58
C ALA A 112 7.29 12.41 13.73
N TRP A 113 8.07 11.85 14.65
CA TRP A 113 9.49 12.21 14.73
C TRP A 113 10.19 12.01 13.40
N ARG A 114 9.97 10.87 12.74
CA ARG A 114 10.66 10.60 11.47
C ARG A 114 10.36 11.69 10.43
N ASN A 115 9.10 12.13 10.36
CA ASN A 115 8.69 13.08 9.35
C ASN A 115 8.97 14.54 9.73
N ALA A 116 9.55 14.76 10.90
CA ALA A 116 9.85 16.11 11.37
C ALA A 116 10.97 16.77 10.57
N SER A 117 10.62 17.48 9.49
CA SER A 117 11.62 18.00 8.54
CA SER A 117 11.60 18.03 8.54
C SER A 117 12.63 18.92 9.22
N ARG A 118 12.22 19.62 10.27
CA ARG A 118 13.09 20.55 10.96
C ARG A 118 14.04 19.93 11.96
N CYS A 119 13.96 18.62 12.18
CA CYS A 119 14.68 17.99 13.27
C CYS A 119 15.94 17.33 12.73
N VAL A 120 17.09 17.76 13.24
CA VAL A 120 18.37 17.15 12.87
C VAL A 120 18.68 15.84 13.59
N GLY A 121 17.98 15.52 14.69
CA GLY A 121 18.31 14.34 15.45
C GLY A 121 17.69 13.03 15.00
N ARG A 122 17.01 13.00 13.84
CA ARG A 122 16.11 11.93 13.46
C ARG A 122 16.81 10.61 13.15
N ILE A 123 18.12 10.50 13.26
CA ILE A 123 18.70 9.18 13.06
C ILE A 123 18.21 8.24 14.16
N GLN A 124 17.83 8.80 15.31
CA GLN A 124 17.40 8.11 16.51
C GLN A 124 15.90 7.79 16.49
N TRP A 125 15.22 8.09 15.40
CA TRP A 125 13.76 8.21 15.41
C TRP A 125 13.08 6.96 15.95
N SER A 126 13.58 5.78 15.60
CA SER A 126 12.81 4.60 15.95
C SER A 126 13.11 4.12 17.36
N LYS A 127 14.11 4.70 18.03
CA LYS A 127 14.39 4.41 19.42
C LYS A 127 13.74 5.50 20.29
N LEU A 128 12.42 5.40 20.36
CA LEU A 128 11.59 6.36 21.08
C LEU A 128 10.74 5.55 22.06
N GLN A 129 10.66 6.03 23.31
CA GLN A 129 9.85 5.39 24.34
C GLN A 129 8.50 6.09 24.41
N VAL A 130 7.41 5.36 24.18
CA VAL A 130 6.08 5.96 24.09
C VAL A 130 5.31 5.65 25.38
N PHE A 131 4.86 6.70 26.05
CA PHE A 131 4.07 6.58 27.27
C PHE A 131 2.62 6.90 26.92
N ASP A 132 1.75 5.91 27.02
CA ASP A 132 0.34 6.10 26.70
C ASP A 132 -0.38 6.63 27.93
N ALA A 133 -0.72 7.92 27.90
CA ALA A 133 -1.46 8.57 28.97
C ALA A 133 -2.90 8.86 28.59
N ARG A 134 -3.45 8.10 27.63
CA ARG A 134 -4.78 8.38 27.12
C ARG A 134 -5.89 8.07 28.13
N ASP A 135 -5.57 7.49 29.29
CA ASP A 135 -6.54 7.31 30.36
C ASP A 135 -6.57 8.50 31.31
N CYS A 136 -5.79 9.54 31.05
CA CYS A 136 -5.75 10.65 31.99
C CYS A 136 -7.09 11.42 31.96
N THR A 137 -7.43 12.03 33.10
CA THR A 137 -8.67 12.77 33.21
C THR A 137 -8.52 14.08 33.96
N THR A 138 -7.39 14.34 34.61
CA THR A 138 -7.21 15.51 35.45
C THR A 138 -5.82 16.10 35.29
N ALA A 139 -5.67 17.34 35.74
CA ALA A 139 -4.36 17.96 35.72
C ALA A 139 -3.42 17.27 36.70
N HIS A 140 -3.95 16.86 37.87
CA HIS A 140 -3.19 16.05 38.81
C HIS A 140 -2.64 14.79 38.16
N GLY A 141 -3.48 14.09 37.40
CA GLY A 141 -2.98 12.96 36.63
C GLY A 141 -1.97 13.36 35.57
N MET A 142 -2.23 14.47 34.86
CA MET A 142 -1.23 14.92 33.88
C MET A 142 0.11 15.15 34.56
N PHE A 143 0.08 15.76 35.76
CA PHE A 143 1.33 16.08 36.46
C PHE A 143 2.11 14.83 36.80
N ASN A 144 1.40 13.76 37.19
CA ASN A 144 2.04 12.50 37.52
C ASN A 144 2.66 11.87 36.28
N TYR A 145 1.89 11.81 35.19
CA TYR A 145 2.40 11.27 33.94
C TYR A 145 3.64 12.04 33.47
N ILE A 146 3.62 13.38 33.60
CA ILE A 146 4.76 14.17 33.20
C ILE A 146 5.95 13.92 34.11
N CYS A 147 5.72 13.88 35.43
CA CYS A 147 6.81 13.63 36.38
C CYS A 147 7.55 12.34 36.07
N ASN A 148 6.79 11.31 35.70
CA ASN A 148 7.37 10.01 35.38
C ASN A 148 8.10 10.05 34.05
N HIS A 149 7.58 10.81 33.09
CA HIS A 149 8.31 11.07 31.84
C HIS A 149 9.66 11.71 32.14
N VAL A 150 9.64 12.78 32.93
CA VAL A 150 10.86 13.54 33.16
C VAL A 150 11.91 12.68 33.83
N LYS A 151 11.49 11.83 34.78
CA LYS A 151 12.43 10.96 35.49
C LYS A 151 12.96 9.87 34.57
N TYR A 152 12.08 9.24 33.81
CA TYR A 152 12.54 8.27 32.83
C TYR A 152 13.51 8.93 31.86
N ALA A 153 13.08 9.99 31.18
CA ALA A 153 13.89 10.58 30.13
C ALA A 153 15.21 11.12 30.66
N THR A 154 15.24 11.65 31.88
CA THR A 154 16.46 12.22 32.42
C THR A 154 17.50 11.15 32.72
N ASN A 155 17.09 10.11 33.46
CA ASN A 155 17.87 8.88 33.65
C ASN A 155 19.25 9.16 34.22
N LYS A 156 19.32 10.09 35.17
CA LYS A 156 20.52 10.44 35.92
C LYS A 156 21.61 11.10 35.07
N GLY A 157 21.29 11.50 33.84
CA GLY A 157 22.26 12.08 32.92
C GLY A 157 22.36 11.33 31.60
N ASN A 158 22.13 10.02 31.61
CA ASN A 158 22.17 9.21 30.39
C ASN A 158 20.83 9.31 29.66
N LEU A 159 20.56 10.48 29.07
CA LEU A 159 19.19 10.77 28.68
C LEU A 159 18.71 9.83 27.57
N ARG A 160 17.40 9.59 27.56
CA ARG A 160 16.70 8.72 26.64
C ARG A 160 15.50 9.50 26.14
N SER A 161 15.12 9.30 24.88
CA SER A 161 14.04 10.11 24.31
C SER A 161 12.71 9.47 24.62
N ALA A 162 11.72 10.31 24.90
CA ALA A 162 10.41 9.82 25.28
C ALA A 162 9.35 10.78 24.78
N ILE A 163 8.13 10.27 24.71
CA ILE A 163 6.92 11.06 24.49
C ILE A 163 5.81 10.47 25.35
N THR A 164 4.98 11.34 25.90
CA THR A 164 3.78 10.99 26.64
C THR A 164 2.61 11.60 25.91
N ILE A 165 1.61 10.77 25.59
CA ILE A 165 0.48 11.19 24.78
C ILE A 165 -0.78 11.20 25.65
N PHE A 166 -1.37 12.36 25.84
CA PHE A 166 -2.61 12.56 26.56
C PHE A 166 -3.84 12.40 25.65
N PRO A 167 -5.07 12.45 26.19
CA PRO A 167 -6.23 12.16 25.33
C PRO A 167 -6.31 13.05 24.09
N GLN A 168 -6.82 12.45 23.02
CA GLN A 168 -6.97 13.17 21.77
C GLN A 168 -8.06 14.22 21.93
N ARG A 169 -8.07 15.18 21.01
CA ARG A 169 -9.13 16.17 21.02
C ARG A 169 -10.46 15.49 20.73
N THR A 170 -11.53 16.09 21.20
CA THR A 170 -12.81 15.49 20.89
C THR A 170 -13.77 16.50 20.32
N ASP A 171 -13.76 17.71 20.85
CA ASP A 171 -14.65 18.74 20.36
C ASP A 171 -14.10 20.15 20.49
N GLY A 172 -12.84 20.33 20.87
CA GLY A 172 -12.32 21.67 21.11
C GLY A 172 -12.60 22.23 22.50
N LYS A 173 -13.80 21.94 23.05
CA LYS A 173 -14.11 22.43 24.39
C LYS A 173 -13.36 21.70 25.48
N HIS A 174 -12.82 20.51 25.21
CA HIS A 174 -12.21 19.67 26.24
C HIS A 174 -10.80 19.27 25.89
N ASP A 175 -10.04 20.16 25.27
CA ASP A 175 -8.65 19.83 24.92
C ASP A 175 -7.84 19.55 26.17
N PHE A 176 -6.81 18.72 26.00
CA PHE A 176 -5.76 18.60 26.99
C PHE A 176 -4.58 19.41 26.50
N ARG A 177 -4.08 20.29 27.37
CA ARG A 177 -2.98 21.15 27.00
C ARG A 177 -1.96 21.23 28.11
N VAL A 178 -0.69 21.13 27.75
CA VAL A 178 0.40 21.64 28.56
C VAL A 178 0.65 23.09 28.15
N TRP A 179 0.49 24.01 29.09
CA TRP A 179 0.57 25.42 28.74
C TRP A 179 2.01 25.92 28.67
N ASN A 180 2.94 25.31 29.39
CA ASN A 180 4.33 25.64 29.14
C ASN A 180 4.69 25.18 27.75
N SER A 181 5.59 25.93 27.10
CA SER A 181 6.07 25.52 25.79
C SER A 181 7.07 24.37 25.92
N GLN A 182 7.93 24.41 26.94
CA GLN A 182 8.71 23.24 27.31
C GLN A 182 8.40 22.83 28.76
N LEU A 183 8.48 21.53 29.02
CA LEU A 183 8.32 21.05 30.39
C LEU A 183 9.26 21.78 31.34
N ILE A 184 10.46 22.13 30.89
CA ILE A 184 11.45 22.75 31.77
C ILE A 184 12.00 24.00 31.10
N ARG A 185 11.58 25.15 31.60
CA ARG A 185 12.10 26.46 31.17
C ARG A 185 12.36 27.29 32.41
N TYR A 186 13.29 28.24 32.29
CA TYR A 186 13.47 29.23 33.35
C TYR A 186 12.53 30.41 33.16
N ALA A 187 12.41 31.23 34.19
CA ALA A 187 11.38 32.27 34.29
C ALA A 187 11.90 33.63 33.81
N GLY A 188 10.97 34.49 33.41
CA GLY A 188 11.32 35.82 32.93
C GLY A 188 10.53 36.93 33.58
N TYR A 189 11.23 37.85 34.24
CA TYR A 189 10.61 38.91 35.02
C TYR A 189 10.93 40.27 34.42
N LYS A 190 9.90 41.07 34.19
CA LYS A 190 10.10 42.46 33.83
C LYS A 190 10.59 43.26 35.05
N GLN A 191 11.48 44.25 34.79
CA GLN A 191 12.12 45.03 35.84
C GLN A 191 11.51 46.42 35.91
N PRO A 192 11.53 47.03 37.09
CA PRO A 192 10.96 48.37 37.24
C PRO A 192 11.51 49.36 36.22
N ASP A 193 12.74 49.16 35.79
CA ASP A 193 13.35 49.95 34.71
C ASP A 193 13.39 49.08 33.46
N GLY A 194 12.25 48.96 32.80
CA GLY A 194 12.13 48.42 31.46
C GLY A 194 12.91 47.18 31.03
N SER A 195 13.98 46.82 31.74
CA SER A 195 14.82 45.69 31.35
C SER A 195 14.14 44.38 31.76
N THR A 196 14.89 43.28 31.70
CA THR A 196 14.32 41.96 31.97
C THR A 196 15.28 41.09 32.78
N LEU A 197 14.73 40.37 33.77
CA LEU A 197 15.48 39.40 34.55
C LEU A 197 15.05 37.99 34.18
N GLY A 198 16.03 37.09 34.05
CA GLY A 198 15.76 35.71 33.69
C GLY A 198 15.74 35.45 32.18
N ASP A 199 14.84 34.58 31.73
CA ASP A 199 14.74 34.26 30.32
C ASP A 199 13.71 35.20 29.72
N PRO A 200 14.11 36.12 28.83
CA PRO A 200 13.15 37.12 28.32
C PRO A 200 12.06 36.51 27.46
N ALA A 201 12.31 35.36 26.82
CA ALA A 201 11.28 34.70 26.05
C ALA A 201 10.07 34.29 26.88
N ASN A 202 10.20 34.25 28.20
CA ASN A 202 9.21 33.62 29.06
C ASN A 202 8.48 34.64 29.94
N VAL A 203 8.56 35.92 29.58
CA VAL A 203 7.95 36.93 30.42
C VAL A 203 6.46 36.70 30.50
N GLN A 204 5.81 36.58 29.32
CA GLN A 204 4.37 36.39 29.32
C GLN A 204 3.95 35.19 30.16
N PHE A 205 4.57 34.03 29.93
CA PHE A 205 4.16 32.84 30.66
C PHE A 205 4.39 33.00 32.16
N THR A 206 5.56 33.50 32.55
CA THR A 206 5.83 33.81 33.95
C THR A 206 4.76 34.71 34.54
N GLU A 207 4.27 35.68 33.77
CA GLU A 207 3.25 36.57 34.32
C GLU A 207 1.92 35.82 34.50
N ILE A 208 1.61 34.90 33.58
CA ILE A 208 0.39 34.10 33.73
C ILE A 208 0.47 33.25 34.99
N CYS A 209 1.61 32.59 35.19
CA CYS A 209 1.80 31.78 36.38
C CYS A 209 1.67 32.61 37.65
N ILE A 210 2.22 33.82 37.66
CA ILE A 210 2.07 34.68 38.84
C ILE A 210 0.62 35.09 39.01
N GLN A 211 -0.03 35.51 37.92
CA GLN A 211 -1.47 35.77 37.94
C GLN A 211 -2.25 34.58 38.48
N GLN A 212 -1.69 33.38 38.38
CA GLN A 212 -2.35 32.17 38.80
C GLN A 212 -1.93 31.73 40.20
N GLY A 213 -1.04 32.48 40.84
CA GLY A 213 -0.66 32.20 42.21
C GLY A 213 0.74 31.66 42.40
N TRP A 214 1.55 31.59 41.35
CA TRP A 214 2.93 31.18 41.53
C TRP A 214 3.69 32.27 42.29
N LYS A 215 4.47 31.85 43.31
CA LYS A 215 5.29 32.72 44.14
C LYS A 215 6.70 32.70 43.59
N PRO A 216 7.12 33.69 42.84
CA PRO A 216 8.39 33.61 42.13
C PRO A 216 9.54 34.01 43.03
N PRO A 217 10.63 33.22 43.04
CA PRO A 217 11.84 33.65 43.79
C PRO A 217 12.56 34.86 43.16
N ARG A 218 12.37 35.11 41.85
CA ARG A 218 12.85 36.32 41.17
C ARG A 218 14.38 36.38 41.08
N GLY A 219 14.96 35.32 40.51
CA GLY A 219 16.32 35.32 40.03
C GLY A 219 16.34 34.84 38.60
N ARG A 220 17.54 34.75 38.03
CA ARG A 220 17.65 34.36 36.63
C ARG A 220 17.00 33.01 36.36
N PHE A 221 17.55 31.94 36.91
CA PHE A 221 17.19 30.58 36.49
C PHE A 221 16.29 29.92 37.54
N ASP A 222 15.09 30.48 37.66
CA ASP A 222 14.02 29.86 38.41
C ASP A 222 13.25 28.94 37.48
N VAL A 223 13.05 27.70 37.93
CA VAL A 223 12.33 26.73 37.11
C VAL A 223 10.85 27.04 37.17
N LEU A 224 10.25 27.19 36.01
CA LEU A 224 8.85 27.51 35.93
C LEU A 224 8.04 26.33 36.45
N PRO A 225 6.86 26.61 36.99
CA PRO A 225 5.97 25.52 37.39
C PRO A 225 5.28 24.98 36.15
N LEU A 226 4.72 23.77 36.28
CA LEU A 226 3.86 23.20 35.24
C LEU A 226 2.45 23.74 35.35
N LEU A 227 1.86 24.10 34.21
CA LEU A 227 0.50 24.61 34.17
C LEU A 227 -0.27 23.67 33.25
N LEU A 228 -1.03 22.76 33.83
CA LEU A 228 -1.62 21.67 33.08
C LEU A 228 -3.13 21.87 32.95
N GLN A 229 -3.66 21.57 31.78
CA GLN A 229 -5.08 21.71 31.49
C GLN A 229 -5.57 20.36 31.02
N ALA A 230 -6.51 19.79 31.75
CA ALA A 230 -7.09 18.53 31.38
C ALA A 230 -8.55 18.74 31.02
N ASN A 231 -8.96 18.16 29.90
CA ASN A 231 -10.39 18.03 29.57
C ASN A 231 -11.06 19.39 29.40
N GLY A 232 -10.29 20.41 29.04
CA GLY A 232 -10.84 21.73 28.83
C GLY A 232 -11.09 22.56 30.07
N ASN A 233 -10.89 22.02 31.27
CA ASN A 233 -11.06 22.85 32.45
C ASN A 233 -9.92 23.87 32.55
N ASP A 234 -10.08 24.84 33.46
CA ASP A 234 -9.01 25.78 33.76
C ASP A 234 -7.72 25.05 34.14
N PRO A 235 -6.56 25.62 33.79
CA PRO A 235 -5.29 24.96 34.11
C PRO A 235 -4.89 25.11 35.58
N GLU A 236 -3.96 24.25 36.02
CA GLU A 236 -3.53 24.23 37.41
C GLU A 236 -2.00 24.19 37.53
N LEU A 237 -1.46 24.87 38.53
CA LEU A 237 -0.02 24.90 38.76
C LEU A 237 0.45 23.66 39.52
N PHE A 238 1.65 23.19 39.17
CA PHE A 238 2.34 22.13 39.87
C PHE A 238 3.83 22.40 39.85
N GLN A 239 4.50 22.29 40.99
CA GLN A 239 5.96 22.45 41.04
C GLN A 239 6.62 21.10 40.79
N ILE A 240 7.32 20.97 39.68
CA ILE A 240 8.07 19.72 39.46
C ILE A 240 9.02 19.52 40.62
N PRO A 241 9.21 18.31 41.11
CA PRO A 241 10.09 18.14 42.28
C PRO A 241 11.54 18.33 41.91
N PRO A 242 12.19 19.31 42.55
CA PRO A 242 13.55 19.74 42.15
C PRO A 242 14.52 18.61 41.85
N GLU A 243 14.44 17.53 42.62
CA GLU A 243 15.35 16.42 42.43
C GLU A 243 15.17 15.76 41.07
N LEU A 244 14.06 16.03 40.40
CA LEU A 244 13.88 15.53 39.03
C LEU A 244 14.49 16.45 37.96
N VAL A 245 14.80 17.70 38.26
CA VAL A 245 15.15 18.68 37.21
C VAL A 245 16.68 18.74 37.13
N LEU A 246 17.27 17.94 36.25
CA LEU A 246 18.72 17.91 36.15
C LEU A 246 19.23 19.21 35.52
N GLU A 247 20.22 19.84 36.16
CA GLU A 247 20.77 21.13 35.72
C GLU A 247 22.29 21.08 35.71
N VAL A 248 22.89 21.84 34.79
CA VAL A 248 24.34 21.79 34.60
C VAL A 248 24.94 23.18 34.80
N PRO A 249 25.92 23.35 35.68
CA PRO A 249 26.56 24.66 35.85
C PRO A 249 27.66 24.83 34.82
N ILE A 250 27.59 25.92 34.06
CA ILE A 250 28.46 26.09 32.90
C ILE A 250 29.78 26.68 33.37
N ARG A 251 30.85 25.88 33.30
CA ARG A 251 32.21 26.37 33.49
C ARG A 251 33.03 26.21 32.20
N HIS A 252 34.18 26.87 32.15
CA HIS A 252 35.03 26.85 30.95
C HIS A 252 36.30 26.07 31.26
N PRO A 253 36.82 25.30 30.29
CA PRO A 253 38.04 24.53 30.54
C PRO A 253 39.30 25.37 30.54
N LYS A 254 39.22 26.64 30.17
CA LYS A 254 40.35 27.52 30.22
C LYS A 254 40.13 28.75 31.08
N PHE A 255 38.98 29.41 30.97
CA PHE A 255 38.75 30.69 31.65
C PHE A 255 38.18 30.44 33.04
N GLU A 256 39.04 30.53 34.05
CA GLU A 256 38.61 30.42 35.44
C GLU A 256 37.44 31.36 35.73
N TRP A 257 37.47 32.58 35.17
CA TRP A 257 36.43 33.55 35.45
C TRP A 257 35.09 33.17 34.87
N PHE A 258 35.03 32.13 34.05
CA PHE A 258 33.78 31.80 33.39
C PHE A 258 32.72 31.35 34.39
N LYS A 259 33.10 30.49 35.33
CA LYS A 259 32.16 30.07 36.36
C LYS A 259 31.58 31.27 37.09
N ASP A 260 32.38 32.32 37.31
CA ASP A 260 31.88 33.51 37.96
C ASP A 260 30.77 34.22 37.17
N LEU A 261 30.54 33.83 35.92
CA LEU A 261 29.44 34.41 35.16
C LEU A 261 28.08 34.02 35.71
N GLY A 262 28.04 32.99 36.56
CA GLY A 262 26.82 32.51 37.18
C GLY A 262 25.88 31.77 36.25
N LEU A 263 26.39 31.13 35.21
CA LEU A 263 25.56 30.52 34.19
C LEU A 263 25.32 29.06 34.49
N LYS A 264 24.09 28.63 34.25
CA LYS A 264 23.70 27.22 34.34
C LYS A 264 22.59 27.01 33.33
N TRP A 265 22.37 25.76 32.96
CA TRP A 265 21.27 25.41 32.08
C TRP A 265 20.86 23.98 32.42
N TYR A 266 19.69 23.60 31.93
CA TYR A 266 19.09 22.31 32.26
C TYR A 266 19.40 21.25 31.23
N GLY A 267 19.21 20.00 31.64
CA GLY A 267 19.62 18.88 30.82
C GLY A 267 18.61 18.46 29.77
N LEU A 268 17.32 18.63 30.07
CA LEU A 268 16.29 17.94 29.31
C LEU A 268 15.49 18.91 28.44
N PRO A 269 15.68 18.89 27.12
CA PRO A 269 14.79 19.67 26.24
C PRO A 269 13.55 18.86 25.94
N ALA A 270 12.38 19.45 26.19
CA ALA A 270 11.17 18.64 26.22
C ALA A 270 10.04 19.53 25.72
N VAL A 271 9.56 19.25 24.53
CA VAL A 271 8.69 20.19 23.82
C VAL A 271 7.26 19.82 24.16
N SER A 272 6.52 20.77 24.75
CA SER A 272 5.20 20.45 25.28
C SER A 272 4.06 21.22 24.63
N ASN A 273 4.34 22.09 23.67
CA ASN A 273 3.31 22.97 23.11
C ASN A 273 2.81 22.53 21.74
N MET A 274 3.32 21.45 21.18
CA MET A 274 2.97 21.08 19.81
C MET A 274 1.85 20.05 19.77
N LEU A 275 1.37 19.80 18.56
CA LEU A 275 0.21 18.92 18.33
C LEU A 275 0.62 17.74 17.45
N LEU A 276 0.33 16.52 17.91
CA LEU A 276 0.73 15.31 17.21
C LEU A 276 -0.47 14.75 16.46
N GLU A 277 -0.33 14.57 15.14
CA GLU A 277 -1.46 14.15 14.30
C GLU A 277 -1.23 12.74 13.79
N ILE A 278 -2.12 11.82 14.17
CA ILE A 278 -2.10 10.45 13.65
C ILE A 278 -3.49 10.10 13.13
N GLY A 279 -3.55 9.56 11.92
CA GLY A 279 -4.81 9.11 11.35
C GLY A 279 -5.98 10.06 11.45
N GLY A 280 -5.73 11.37 11.34
CA GLY A 280 -6.78 12.36 11.44
C GLY A 280 -7.16 12.77 12.85
N LEU A 281 -6.65 12.07 13.88
CA LEU A 281 -6.89 12.40 15.28
C LEU A 281 -5.86 13.41 15.77
N GLU A 282 -6.23 14.20 16.77
CA GLU A 282 -5.41 15.35 17.20
C GLU A 282 -5.11 15.25 18.70
N PHE A 283 -3.85 14.96 19.01
CA PHE A 283 -3.34 14.86 20.37
C PHE A 283 -2.70 16.19 20.73
N SER A 284 -3.51 17.11 21.26
CA SER A 284 -3.02 18.46 21.55
C SER A 284 -2.13 18.54 22.78
N ALA A 285 -1.95 17.44 23.52
CA ALA A 285 -0.99 17.36 24.61
C ALA A 285 -0.16 16.12 24.38
N CYS A 286 1.12 16.32 24.10
CA CYS A 286 1.99 15.20 23.75
C CYS A 286 3.45 15.57 23.96
N PRO A 287 3.87 15.93 25.17
CA PRO A 287 5.24 16.43 25.35
C PRO A 287 6.29 15.36 25.05
N PHE A 288 7.30 15.75 24.26
CA PHE A 288 8.36 14.87 23.81
C PHE A 288 9.71 15.50 24.10
N SER A 289 10.70 14.67 24.39
CA SER A 289 11.98 15.14 24.92
C SER A 289 13.09 14.31 24.33
N GLY A 290 14.22 14.95 24.03
CA GLY A 290 15.39 14.28 23.51
C GLY A 290 16.57 14.63 24.38
N TRP A 291 17.71 14.92 23.79
CA TRP A 291 18.82 15.56 24.45
C TRP A 291 19.29 16.72 23.56
N TYR A 292 20.14 17.59 24.09
CA TYR A 292 20.44 18.88 23.46
C TYR A 292 21.56 18.79 22.43
N MET A 293 21.42 19.58 21.37
CA MET A 293 22.58 19.98 20.59
C MET A 293 23.16 21.23 21.24
N GLY A 294 24.47 21.21 21.49
CA GLY A 294 25.12 22.28 22.24
C GLY A 294 24.74 23.67 21.79
N THR A 295 24.63 23.89 20.47
CA THR A 295 24.40 25.23 19.94
C THR A 295 23.05 25.81 20.37
N GLU A 296 22.07 24.95 20.69
CA GLU A 296 20.77 25.44 21.13
C GLU A 296 20.92 26.25 22.41
N ILE A 297 21.72 25.75 23.34
CA ILE A 297 21.96 26.46 24.59
C ILE A 297 22.87 27.65 24.33
N GLY A 298 24.05 27.40 23.77
CA GLY A 298 25.12 28.36 23.69
C GLY A 298 24.93 29.50 22.71
N VAL A 299 24.43 29.19 21.52
CA VAL A 299 24.20 30.23 20.53
C VAL A 299 22.86 30.90 20.72
N ARG A 300 21.79 30.11 20.83
CA ARG A 300 20.45 30.69 20.78
C ARG A 300 19.99 31.18 22.16
N ASP A 301 19.96 30.29 23.18
CA ASP A 301 19.50 30.71 24.50
C ASP A 301 20.43 31.76 25.10
N TYR A 302 21.73 31.52 25.05
CA TYR A 302 22.67 32.44 25.67
C TYR A 302 22.92 33.71 24.86
N CYS A 303 22.87 33.64 23.52
CA CYS A 303 23.38 34.73 22.70
C CYS A 303 22.36 35.46 21.82
N ASP A 304 21.18 34.91 21.57
CA ASP A 304 20.11 35.73 20.99
C ASP A 304 19.92 36.99 21.83
N ASN A 305 19.78 38.14 21.15
CA ASN A 305 19.62 39.39 21.86
C ASN A 305 18.31 39.45 22.62
N SER A 306 17.30 38.68 22.18
CA SER A 306 16.01 38.61 22.84
C SER A 306 15.94 37.48 23.86
N ARG A 307 17.09 36.90 24.22
CA ARG A 307 17.16 35.90 25.28
C ARG A 307 18.20 36.35 26.32
N TYR A 308 19.15 35.48 26.71
CA TYR A 308 20.02 35.84 27.82
C TYR A 308 21.11 36.84 27.43
N ASN A 309 21.44 36.96 26.14
CA ASN A 309 22.19 38.08 25.56
C ASN A 309 23.52 38.33 26.31
N ILE A 310 24.36 37.29 26.34
CA ILE A 310 25.53 37.32 27.21
C ILE A 310 26.81 37.66 26.45
N LEU A 311 26.74 37.80 25.11
CA LEU A 311 27.91 38.13 24.31
C LEU A 311 28.69 39.30 24.91
N GLU A 312 28.03 40.45 25.09
CA GLU A 312 28.74 41.59 25.64
C GLU A 312 29.44 41.19 26.94
N GLU A 313 28.72 40.48 27.82
CA GLU A 313 29.27 40.05 29.10
C GLU A 313 30.54 39.23 28.93
N VAL A 314 30.48 38.18 28.08
CA VAL A 314 31.61 37.27 27.92
C VAL A 314 32.79 37.99 27.30
N ALA A 315 32.56 38.69 26.18
CA ALA A 315 33.68 39.34 25.52
C ALA A 315 34.31 40.38 26.41
N LYS A 316 33.51 41.00 27.28
CA LYS A 316 34.09 42.03 28.14
C LYS A 316 35.10 41.42 29.11
N LYS A 317 34.80 40.21 29.61
CA LYS A 317 35.77 39.46 30.42
C LYS A 317 36.82 38.77 29.57
N MET A 318 36.50 38.43 28.32
CA MET A 318 37.57 38.07 27.37
C MET A 318 38.44 39.26 26.98
N ASN A 319 38.06 40.49 27.37
CA ASN A 319 38.80 41.71 27.05
C ASN A 319 39.11 41.80 25.56
N LEU A 320 38.04 41.78 24.78
CA LEU A 320 38.12 41.88 23.34
C LEU A 320 37.82 43.30 22.88
N ASP A 321 38.39 43.67 21.73
CA ASP A 321 38.09 44.95 21.09
C ASP A 321 36.63 44.99 20.67
N MET A 322 35.77 45.67 21.43
CA MET A 322 34.33 45.65 21.18
C MET A 322 33.80 46.89 20.45
N ARG A 323 34.68 47.73 19.89
CA ARG A 323 34.21 48.91 19.18
C ARG A 323 33.70 48.55 17.78
N LYS A 324 34.58 48.11 16.90
CA LYS A 324 34.19 47.81 15.53
C LYS A 324 33.76 46.36 15.40
N THR A 325 32.71 46.13 14.58
CA THR A 325 32.22 44.78 14.34
C THR A 325 33.26 43.89 13.69
N SER A 326 34.13 44.45 12.85
CA SER A 326 35.07 43.66 12.06
C SER A 326 36.17 43.01 12.89
N SER A 327 36.33 43.41 14.15
CA SER A 327 37.17 42.62 15.05
C SER A 327 36.60 41.23 15.29
N LEU A 328 35.30 41.03 15.03
CA LEU A 328 34.63 39.76 15.19
C LEU A 328 34.54 39.34 16.65
N TRP A 329 34.46 40.30 17.57
CA TRP A 329 34.44 39.98 18.99
C TRP A 329 33.24 39.13 19.36
N LYS A 330 32.06 39.40 18.79
CA LYS A 330 30.91 38.53 18.98
C LYS A 330 31.23 37.10 18.59
N ASP A 331 31.80 36.91 17.40
CA ASP A 331 32.14 35.57 16.93
C ASP A 331 33.06 34.88 17.93
N GLN A 332 34.14 35.57 18.32
CA GLN A 332 35.10 34.96 19.21
C GLN A 332 34.44 34.50 20.50
N ALA A 333 33.74 35.40 21.18
CA ALA A 333 33.06 35.05 22.41
C ALA A 333 32.06 33.92 22.18
N LEU A 334 31.30 33.97 21.08
CA LEU A 334 30.33 32.93 20.78
C LEU A 334 30.99 31.56 20.76
N VAL A 335 32.12 31.43 20.08
CA VAL A 335 32.81 30.14 20.04
C VAL A 335 33.18 29.69 21.46
N GLU A 336 33.77 30.60 22.24
CA GLU A 336 34.19 30.25 23.59
C GLU A 336 33.02 29.79 24.44
N ILE A 337 31.85 30.45 24.31
CA ILE A 337 30.68 30.07 25.11
C ILE A 337 30.27 28.65 24.80
N ASN A 338 30.13 28.33 23.51
CA ASN A 338 29.70 26.98 23.17
C ASN A 338 30.76 25.94 23.49
N ILE A 339 32.03 26.33 23.62
CA ILE A 339 33.01 25.40 24.14
C ILE A 339 32.69 25.06 25.59
N ALA A 340 32.26 26.06 26.33
CA ALA A 340 32.02 25.93 27.76
C ALA A 340 30.77 25.08 28.02
N VAL A 341 29.76 25.22 27.18
CA VAL A 341 28.55 24.41 27.30
C VAL A 341 28.87 22.94 27.07
N LEU A 342 29.54 22.63 25.97
CA LEU A 342 29.88 21.22 25.73
C LEU A 342 30.75 20.67 26.86
N TYR A 343 31.71 21.46 27.32
CA TYR A 343 32.63 20.99 28.35
C TYR A 343 31.92 20.78 29.67
N SER A 344 30.86 21.54 29.89
CA SER A 344 30.16 21.48 31.15
C SER A 344 29.29 20.24 31.22
N PHE A 345 28.51 20.01 30.17
CA PHE A 345 27.66 18.83 30.10
C PHE A 345 28.48 17.55 30.12
N GLN A 346 29.59 17.55 29.40
CA GLN A 346 30.37 16.33 29.33
C GLN A 346 31.03 16.01 30.65
N SER A 347 31.47 17.04 31.38
CA SER A 347 32.06 16.82 32.71
C SER A 347 31.03 16.24 33.68
N ASP A 348 29.81 16.72 33.61
CA ASP A 348 28.73 16.16 34.39
C ASP A 348 28.05 15.00 33.70
N LYS A 349 28.74 14.33 32.77
CA LYS A 349 28.20 13.14 32.11
C LYS A 349 26.72 13.25 31.74
N VAL A 350 26.28 14.44 31.34
CA VAL A 350 24.92 14.62 30.84
C VAL A 350 24.95 14.53 29.32
N THR A 351 24.03 13.76 28.75
CA THR A 351 24.02 13.57 27.30
C THR A 351 23.90 14.90 26.57
N ILE A 352 24.81 15.13 25.62
CA ILE A 352 24.77 16.34 24.78
C ILE A 352 25.52 16.03 23.49
N VAL A 353 25.18 16.75 22.43
CA VAL A 353 25.87 16.56 21.16
C VAL A 353 26.26 17.92 20.57
N ASP A 354 27.48 18.01 20.03
CA ASP A 354 27.90 19.18 19.29
C ASP A 354 27.44 19.12 17.84
N HIS A 355 27.41 20.30 17.21
CA HIS A 355 26.84 20.47 15.89
C HIS A 355 27.64 19.79 14.79
N HIS A 356 28.92 19.49 15.02
CA HIS A 356 29.70 18.71 14.04
C HIS A 356 29.26 17.24 14.05
N SER A 357 29.17 16.64 15.24
CA SER A 357 28.71 15.27 15.32
CA SER A 357 28.70 15.27 15.34
C SER A 357 27.26 15.16 14.87
N ALA A 358 26.41 16.08 15.33
CA ALA A 358 24.99 16.02 15.01
C ALA A 358 24.76 16.10 13.50
N THR A 359 25.37 17.09 12.85
CA THR A 359 25.18 17.27 11.41
C THR A 359 25.72 16.06 10.65
N GLU A 360 26.95 15.64 10.94
CA GLU A 360 27.47 14.39 10.36
C GLU A 360 26.48 13.22 10.58
N SER A 361 25.92 13.10 11.78
CA SER A 361 24.91 12.06 12.02
C SER A 361 23.72 12.22 11.07
N PHE A 362 23.26 13.45 10.86
CA PHE A 362 22.12 13.63 10.00
C PHE A 362 22.43 13.25 8.55
N ILE A 363 23.69 13.32 8.12
CA ILE A 363 23.94 12.96 6.72
C ILE A 363 23.83 11.46 6.55
N LYS A 364 24.40 10.70 7.50
CA LYS A 364 24.19 9.25 7.52
C LYS A 364 22.71 8.92 7.47
N HIS A 365 21.93 9.56 8.34
CA HIS A 365 20.49 9.32 8.37
C HIS A 365 19.85 9.58 7.01
N MET A 366 20.11 10.76 6.43
CA MET A 366 19.65 11.08 5.09
C MET A 366 19.98 9.95 4.10
N GLU A 367 21.25 9.54 4.05
CA GLU A 367 21.63 8.42 3.19
C GLU A 367 20.82 7.17 3.52
N ASN A 368 20.69 6.85 4.82
CA ASN A 368 19.83 5.74 5.22
C ASN A 368 18.42 5.89 4.68
N GLU A 369 17.79 7.06 4.91
CA GLU A 369 16.40 7.21 4.53
C GLU A 369 16.21 7.09 3.02
N TYR A 370 17.10 7.71 2.24
CA TYR A 370 16.98 7.58 0.80
C TYR A 370 17.03 6.11 0.39
N ARG A 371 17.93 5.33 1.00
CA ARG A 371 18.11 3.94 0.59
C ARG A 371 16.91 3.07 0.96
N CYS A 372 16.44 3.18 2.20
CA CYS A 372 15.41 2.28 2.69
CA CYS A 372 15.40 2.27 2.68
C CYS A 372 14.00 2.79 2.43
N ARG A 373 13.80 4.10 2.38
CA ARG A 373 12.48 4.69 2.25
C ARG A 373 12.27 5.48 0.97
N GLY A 374 13.33 5.98 0.33
CA GLY A 374 13.23 6.70 -0.92
C GLY A 374 13.19 8.21 -0.77
N GLY A 375 13.75 8.74 0.31
CA GLY A 375 13.65 10.15 0.59
C GLY A 375 13.56 10.42 2.08
N CYS A 376 13.85 11.66 2.42
CA CYS A 376 13.86 12.15 3.80
C CYS A 376 13.57 13.65 3.81
N PRO A 377 12.38 14.07 4.22
CA PRO A 377 12.08 15.51 4.17
C PRO A 377 12.93 16.28 5.16
N ALA A 378 13.60 17.32 4.65
CA ALA A 378 14.46 18.14 5.50
C ALA A 378 14.24 19.61 5.16
N ASP A 379 14.33 20.44 6.20
CA ASP A 379 14.22 21.89 6.09
C ASP A 379 15.63 22.42 6.33
N TRP A 380 16.33 22.71 5.22
CA TRP A 380 17.71 23.20 5.29
C TRP A 380 17.82 24.39 6.23
N VAL A 381 16.82 25.28 6.19
CA VAL A 381 16.82 26.49 7.01
C VAL A 381 16.95 26.15 8.48
N TRP A 382 16.29 25.07 8.94
CA TRP A 382 16.36 24.67 10.34
C TRP A 382 17.47 23.66 10.62
N ILE A 383 17.83 22.84 9.64
CA ILE A 383 18.79 21.78 9.90
C ILE A 383 20.20 22.34 10.06
N VAL A 384 20.55 23.40 9.31
CA VAL A 384 21.90 23.99 9.39
C VAL A 384 22.07 24.69 10.74
N PRO A 385 23.14 24.38 11.47
CA PRO A 385 23.28 24.96 12.81
C PRO A 385 23.45 26.45 12.74
N PRO A 386 23.01 27.19 13.78
CA PRO A 386 23.11 28.65 13.75
C PRO A 386 24.52 29.19 13.95
N MET A 387 25.54 28.35 14.06
CA MET A 387 26.91 28.83 14.10
C MET A 387 27.76 27.91 13.23
N SER A 388 28.80 28.48 12.62
CA SER A 388 29.75 27.69 11.82
C SER A 388 29.06 26.92 10.70
N GLY A 389 28.00 27.48 10.13
CA GLY A 389 27.25 26.84 9.07
C GLY A 389 28.05 26.01 8.11
N SER A 390 28.81 26.67 7.22
CA SER A 390 29.39 25.98 6.08
C SER A 390 30.48 25.00 6.46
N ILE A 391 30.95 24.97 7.71
CA ILE A 391 31.92 23.92 8.01
C ILE A 391 31.24 22.64 8.45
N THR A 392 29.91 22.65 8.66
CA THR A 392 29.18 21.41 8.88
C THR A 392 28.73 20.82 7.54
N PRO A 393 28.41 19.53 7.51
CA PRO A 393 28.15 18.90 6.21
C PRO A 393 26.77 19.17 5.68
N VAL A 394 25.89 19.75 6.48
CA VAL A 394 24.54 19.96 5.95
C VAL A 394 24.44 21.24 5.16
N PHE A 395 25.42 22.14 5.28
CA PHE A 395 25.36 23.38 4.52
C PHE A 395 25.42 23.13 3.03
N HIS A 396 26.14 22.09 2.62
CA HIS A 396 26.39 21.75 1.24
C HIS A 396 25.43 20.72 0.71
N GLN A 397 24.47 20.33 1.53
CA GLN A 397 23.51 19.29 1.19
C GLN A 397 22.23 19.93 0.68
N GLU A 398 21.88 19.63 -0.55
CA GLU A 398 20.54 19.95 -1.01
C GLU A 398 19.54 19.10 -0.26
N MET A 399 18.38 19.70 0.05
CA MET A 399 17.30 19.05 0.77
C MET A 399 15.98 19.46 0.13
N LEU A 400 15.13 18.47 -0.13
CA LEU A 400 13.72 18.70 -0.43
C LEU A 400 12.91 18.68 0.85
N ASN A 401 11.88 19.51 0.88
CA ASN A 401 11.00 19.61 2.04
C ASN A 401 9.56 19.40 1.62
N TYR A 402 8.86 18.58 2.37
CA TYR A 402 7.47 18.23 2.11
C TYR A 402 6.93 17.57 3.37
N ARG A 403 5.61 17.67 3.57
CA ARG A 403 4.98 17.24 4.81
C ARG A 403 4.42 15.84 4.63
N LEU A 404 4.83 14.94 5.51
CA LEU A 404 4.29 13.59 5.56
C LEU A 404 3.49 13.42 6.85
N THR A 405 2.53 12.53 6.83
CA THR A 405 1.78 12.16 8.02
CA THR A 405 1.80 12.17 8.04
C THR A 405 2.21 10.76 8.50
N PRO A 406 2.22 10.52 9.82
CA PRO A 406 1.87 11.40 10.94
C PRO A 406 2.88 12.52 11.19
N SER A 407 2.49 13.57 11.88
CA SER A 407 3.36 14.72 12.00
C SER A 407 3.11 15.46 13.31
N PHE A 408 4.11 16.21 13.73
CA PHE A 408 3.94 17.23 14.75
C PHE A 408 3.66 18.56 14.06
N GLU A 409 2.60 19.25 14.50
CA GLU A 409 2.20 20.56 14.00
C GLU A 409 2.23 21.58 15.13
N TYR A 410 2.27 22.86 14.75
CA TYR A 410 2.08 23.93 15.73
C TYR A 410 0.59 24.12 16.00
N GLN A 411 0.29 24.79 17.12
CA GLN A 411 -1.08 25.06 17.53
C GLN A 411 -1.11 26.35 18.34
N PRO A 412 -2.26 27.02 18.41
CA PRO A 412 -2.33 28.29 19.12
C PRO A 412 -2.00 28.18 20.59
N ASP A 413 -1.42 29.26 21.12
CA ASP A 413 -1.24 29.38 22.56
C ASP A 413 -2.59 29.22 23.24
N PRO A 414 -2.71 28.37 24.27
CA PRO A 414 -4.03 28.14 24.87
C PRO A 414 -4.60 29.38 25.52
N TRP A 415 -3.76 30.26 26.08
CA TRP A 415 -4.28 31.43 26.74
C TRP A 415 -4.94 32.41 25.77
N ASN A 416 -4.53 32.39 24.49
CA ASN A 416 -5.21 33.18 23.46
C ASN A 416 -6.57 32.60 23.11
N THR A 417 -6.84 31.36 23.51
CA THR A 417 -8.02 30.62 23.07
C THR A 417 -8.90 30.10 24.20
N HIS A 418 -8.50 30.25 25.47
CA HIS A 418 -9.16 29.50 26.53
C HIS A 418 -10.32 30.26 27.15
N VAL A 419 -11.51 29.65 27.10
CA VAL A 419 -12.70 30.24 27.70
C VAL A 419 -12.69 29.86 29.19
N TRP A 420 -12.30 30.80 30.05
CA TRP A 420 -12.05 30.48 31.45
C TRP A 420 -13.34 30.15 32.20
N LYS A 421 -13.29 29.08 33.00
CA LYS A 421 -14.46 28.63 33.76
C LYS A 421 -14.84 29.65 34.84
N ARG B 3 -1.62 38.21 -2.03
CA ARG B 3 -1.98 39.58 -2.35
C ARG B 3 -1.45 40.59 -1.31
N PHE B 4 -1.40 40.19 -0.04
CA PHE B 4 -0.84 41.04 1.01
C PHE B 4 -0.07 40.13 1.97
N LEU B 5 0.99 39.48 1.46
CA LEU B 5 1.77 38.55 2.26
C LEU B 5 2.60 39.27 3.32
N LYS B 6 2.55 38.78 4.54
CA LYS B 6 3.28 39.32 5.67
C LYS B 6 4.57 38.53 5.89
N VAL B 7 5.61 39.24 6.28
CA VAL B 7 6.83 38.62 6.78
C VAL B 7 7.07 39.21 8.16
N LYS B 8 7.70 38.42 9.04
CA LYS B 8 7.95 38.83 10.41
C LYS B 8 9.42 38.64 10.77
N ASN B 9 9.97 39.59 11.50
CA ASN B 9 11.26 39.41 12.13
C ASN B 9 11.04 38.85 13.54
N TRP B 10 11.67 37.73 13.82
CA TRP B 10 11.42 37.05 15.08
C TRP B 10 12.29 37.57 16.21
N GLU B 11 13.26 38.42 15.92
CA GLU B 11 14.07 39.10 16.93
C GLU B 11 13.46 40.44 17.37
N THR B 12 12.96 41.22 16.42
CA THR B 12 12.44 42.57 16.67
C THR B 12 10.94 42.63 16.77
N GLU B 13 10.24 41.62 16.24
CA GLU B 13 8.79 41.58 16.08
C GLU B 13 8.26 42.53 14.99
N VAL B 14 9.14 43.20 14.23
CA VAL B 14 8.66 43.98 13.07
C VAL B 14 7.97 43.07 12.07
N VAL B 15 6.85 43.53 11.54
CA VAL B 15 6.15 42.84 10.47
C VAL B 15 6.12 43.72 9.23
N LEU B 16 6.29 43.09 8.05
CA LEU B 16 6.30 43.80 6.78
C LEU B 16 5.28 43.18 5.83
N THR B 17 4.68 44.01 4.98
CA THR B 17 3.66 43.57 4.04
C THR B 17 4.24 43.56 2.65
N ASP B 18 4.09 42.46 1.94
CA ASP B 18 4.64 42.34 0.60
C ASP B 18 3.50 42.35 -0.40
N THR B 19 3.50 43.36 -1.26
CA THR B 19 2.65 43.42 -2.44
C THR B 19 3.40 43.17 -3.73
N LEU B 20 4.72 43.37 -3.75
CA LEU B 20 5.51 43.23 -4.97
C LEU B 20 5.48 41.81 -5.54
N HIS B 21 5.15 40.81 -4.72
CA HIS B 21 5.16 39.42 -5.19
C HIS B 21 4.16 39.20 -6.33
N LEU B 22 3.17 40.08 -6.49
CA LEU B 22 2.22 39.91 -7.57
C LEU B 22 2.83 40.13 -8.95
N LYS B 23 3.95 40.84 -9.04
CA LYS B 23 4.61 41.06 -10.33
C LYS B 23 5.61 39.98 -10.67
N SER B 24 5.69 38.90 -9.90
CA SER B 24 6.63 37.82 -10.17
C SER B 24 6.18 36.99 -11.37
N THR B 25 7.08 36.14 -11.88
CA THR B 25 6.83 35.44 -13.13
C THR B 25 7.34 34.00 -13.19
N LEU B 26 8.66 33.85 -13.26
CA LEU B 26 9.24 32.55 -13.58
C LEU B 26 9.17 31.63 -12.37
N GLU B 27 9.28 30.33 -12.66
CA GLU B 27 9.30 29.28 -11.65
C GLU B 27 10.26 29.61 -10.51
N THR B 28 9.79 29.41 -9.27
CA THR B 28 10.70 29.28 -8.14
C THR B 28 11.37 27.92 -8.14
N GLY B 29 10.69 26.92 -8.66
CA GLY B 29 11.04 25.53 -8.47
C GLY B 29 10.17 24.81 -7.47
N CYS B 30 9.44 25.56 -6.65
CA CYS B 30 8.59 25.01 -5.62
C CYS B 30 7.20 24.72 -6.19
N THR B 31 6.56 23.71 -5.63
CA THR B 31 5.16 23.42 -5.88
C THR B 31 4.41 23.55 -4.57
N GLU B 32 3.09 23.43 -4.63
CA GLU B 32 2.32 23.45 -3.39
C GLU B 32 2.77 22.34 -2.45
N TYR B 33 3.27 21.23 -2.99
CA TYR B 33 3.59 20.06 -2.21
C TYR B 33 5.07 19.89 -1.90
N ILE B 34 5.97 20.62 -2.56
CA ILE B 34 7.41 20.43 -2.38
C ILE B 34 8.06 21.81 -2.40
N CYS B 35 9.07 22.02 -1.56
CA CYS B 35 9.81 23.26 -1.53
C CYS B 35 11.25 22.97 -1.91
N MET B 36 11.79 23.76 -2.83
CA MET B 36 13.13 23.53 -3.35
C MET B 36 14.09 24.63 -2.98
N GLY B 37 13.69 25.53 -2.08
CA GLY B 37 14.48 26.68 -1.67
C GLY B 37 15.91 26.46 -1.19
N SER B 38 16.38 25.21 -1.11
CA SER B 38 17.78 24.89 -0.87
C SER B 38 18.45 24.20 -2.04
N ILE B 39 17.70 23.81 -3.07
CA ILE B 39 18.30 23.34 -4.31
C ILE B 39 19.10 24.47 -4.97
N MET B 40 20.31 24.16 -5.46
CA MET B 40 21.15 25.19 -6.05
C MET B 40 20.55 25.73 -7.35
N HIS B 41 20.21 24.86 -8.30
CA HIS B 41 19.46 25.43 -9.44
C HIS B 41 18.37 24.50 -9.94
N PRO B 42 17.10 24.87 -9.78
CA PRO B 42 16.02 23.98 -10.22
C PRO B 42 15.86 23.96 -11.73
N SER B 43 15.58 22.77 -12.26
CA SER B 43 15.40 22.57 -13.69
C SER B 43 14.10 21.83 -13.97
N PRO B 49 21.42 26.73 -26.20
CA PRO B 49 21.25 26.00 -27.46
C PRO B 49 20.00 26.43 -28.24
N GLU B 50 18.96 25.59 -28.18
CA GLU B 50 17.67 25.92 -28.78
C GLU B 50 17.09 27.20 -28.20
N ASP B 51 17.41 27.51 -26.94
CA ASP B 51 16.74 28.55 -26.17
C ASP B 51 16.88 29.94 -26.81
N VAL B 52 16.12 30.18 -27.89
CA VAL B 52 15.88 31.52 -28.39
C VAL B 52 14.38 31.68 -28.60
N ALA B 53 13.86 32.85 -28.25
CA ALA B 53 12.43 33.10 -28.24
C ALA B 53 11.90 33.47 -29.64
N THR B 54 10.59 33.31 -29.81
CA THR B 54 9.90 33.66 -31.05
C THR B 54 9.58 35.15 -31.07
N LYS B 55 9.01 35.62 -32.19
CA LYS B 55 8.40 36.95 -32.18
C LYS B 55 7.25 37.00 -31.18
N ASP B 56 6.43 35.94 -31.17
CA ASP B 56 5.26 35.86 -30.30
C ASP B 56 5.64 35.90 -28.83
N GLN B 57 6.72 35.21 -28.45
CA GLN B 57 7.18 35.24 -27.06
C GLN B 57 7.77 36.60 -26.69
N LEU B 58 8.33 37.32 -27.67
CA LEU B 58 9.20 38.45 -27.36
C LEU B 58 8.41 39.72 -27.07
N PHE B 59 7.45 40.09 -27.91
CA PHE B 59 6.79 41.37 -27.71
C PHE B 59 6.16 41.48 -26.32
N PRO B 60 5.38 40.51 -25.82
CA PRO B 60 4.89 40.61 -24.44
C PRO B 60 5.99 40.88 -23.41
N LEU B 61 7.13 40.19 -23.50
CA LEU B 61 8.19 40.46 -22.54
C LEU B 61 8.70 41.88 -22.71
N ALA B 62 8.91 42.28 -23.97
CA ALA B 62 9.44 43.61 -24.27
C ALA B 62 8.50 44.69 -23.78
N LYS B 63 7.21 44.58 -24.16
CA LYS B 63 6.21 45.53 -23.69
C LYS B 63 6.20 45.62 -22.19
N GLU B 64 6.32 44.49 -21.51
CA GLU B 64 6.29 44.51 -20.05
C GLU B 64 7.47 45.30 -19.52
N PHE B 65 8.67 45.05 -20.04
CA PHE B 65 9.82 45.80 -19.57
C PHE B 65 9.71 47.28 -19.92
N ILE B 66 9.27 47.61 -21.14
CA ILE B 66 9.16 49.02 -21.52
C ILE B 66 8.13 49.74 -20.62
N ASP B 67 6.95 49.12 -20.44
CA ASP B 67 5.95 49.66 -19.50
C ASP B 67 6.53 49.98 -18.13
N GLN B 68 7.46 49.16 -17.64
CA GLN B 68 7.90 49.43 -16.28
C GLN B 68 9.03 50.46 -16.25
N TYR B 69 9.94 50.44 -17.23
CA TYR B 69 10.88 51.54 -17.41
C TYR B 69 10.18 52.88 -17.41
N TYR B 70 9.15 53.02 -18.25
CA TYR B 70 8.46 54.30 -18.32
C TYR B 70 7.73 54.60 -17.03
N SER B 71 7.24 53.56 -16.34
CA SER B 71 6.62 53.75 -15.04
C SER B 71 7.61 54.28 -14.02
N SER B 72 8.87 53.85 -14.13
CA SER B 72 9.92 54.30 -13.22
C SER B 72 10.27 55.77 -13.43
N ILE B 73 10.35 56.22 -14.67
CA ILE B 73 10.76 57.59 -14.93
C ILE B 73 9.57 58.54 -14.85
N LYS B 74 8.44 58.07 -14.30
CA LYS B 74 7.25 58.90 -14.12
C LYS B 74 6.68 59.40 -15.44
N ARG B 75 6.88 58.64 -16.53
CA ARG B 75 6.36 58.99 -17.85
C ARG B 75 5.35 57.96 -18.37
N PHE B 76 4.74 57.15 -17.49
CA PHE B 76 3.87 56.08 -17.96
C PHE B 76 2.72 56.66 -18.78
N GLY B 77 2.49 56.09 -19.95
CA GLY B 77 1.44 56.56 -20.84
C GLY B 77 1.79 57.81 -21.63
N SER B 78 3.02 58.29 -21.54
CA SER B 78 3.42 59.48 -22.27
C SER B 78 3.50 59.18 -23.76
N LYS B 79 3.63 60.24 -24.56
CA LYS B 79 3.89 60.02 -25.97
C LYS B 79 5.25 59.37 -26.17
N ALA B 80 6.25 59.71 -25.36
CA ALA B 80 7.51 58.98 -25.42
C ALA B 80 7.28 57.50 -25.17
N HIS B 81 6.49 57.19 -24.14
CA HIS B 81 6.15 55.81 -23.82
C HIS B 81 5.45 55.12 -24.99
N MET B 82 4.51 55.80 -25.63
CA MET B 82 3.73 55.12 -26.66
C MET B 82 4.51 54.95 -27.95
N GLU B 83 5.34 55.94 -28.30
CA GLU B 83 6.18 55.79 -29.48
C GLU B 83 7.22 54.70 -29.26
N ARG B 84 7.75 54.60 -28.05
CA ARG B 84 8.72 53.55 -27.77
C ARG B 84 8.11 52.18 -27.94
N LEU B 85 6.91 51.98 -27.39
CA LEU B 85 6.20 50.71 -27.59
C LEU B 85 6.01 50.42 -29.06
N GLU B 86 5.61 51.42 -29.85
CA GLU B 86 5.45 51.21 -31.27
C GLU B 86 6.78 50.91 -31.93
N GLU B 87 7.80 51.71 -31.63
CA GLU B 87 9.13 51.48 -32.20
C GLU B 87 9.62 50.06 -31.89
N VAL B 88 9.42 49.61 -30.65
CA VAL B 88 9.86 48.27 -30.25
C VAL B 88 9.07 47.21 -31.00
N ASN B 89 7.74 47.32 -30.98
CA ASN B 89 6.90 46.31 -31.61
C ASN B 89 7.25 46.17 -33.08
N LYS B 90 7.48 47.31 -33.74
CA LYS B 90 7.79 47.26 -35.16
C LYS B 90 9.16 46.65 -35.40
N GLU B 91 10.13 47.00 -34.57
CA GLU B 91 11.47 46.46 -34.72
C GLU B 91 11.49 44.94 -34.52
N ILE B 92 10.77 44.45 -33.50
CA ILE B 92 10.66 43.00 -33.34
C ILE B 92 10.05 42.40 -34.59
N ASP B 93 8.99 43.02 -35.09
CA ASP B 93 8.25 42.42 -36.19
C ASP B 93 9.10 42.29 -37.43
N THR B 94 10.00 43.24 -37.67
CA THR B 94 10.77 43.26 -38.90
C THR B 94 12.15 42.63 -38.76
N THR B 95 12.74 42.64 -37.57
CA THR B 95 14.08 42.08 -37.40
C THR B 95 14.09 40.90 -36.44
N SER B 96 12.95 40.52 -35.86
CA SER B 96 12.75 39.39 -34.96
C SER B 96 13.40 39.60 -33.60
N THR B 97 14.02 40.76 -33.34
CA THR B 97 14.50 41.15 -32.02
C THR B 97 14.40 42.67 -31.95
N TYR B 98 15.05 43.27 -30.94
CA TYR B 98 15.10 44.73 -30.85
C TYR B 98 16.30 45.10 -29.98
N GLN B 99 16.68 46.38 -30.05
CA GLN B 99 17.80 46.94 -29.31
C GLN B 99 17.31 47.85 -28.20
N LEU B 100 18.01 47.86 -27.07
CA LEU B 100 17.64 48.69 -25.94
C LEU B 100 18.33 50.03 -26.08
N LYS B 101 17.58 51.12 -25.90
CA LYS B 101 18.20 52.41 -25.68
C LYS B 101 19.25 52.30 -24.58
N ASP B 102 20.22 53.23 -24.55
CA ASP B 102 21.24 53.18 -23.52
C ASP B 102 20.63 53.38 -22.15
N THR B 103 19.62 54.26 -22.05
CA THR B 103 18.94 54.49 -20.79
C THR B 103 18.27 53.21 -20.28
N GLU B 104 17.61 52.49 -21.19
CA GLU B 104 16.97 51.22 -20.88
C GLU B 104 17.99 50.17 -20.46
N LEU B 105 19.19 50.20 -21.05
CA LEU B 105 20.22 49.23 -20.70
C LEU B 105 20.71 49.45 -19.29
N ILE B 106 20.88 50.71 -18.88
CA ILE B 106 21.39 50.98 -17.55
C ILE B 106 20.33 50.63 -16.51
N TYR B 107 19.10 51.07 -16.75
CA TYR B 107 17.99 50.76 -15.85
C TYR B 107 17.86 49.25 -15.66
N GLY B 108 18.00 48.50 -16.75
CA GLY B 108 17.80 47.07 -16.68
C GLY B 108 18.91 46.37 -15.91
N ALA B 109 20.16 46.74 -16.17
CA ALA B 109 21.26 46.21 -15.37
C ALA B 109 21.03 46.48 -13.88
N LYS B 110 20.77 47.73 -13.53
CA LYS B 110 20.64 48.05 -12.11
C LYS B 110 19.47 47.29 -11.51
N HIS B 111 18.42 47.05 -12.28
CA HIS B 111 17.25 46.39 -11.70
C HIS B 111 17.45 44.89 -11.58
N ALA B 112 18.28 44.30 -12.44
CA ALA B 112 18.65 42.91 -12.27
C ALA B 112 19.44 42.71 -10.99
N TRP B 113 20.33 43.65 -10.67
CA TRP B 113 21.01 43.59 -9.39
C TRP B 113 20.01 43.74 -8.24
N ARG B 114 19.10 44.71 -8.35
CA ARG B 114 18.14 44.97 -7.29
C ARG B 114 17.26 43.76 -7.02
N ASN B 115 16.99 42.98 -8.06
CA ASN B 115 16.12 41.83 -8.04
C ASN B 115 16.84 40.52 -7.73
N ALA B 116 18.16 40.55 -7.53
CA ALA B 116 18.94 39.33 -7.35
C ALA B 116 18.73 38.83 -5.91
N SER B 117 17.87 37.81 -5.76
CA SER B 117 17.39 37.42 -4.44
CA SER B 117 17.38 37.39 -4.45
C SER B 117 18.50 36.83 -3.58
N ARG B 118 19.51 36.20 -4.18
CA ARG B 118 20.64 35.67 -3.43
C ARG B 118 21.71 36.70 -3.06
N CYS B 119 21.53 38.00 -3.37
CA CYS B 119 22.57 38.99 -3.14
C CYS B 119 22.26 39.82 -1.92
N VAL B 120 23.16 39.79 -0.93
CA VAL B 120 22.96 40.52 0.31
C VAL B 120 23.45 41.95 0.25
N GLY B 121 24.26 42.31 -0.74
CA GLY B 121 24.77 43.66 -0.80
C GLY B 121 23.95 44.62 -1.68
N ARG B 122 22.68 44.29 -1.96
CA ARG B 122 21.87 45.09 -2.86
C ARG B 122 21.53 46.48 -2.33
N ILE B 123 22.01 46.83 -1.14
CA ILE B 123 21.74 48.20 -0.70
C ILE B 123 22.40 49.19 -1.67
N GLN B 124 23.38 48.72 -2.44
CA GLN B 124 24.19 49.51 -3.33
C GLN B 124 23.68 49.51 -4.77
N TRP B 125 22.46 49.04 -5.02
CA TRP B 125 22.08 48.61 -6.36
C TRP B 125 22.05 49.76 -7.37
N SER B 126 21.67 50.97 -6.95
CA SER B 126 21.56 52.03 -7.94
C SER B 126 22.89 52.70 -8.23
N LYS B 127 23.91 52.42 -7.43
CA LYS B 127 25.26 52.93 -7.67
C LYS B 127 26.06 51.84 -8.37
N LEU B 128 25.73 51.65 -9.65
CA LEU B 128 26.34 50.64 -10.49
C LEU B 128 26.81 51.32 -11.77
N GLN B 129 28.07 51.11 -12.14
CA GLN B 129 28.63 51.67 -13.35
C GLN B 129 28.45 50.68 -14.49
N VAL B 130 27.84 51.12 -15.58
CA VAL B 130 27.45 50.21 -16.66
C VAL B 130 28.28 50.53 -17.89
N PHE B 131 29.05 49.55 -18.37
CA PHE B 131 29.84 49.72 -19.58
C PHE B 131 29.13 48.99 -20.70
N ASP B 132 28.56 49.78 -21.62
CA ASP B 132 27.95 49.27 -22.84
C ASP B 132 29.03 48.75 -23.76
N ALA B 133 29.06 47.44 -23.96
CA ALA B 133 30.05 46.83 -24.83
C ALA B 133 29.39 46.14 -25.98
N ARG B 134 28.17 46.58 -26.31
CA ARG B 134 27.42 45.97 -27.42
C ARG B 134 27.99 46.30 -28.80
N ASP B 135 28.99 47.18 -28.91
CA ASP B 135 29.64 47.38 -30.20
C ASP B 135 30.80 46.42 -30.43
N CYS B 136 31.14 45.59 -29.45
CA CYS B 136 32.26 44.67 -29.56
C CYS B 136 31.99 43.59 -30.59
N THR B 137 33.03 43.17 -31.32
CA THR B 137 32.86 42.12 -32.32
C THR B 137 33.87 40.97 -32.23
N THR B 138 34.90 41.06 -31.38
CA THR B 138 35.97 40.05 -31.36
C THR B 138 36.42 39.75 -29.93
N ALA B 139 37.17 38.66 -29.81
CA ALA B 139 37.70 38.26 -28.51
C ALA B 139 38.71 39.27 -27.98
N HIS B 140 39.58 39.78 -28.87
CA HIS B 140 40.48 40.87 -28.51
C HIS B 140 39.73 42.09 -28.01
N GLY B 141 38.66 42.49 -28.71
CA GLY B 141 37.84 43.58 -28.21
C GLY B 141 37.31 43.32 -26.82
N MET B 142 36.81 42.09 -26.59
CA MET B 142 36.36 41.70 -25.26
C MET B 142 37.48 41.86 -24.24
N PHE B 143 38.68 41.38 -24.56
CA PHE B 143 39.78 41.52 -23.60
C PHE B 143 40.00 42.98 -23.23
N ASN B 144 39.93 43.88 -24.23
CA ASN B 144 40.13 45.29 -23.93
C ASN B 144 39.03 45.83 -23.03
N TYR B 145 37.78 45.49 -23.35
CA TYR B 145 36.65 45.93 -22.53
C TYR B 145 36.74 45.43 -21.09
N ILE B 146 37.23 44.19 -20.89
CA ILE B 146 37.28 43.65 -19.54
C ILE B 146 38.38 44.31 -18.73
N CYS B 147 39.51 44.60 -19.37
CA CYS B 147 40.64 45.24 -18.69
C CYS B 147 40.23 46.58 -18.12
N ASN B 148 39.62 47.41 -18.96
CA ASN B 148 39.10 48.69 -18.52
C ASN B 148 38.12 48.53 -17.37
N HIS B 149 37.27 47.49 -17.41
CA HIS B 149 36.38 47.18 -16.28
C HIS B 149 37.19 46.89 -15.02
N VAL B 150 38.15 45.98 -15.12
CA VAL B 150 38.98 45.63 -13.97
C VAL B 150 39.66 46.87 -13.41
N LYS B 151 40.35 47.63 -14.27
CA LYS B 151 41.04 48.84 -13.81
C LYS B 151 40.08 49.84 -13.19
N TYR B 152 38.94 50.08 -13.84
CA TYR B 152 37.96 51.01 -13.30
C TYR B 152 37.42 50.53 -11.94
N ALA B 153 36.99 49.26 -11.88
CA ALA B 153 36.37 48.75 -10.66
C ALA B 153 37.36 48.65 -9.51
N THR B 154 38.60 48.27 -9.81
CA THR B 154 39.61 48.07 -8.78
C THR B 154 39.97 49.40 -8.11
N ASN B 155 40.28 50.41 -8.92
CA ASN B 155 40.43 51.80 -8.47
C ASN B 155 41.42 51.93 -7.31
N LYS B 156 42.52 51.17 -7.39
CA LYS B 156 43.60 51.25 -6.41
C LYS B 156 43.15 50.81 -5.01
N GLY B 157 42.08 50.02 -4.90
CA GLY B 157 41.64 49.47 -3.63
C GLY B 157 40.33 50.05 -3.17
N ASN B 158 39.80 51.07 -3.85
CA ASN B 158 38.57 51.73 -3.48
C ASN B 158 37.48 51.23 -4.43
N LEU B 159 37.01 50.01 -4.18
CA LEU B 159 36.30 49.26 -5.22
C LEU B 159 34.99 49.95 -5.61
N ARG B 160 34.60 49.76 -6.88
CA ARG B 160 33.44 50.40 -7.46
C ARG B 160 32.65 49.37 -8.25
N SER B 161 31.37 49.22 -7.93
CA SER B 161 30.54 48.22 -8.60
C SER B 161 30.51 48.50 -10.09
N ALA B 162 30.60 47.45 -10.91
CA ALA B 162 30.40 47.67 -12.33
C ALA B 162 30.00 46.39 -13.04
N ILE B 163 29.37 46.57 -14.21
CA ILE B 163 29.02 45.52 -15.16
C ILE B 163 29.46 45.95 -16.57
N THR B 164 29.97 45.01 -17.35
CA THR B 164 30.23 45.25 -18.77
C THR B 164 29.35 44.31 -19.57
N ILE B 165 28.62 44.86 -20.55
CA ILE B 165 27.57 44.14 -21.27
C ILE B 165 27.91 44.00 -22.76
N PHE B 166 28.19 42.79 -23.20
CA PHE B 166 28.48 42.48 -24.60
C PHE B 166 27.19 42.17 -25.37
N PRO B 167 27.28 41.97 -26.68
CA PRO B 167 26.05 41.88 -27.49
C PRO B 167 25.10 40.77 -27.06
N GLN B 168 23.82 41.07 -27.15
CA GLN B 168 22.78 40.14 -26.77
C GLN B 168 22.73 38.95 -27.72
N ARG B 169 22.22 37.82 -27.22
CA ARG B 169 22.06 36.62 -28.02
C ARG B 169 21.20 36.91 -29.25
N THR B 170 21.38 36.12 -30.30
CA THR B 170 20.58 36.30 -31.50
C THR B 170 19.84 35.01 -31.85
N ASP B 171 20.52 34.09 -32.55
CA ASP B 171 19.99 32.76 -32.80
C ASP B 171 20.58 31.70 -31.88
N GLY B 172 21.26 32.09 -30.81
CA GLY B 172 21.95 31.15 -29.96
C GLY B 172 23.23 30.59 -30.51
N LYS B 173 23.46 30.72 -31.82
CA LYS B 173 24.64 30.18 -32.46
C LYS B 173 25.79 31.18 -32.56
N HIS B 174 25.60 32.43 -32.13
CA HIS B 174 26.62 33.46 -32.24
C HIS B 174 26.83 34.15 -30.90
N ASP B 175 26.84 33.38 -29.83
CA ASP B 175 26.85 33.95 -28.50
C ASP B 175 28.23 34.49 -28.16
N PHE B 176 28.23 35.55 -27.34
CA PHE B 176 29.40 36.01 -26.61
C PHE B 176 29.38 35.37 -25.22
N ARG B 177 30.50 34.79 -24.81
CA ARG B 177 30.66 34.19 -23.49
C ARG B 177 32.01 34.55 -22.89
N VAL B 178 32.02 34.70 -21.58
CA VAL B 178 33.23 34.60 -20.76
C VAL B 178 33.24 33.19 -20.17
N TRP B 179 34.13 32.35 -20.66
CA TRP B 179 34.26 30.99 -20.18
C TRP B 179 34.80 30.92 -18.77
N ASN B 180 35.49 31.94 -18.28
CA ASN B 180 35.78 32.05 -16.86
C ASN B 180 34.48 32.26 -16.10
N SER B 181 34.39 31.62 -14.91
CA SER B 181 33.23 31.91 -14.06
C SER B 181 33.44 33.21 -13.29
N GLN B 182 34.68 33.59 -13.01
CA GLN B 182 34.99 34.91 -12.47
C GLN B 182 36.23 35.46 -13.18
N LEU B 183 36.29 36.79 -13.34
CA LEU B 183 37.40 37.36 -14.12
C LEU B 183 38.74 37.03 -13.48
N ILE B 184 38.80 37.02 -12.15
CA ILE B 184 40.04 36.74 -11.43
C ILE B 184 39.80 35.55 -10.50
N ARG B 185 40.45 34.40 -10.80
CA ARG B 185 40.48 33.23 -9.92
C ARG B 185 41.82 32.54 -10.07
N TYR B 186 42.17 31.73 -9.08
CA TYR B 186 43.46 31.06 -9.10
C TYR B 186 43.35 29.67 -9.71
N ALA B 187 44.36 29.30 -10.50
CA ALA B 187 44.42 27.98 -11.08
C ALA B 187 44.36 26.91 -10.00
N GLY B 188 44.05 25.69 -10.43
CA GLY B 188 44.11 24.53 -9.58
C GLY B 188 44.64 23.40 -10.43
N TYR B 189 45.66 22.71 -9.95
CA TYR B 189 46.31 21.65 -10.70
C TYR B 189 46.17 20.36 -9.90
N LYS B 190 45.53 19.35 -10.48
CA LYS B 190 45.50 18.06 -9.81
C LYS B 190 46.84 17.35 -10.04
N GLN B 191 47.23 16.55 -9.08
CA GLN B 191 48.51 15.87 -9.21
C GLN B 191 48.28 14.41 -9.56
N PRO B 192 49.30 13.69 -10.05
CA PRO B 192 49.12 12.25 -10.24
C PRO B 192 48.73 11.54 -8.95
N ASP B 193 49.10 12.07 -7.78
CA ASP B 193 48.87 11.38 -6.52
C ASP B 193 47.55 11.81 -5.86
N GLY B 194 46.65 12.42 -6.62
CA GLY B 194 45.36 12.80 -6.10
C GLY B 194 45.32 14.09 -5.32
N SER B 195 46.45 14.55 -4.80
CA SER B 195 46.53 15.86 -4.15
C SER B 195 46.25 16.97 -5.16
N THR B 196 46.11 18.20 -4.64
CA THR B 196 45.77 19.34 -5.48
C THR B 196 46.62 20.55 -5.11
N LEU B 197 47.25 21.16 -6.11
CA LEU B 197 47.97 22.42 -5.94
C LEU B 197 47.10 23.55 -6.45
N GLY B 198 47.04 24.64 -5.69
CA GLY B 198 46.16 25.75 -6.03
C GLY B 198 44.74 25.55 -5.52
N ASP B 199 43.79 26.16 -6.24
CA ASP B 199 42.40 26.18 -5.82
C ASP B 199 41.68 24.99 -6.45
N PRO B 200 41.24 24.00 -5.65
CA PRO B 200 40.64 22.79 -6.24
C PRO B 200 39.36 23.03 -7.01
N ALA B 201 38.62 24.08 -6.66
CA ALA B 201 37.41 24.46 -7.41
C ALA B 201 37.66 24.66 -8.90
N ASN B 202 38.89 24.91 -9.33
CA ASN B 202 39.15 25.44 -10.67
C ASN B 202 39.92 24.45 -11.54
N VAL B 203 39.94 23.18 -11.15
CA VAL B 203 40.81 22.20 -11.81
C VAL B 203 40.36 21.96 -13.24
N GLN B 204 39.06 21.75 -13.44
CA GLN B 204 38.55 21.54 -14.79
C GLN B 204 38.90 22.72 -15.70
N PHE B 205 38.58 23.93 -15.25
CA PHE B 205 38.80 25.09 -16.11
C PHE B 205 40.29 25.34 -16.35
N THR B 206 41.11 25.14 -15.31
CA THR B 206 42.56 25.17 -15.49
C THR B 206 43.00 24.19 -16.56
N GLU B 207 42.39 23.00 -16.58
CA GLU B 207 42.77 22.03 -17.61
C GLU B 207 42.42 22.54 -19.00
N ILE B 208 41.25 23.18 -19.14
CA ILE B 208 40.85 23.73 -20.43
C ILE B 208 41.86 24.76 -20.91
N CYS B 209 42.20 25.70 -20.03
CA CYS B 209 43.22 26.71 -20.31
C CYS B 209 44.51 26.08 -20.81
N ILE B 210 45.03 25.09 -20.08
CA ILE B 210 46.27 24.45 -20.52
C ILE B 210 46.09 23.83 -21.90
N GLN B 211 44.91 23.23 -22.14
CA GLN B 211 44.67 22.62 -23.44
C GLN B 211 44.69 23.65 -24.56
N GLN B 212 44.30 24.89 -24.26
CA GLN B 212 44.28 25.97 -25.23
C GLN B 212 45.64 26.66 -25.38
N GLY B 213 46.71 26.09 -24.84
CA GLY B 213 48.03 26.65 -25.01
C GLY B 213 48.58 27.36 -23.79
N TRP B 214 47.77 27.58 -22.76
CA TRP B 214 48.26 28.24 -21.55
C TRP B 214 49.41 27.46 -20.94
N LYS B 215 50.51 28.19 -20.67
CA LYS B 215 51.66 27.63 -19.98
C LYS B 215 51.52 27.91 -18.49
N PRO B 216 51.15 26.93 -17.68
CA PRO B 216 50.84 27.20 -16.27
C PRO B 216 52.11 27.29 -15.45
N PRO B 217 52.25 28.32 -14.60
CA PRO B 217 53.41 28.37 -13.70
C PRO B 217 53.35 27.35 -12.58
N ARG B 218 52.18 26.75 -12.35
CA ARG B 218 52.00 25.65 -11.41
C ARG B 218 52.33 26.10 -9.99
N GLY B 219 51.53 27.06 -9.51
CA GLY B 219 51.70 27.63 -8.19
C GLY B 219 50.39 27.68 -7.43
N ARG B 220 50.50 28.03 -6.15
CA ARG B 220 49.33 28.01 -5.26
C ARG B 220 48.37 29.14 -5.55
N PHE B 221 48.80 30.18 -6.25
CA PHE B 221 48.05 31.40 -6.46
C PHE B 221 48.38 32.00 -7.83
N ASP B 222 48.16 31.21 -8.88
CA ASP B 222 48.35 31.63 -10.27
C ASP B 222 47.02 32.18 -10.80
N VAL B 223 47.04 33.41 -11.31
CA VAL B 223 45.84 34.00 -11.90
C VAL B 223 45.54 33.33 -13.23
N LEU B 224 44.31 32.86 -13.41
CA LEU B 224 43.98 32.14 -14.62
C LEU B 224 43.92 33.11 -15.82
N PRO B 225 44.22 32.63 -17.03
CA PRO B 225 44.07 33.51 -18.21
C PRO B 225 42.59 33.80 -18.41
N LEU B 226 42.29 34.74 -19.31
CA LEU B 226 40.89 34.91 -19.67
C LEU B 226 40.60 34.09 -20.92
N LEU B 227 39.38 33.58 -21.03
CA LEU B 227 39.01 32.70 -22.13
C LEU B 227 37.72 33.24 -22.69
N LEU B 228 37.84 33.90 -23.84
CA LEU B 228 36.83 34.84 -24.30
C LEU B 228 36.28 34.39 -25.64
N GLN B 229 34.95 34.49 -25.77
CA GLN B 229 34.23 33.96 -26.92
C GLN B 229 33.38 35.08 -27.50
N ALA B 230 33.62 35.42 -28.77
CA ALA B 230 32.87 36.46 -29.47
C ALA B 230 32.08 35.83 -30.60
N ASN B 231 30.79 36.13 -30.66
CA ASN B 231 29.98 35.82 -31.84
C ASN B 231 30.01 34.34 -32.20
N GLY B 232 29.92 33.48 -31.18
CA GLY B 232 29.93 32.04 -31.37
C GLY B 232 31.24 31.43 -31.83
N ASN B 233 32.31 32.19 -31.92
CA ASN B 233 33.56 31.65 -32.42
C ASN B 233 34.28 30.87 -31.30
N ASP B 234 35.30 30.09 -31.65
CA ASP B 234 36.07 29.42 -30.61
C ASP B 234 36.64 30.47 -29.66
N PRO B 235 36.83 30.14 -28.39
CA PRO B 235 37.37 31.10 -27.44
C PRO B 235 38.88 31.29 -27.62
N GLU B 236 39.39 32.41 -27.09
CA GLU B 236 40.79 32.76 -27.23
C GLU B 236 41.37 33.20 -25.87
N LEU B 237 42.67 32.95 -25.69
CA LEU B 237 43.33 33.18 -24.41
C LEU B 237 43.98 34.56 -24.34
N PHE B 238 43.96 35.14 -23.14
CA PHE B 238 44.56 36.45 -22.90
C PHE B 238 45.00 36.52 -21.45
N GLN B 239 46.28 36.79 -21.19
CA GLN B 239 46.72 37.11 -19.85
C GLN B 239 46.22 38.50 -19.46
N ILE B 240 45.55 38.60 -18.33
CA ILE B 240 45.24 39.90 -17.72
C ILE B 240 46.55 40.53 -17.25
N PRO B 241 46.78 41.81 -17.44
CA PRO B 241 48.08 42.35 -17.14
C PRO B 241 48.26 42.45 -15.64
N PRO B 242 49.31 41.81 -15.09
CA PRO B 242 49.36 41.56 -13.63
C PRO B 242 49.17 42.80 -12.78
N GLU B 243 49.54 43.97 -13.30
CA GLU B 243 49.43 45.21 -12.55
C GLU B 243 47.98 45.64 -12.40
N LEU B 244 47.08 45.00 -13.12
CA LEU B 244 45.67 45.24 -12.91
C LEU B 244 45.03 44.34 -11.88
N VAL B 245 45.72 43.31 -11.39
CA VAL B 245 45.13 42.33 -10.47
C VAL B 245 45.57 42.68 -9.06
N LEU B 246 44.73 43.40 -8.33
CA LEU B 246 45.13 43.79 -6.98
C LEU B 246 44.99 42.61 -6.04
N GLU B 247 46.01 42.39 -5.19
CA GLU B 247 46.08 41.25 -4.30
C GLU B 247 46.44 41.68 -2.88
N VAL B 248 45.96 40.94 -1.89
CA VAL B 248 46.12 41.26 -0.47
C VAL B 248 46.83 40.11 0.22
N PRO B 249 47.97 40.33 0.87
CA PRO B 249 48.57 39.27 1.68
C PRO B 249 47.91 39.15 3.06
N ILE B 250 47.59 37.93 3.45
CA ILE B 250 46.76 37.68 4.63
C ILE B 250 47.65 37.49 5.86
N ARG B 251 47.64 38.48 6.74
CA ARG B 251 48.31 38.45 8.05
C ARG B 251 47.27 38.54 9.18
N HIS B 252 47.72 38.44 10.41
CA HIS B 252 46.81 38.44 11.54
C HIS B 252 47.26 39.43 12.61
N PRO B 253 46.35 40.27 13.12
CA PRO B 253 46.75 41.27 14.13
C PRO B 253 47.44 40.72 15.35
N LYS B 254 47.24 39.47 15.68
CA LYS B 254 47.83 38.94 16.91
C LYS B 254 48.85 37.85 16.67
N PHE B 255 48.58 36.95 15.73
CA PHE B 255 49.47 35.81 15.47
C PHE B 255 50.54 36.22 14.47
N GLU B 256 51.75 36.45 14.98
CA GLU B 256 52.89 36.78 14.14
C GLU B 256 53.17 35.70 13.10
N TRP B 257 52.69 34.47 13.33
CA TRP B 257 53.00 33.35 12.44
C TRP B 257 52.03 33.28 11.27
N PHE B 258 50.91 33.97 11.36
CA PHE B 258 49.90 33.85 10.32
C PHE B 258 50.44 34.25 8.97
N LYS B 259 51.36 35.20 8.93
CA LYS B 259 51.92 35.58 7.64
C LYS B 259 52.71 34.43 7.03
N ASP B 260 53.30 33.57 7.87
CA ASP B 260 54.08 32.45 7.38
C ASP B 260 53.22 31.40 6.67
N LEU B 261 51.91 31.38 6.94
CA LEU B 261 51.00 30.55 6.17
C LEU B 261 51.03 30.88 4.69
N GLY B 262 51.62 32.02 4.32
CA GLY B 262 51.78 32.40 2.93
C GLY B 262 50.49 32.58 2.15
N LEU B 263 49.44 33.07 2.79
CA LEU B 263 48.15 33.19 2.15
C LEU B 263 47.97 34.58 1.57
N LYS B 264 47.32 34.64 0.41
CA LYS B 264 46.92 35.90 -0.18
C LYS B 264 45.65 35.66 -0.96
N TRP B 265 44.93 36.75 -1.25
CA TRP B 265 43.74 36.68 -2.07
C TRP B 265 43.65 37.95 -2.92
N TYR B 266 42.91 37.84 -4.03
CA TYR B 266 42.67 38.99 -4.90
C TYR B 266 41.50 39.83 -4.39
N GLY B 267 41.55 41.14 -4.66
CA GLY B 267 40.59 42.04 -4.05
C GLY B 267 39.25 42.15 -4.75
N LEU B 268 39.19 41.82 -6.04
CA LEU B 268 38.01 42.11 -6.84
C LEU B 268 37.21 40.85 -7.16
N PRO B 269 36.01 40.69 -6.59
CA PRO B 269 35.12 39.57 -6.94
C PRO B 269 34.27 39.96 -8.14
N ALA B 270 34.34 39.19 -9.22
CA ALA B 270 33.67 39.59 -10.45
C ALA B 270 33.08 38.36 -11.12
N VAL B 271 31.75 38.27 -11.14
CA VAL B 271 31.06 37.12 -11.67
C VAL B 271 30.83 37.31 -13.16
N SER B 272 31.26 36.33 -13.95
CA SER B 272 31.25 36.45 -15.39
C SER B 272 30.58 35.26 -16.08
N ASN B 273 29.86 34.41 -15.37
CA ASN B 273 29.28 33.25 -16.05
C ASN B 273 27.77 33.30 -16.11
N MET B 274 27.16 34.37 -15.63
CA MET B 274 25.71 34.45 -15.60
C MET B 274 25.20 35.23 -16.80
N LEU B 275 23.89 35.31 -16.90
CA LEU B 275 23.20 35.76 -18.08
C LEU B 275 22.19 36.80 -17.66
N LEU B 276 22.22 37.95 -18.33
CA LEU B 276 21.41 39.10 -17.96
C LEU B 276 20.20 39.15 -18.87
N GLU B 277 19.00 39.07 -18.29
CA GLU B 277 17.77 39.08 -19.07
C GLU B 277 17.10 40.43 -18.92
N ILE B 278 16.91 41.15 -20.03
CA ILE B 278 16.20 42.43 -20.02
C ILE B 278 15.21 42.47 -21.16
N GLY B 279 13.95 42.76 -20.84
CA GLY B 279 12.90 42.78 -21.85
C GLY B 279 12.90 41.60 -22.78
N GLY B 280 13.09 40.39 -22.22
CA GLY B 280 13.18 39.19 -23.03
C GLY B 280 14.45 39.05 -23.83
N LEU B 281 15.37 40.00 -23.73
CA LEU B 281 16.67 39.91 -24.39
C LEU B 281 17.69 39.31 -23.44
N GLU B 282 18.60 38.51 -24.02
CA GLU B 282 19.52 37.67 -23.26
C GLU B 282 20.96 38.08 -23.55
N PHE B 283 21.61 38.71 -22.57
CA PHE B 283 23.02 39.09 -22.67
C PHE B 283 23.84 38.02 -21.97
N SER B 284 24.30 37.03 -22.75
CA SER B 284 25.02 35.86 -22.25
C SER B 284 26.43 36.15 -21.74
N ALA B 285 26.89 37.39 -21.81
CA ALA B 285 28.22 37.75 -21.33
C ALA B 285 28.12 39.14 -20.72
N CYS B 286 28.12 39.21 -19.39
CA CYS B 286 27.83 40.43 -18.67
C CYS B 286 28.59 40.48 -17.35
N PRO B 287 29.92 40.34 -17.38
CA PRO B 287 30.66 40.28 -16.12
C PRO B 287 30.37 41.51 -15.25
N PHE B 288 30.06 41.26 -13.97
CA PHE B 288 29.79 42.32 -13.00
C PHE B 288 30.67 42.09 -11.78
N SER B 289 30.82 43.11 -10.95
CA SER B 289 31.86 43.05 -9.96
C SER B 289 31.47 44.02 -8.84
N GLY B 290 31.80 43.65 -7.60
CA GLY B 290 31.48 44.46 -6.45
C GLY B 290 32.67 44.57 -5.53
N TRP B 291 32.47 44.38 -4.22
CA TRP B 291 33.54 44.14 -3.28
C TRP B 291 33.12 43.02 -2.33
N TYR B 292 34.09 42.43 -1.62
CA TYR B 292 33.88 41.20 -0.87
C TYR B 292 33.26 41.44 0.50
N MET B 293 32.31 40.57 0.87
CA MET B 293 32.11 40.26 2.27
C MET B 293 33.22 39.32 2.72
N GLY B 294 33.79 39.56 3.91
CA GLY B 294 34.94 38.79 4.35
C GLY B 294 34.71 37.28 4.48
N THR B 295 33.48 36.87 4.76
CA THR B 295 33.24 35.44 4.94
C THR B 295 33.38 34.66 3.64
N GLU B 296 33.29 35.32 2.49
CA GLU B 296 33.43 34.59 1.23
C GLU B 296 34.84 34.03 1.11
N ILE B 297 35.83 34.84 1.45
CA ILE B 297 37.21 34.38 1.41
C ILE B 297 37.47 33.47 2.59
N GLY B 298 37.26 33.99 3.81
CA GLY B 298 37.76 33.35 5.02
C GLY B 298 37.00 32.10 5.45
N VAL B 299 35.71 32.00 5.11
CA VAL B 299 34.95 30.79 5.41
C VAL B 299 34.90 29.84 4.22
N ARG B 300 34.51 30.33 3.04
CA ARG B 300 34.30 29.46 1.88
C ARG B 300 35.60 29.16 1.12
N ASP B 301 36.33 30.19 0.67
CA ASP B 301 37.54 29.95 -0.13
C ASP B 301 38.63 29.25 0.68
N TYR B 302 38.86 29.68 1.92
CA TYR B 302 39.95 29.09 2.68
C TYR B 302 39.59 27.80 3.42
N CYS B 303 38.32 27.60 3.78
CA CYS B 303 37.94 26.59 4.78
C CYS B 303 37.04 25.47 4.28
N ASP B 304 36.25 25.67 3.22
CA ASP B 304 35.54 24.54 2.62
C ASP B 304 36.53 23.41 2.31
N ASN B 305 36.13 22.17 2.61
CA ASN B 305 37.07 21.06 2.50
C ASN B 305 37.47 20.81 1.06
N SER B 306 36.63 21.19 0.12
CA SER B 306 36.91 21.06 -1.31
C SER B 306 37.57 22.31 -1.89
N ARG B 307 37.98 23.27 -1.04
CA ARG B 307 38.68 24.48 -1.45
C ARG B 307 40.10 24.50 -0.88
N TYR B 308 40.50 25.59 -0.21
CA TYR B 308 41.90 25.64 0.21
C TYR B 308 42.17 24.90 1.49
N ASN B 309 41.12 24.65 2.30
CA ASN B 309 41.14 23.65 3.38
C ASN B 309 42.30 23.84 4.35
N ILE B 310 42.37 25.02 4.97
CA ILE B 310 43.50 25.39 5.83
C ILE B 310 43.19 25.25 7.31
N LEU B 311 41.93 24.92 7.67
CA LEU B 311 41.55 24.86 9.08
C LEU B 311 42.55 24.07 9.90
N GLU B 312 42.96 22.90 9.38
CA GLU B 312 43.91 22.07 10.11
C GLU B 312 45.18 22.84 10.44
N GLU B 313 45.76 23.48 9.44
CA GLU B 313 47.06 24.12 9.61
C GLU B 313 46.98 25.27 10.59
N VAL B 314 45.98 26.12 10.43
CA VAL B 314 45.74 27.20 11.37
C VAL B 314 45.56 26.64 12.79
N ALA B 315 44.67 25.65 12.92
CA ALA B 315 44.45 24.98 14.20
C ALA B 315 45.76 24.52 14.83
N LYS B 316 46.58 23.80 14.06
CA LYS B 316 47.90 23.38 14.51
C LYS B 316 48.67 24.53 15.14
N LYS B 317 48.83 25.63 14.39
CA LYS B 317 49.67 26.73 14.87
C LYS B 317 49.06 27.44 16.07
N MET B 318 47.75 27.35 16.23
CA MET B 318 47.10 27.76 17.47
C MET B 318 47.26 26.74 18.59
N ASN B 319 47.89 25.59 18.31
CA ASN B 319 48.09 24.52 19.30
C ASN B 319 46.77 24.02 19.85
N LEU B 320 45.75 24.08 19.01
CA LEU B 320 44.41 23.67 19.40
C LEU B 320 44.35 22.16 19.68
N ASP B 321 43.62 21.79 20.73
CA ASP B 321 43.27 20.38 20.92
C ASP B 321 42.36 19.95 19.76
N MET B 322 42.90 19.13 18.87
CA MET B 322 42.18 18.63 17.71
C MET B 322 41.80 17.17 17.84
N ARG B 323 41.67 16.68 19.08
CA ARG B 323 41.36 15.28 19.32
C ARG B 323 39.89 14.98 19.04
N LYS B 324 38.99 15.77 19.62
CA LYS B 324 37.56 15.58 19.44
C LYS B 324 36.98 16.82 18.77
N THR B 325 35.82 16.65 18.13
CA THR B 325 35.18 17.81 17.52
C THR B 325 34.65 18.77 18.58
N SER B 326 34.17 18.21 19.70
CA SER B 326 33.48 19.02 20.70
C SER B 326 34.38 20.07 21.34
N SER B 327 35.70 19.97 21.20
CA SER B 327 36.58 21.10 21.53
C SER B 327 36.30 22.32 20.68
N LEU B 328 35.56 22.17 19.57
CA LEU B 328 35.27 23.26 18.65
C LEU B 328 36.56 23.87 18.12
N TRP B 329 37.53 23.03 17.82
CA TRP B 329 38.78 23.56 17.32
C TRP B 329 38.60 24.15 15.92
N LYS B 330 37.69 23.61 15.12
CA LYS B 330 37.41 24.19 13.81
C LYS B 330 36.74 25.55 13.95
N ASP B 331 35.74 25.66 14.83
CA ASP B 331 35.07 26.94 15.03
C ASP B 331 36.05 27.99 15.51
N GLN B 332 36.93 27.61 16.44
CA GLN B 332 37.91 28.54 16.97
C GLN B 332 38.86 29.04 15.89
N ALA B 333 39.23 28.16 14.96
CA ALA B 333 40.23 28.51 13.96
C ALA B 333 39.61 29.36 12.86
N LEU B 334 38.36 29.08 12.49
CA LEU B 334 37.66 29.84 11.47
C LEU B 334 37.51 31.31 11.87
N VAL B 335 37.21 31.57 13.15
CA VAL B 335 37.04 32.95 13.57
C VAL B 335 38.33 33.74 13.38
N GLU B 336 39.48 33.13 13.70
CA GLU B 336 40.72 33.87 13.60
C GLU B 336 41.15 34.06 12.16
N ILE B 337 40.83 33.10 11.28
CA ILE B 337 41.05 33.29 9.86
C ILE B 337 40.22 34.46 9.36
N ASN B 338 38.95 34.51 9.73
CA ASN B 338 38.13 35.60 9.21
C ASN B 338 38.48 36.93 9.85
N ILE B 339 39.17 36.92 11.00
CA ILE B 339 39.68 38.16 11.56
C ILE B 339 40.89 38.64 10.76
N ALA B 340 41.71 37.66 10.31
CA ALA B 340 42.91 37.95 9.55
C ALA B 340 42.57 38.59 8.23
N VAL B 341 41.60 38.00 7.52
CA VAL B 341 41.21 38.49 6.19
C VAL B 341 40.69 39.92 6.28
N LEU B 342 39.79 40.21 7.21
CA LEU B 342 39.27 41.58 7.28
C LEU B 342 40.39 42.56 7.62
N TYR B 343 41.18 42.24 8.65
CA TYR B 343 42.31 43.07 9.06
C TYR B 343 43.30 43.33 7.95
N SER B 344 43.31 42.49 6.93
CA SER B 344 44.36 42.58 5.91
C SER B 344 43.91 43.49 4.78
N PHE B 345 42.68 43.26 4.29
CA PHE B 345 42.04 44.19 3.39
C PHE B 345 41.95 45.59 3.99
N GLN B 346 41.55 45.70 5.26
CA GLN B 346 41.47 47.04 5.85
C GLN B 346 42.85 47.68 5.90
N SER B 347 43.88 46.91 6.28
CA SER B 347 45.22 47.48 6.43
C SER B 347 45.77 48.04 5.11
N ASP B 348 45.32 47.49 3.99
CA ASP B 348 45.75 47.88 2.66
C ASP B 348 44.71 48.72 1.94
N LYS B 349 43.75 49.27 2.69
CA LYS B 349 42.72 50.16 2.14
C LYS B 349 42.05 49.57 0.90
N VAL B 350 41.88 48.25 0.90
CA VAL B 350 41.10 47.55 -0.12
C VAL B 350 39.69 47.32 0.42
N THR B 351 38.70 47.75 -0.34
CA THR B 351 37.32 47.70 0.15
C THR B 351 36.89 46.28 0.50
N ILE B 352 36.35 46.13 1.71
CA ILE B 352 35.77 44.86 2.14
C ILE B 352 34.71 45.18 3.17
N VAL B 353 33.82 44.20 3.43
CA VAL B 353 32.76 44.35 4.40
C VAL B 353 32.65 43.07 5.23
N ASP B 354 32.50 43.22 6.55
CA ASP B 354 32.32 42.05 7.40
C ASP B 354 30.87 41.62 7.38
N HIS B 355 30.63 40.38 7.88
CA HIS B 355 29.30 39.80 7.80
C HIS B 355 28.32 40.46 8.75
N HIS B 356 28.78 41.13 9.79
CA HIS B 356 27.81 41.82 10.63
C HIS B 356 27.34 43.10 9.98
N SER B 357 28.28 43.98 9.64
CA SER B 357 27.96 45.21 8.90
C SER B 357 27.10 44.91 7.67
N ALA B 358 27.53 43.93 6.86
CA ALA B 358 26.83 43.59 5.62
C ALA B 358 25.40 43.16 5.86
N THR B 359 25.14 42.32 6.87
CA THR B 359 23.77 41.83 7.04
C THR B 359 22.87 42.92 7.62
N GLU B 360 23.40 43.70 8.57
CA GLU B 360 22.63 44.82 9.10
C GLU B 360 22.23 45.77 7.99
N SER B 361 23.19 46.13 7.11
CA SER B 361 22.85 46.98 5.98
CA SER B 361 22.85 46.98 5.98
C SER B 361 21.73 46.37 5.16
N PHE B 362 21.79 45.07 4.91
CA PHE B 362 20.75 44.43 4.11
C PHE B 362 19.37 44.56 4.74
N ILE B 363 19.26 44.31 6.05
CA ILE B 363 17.96 44.46 6.72
C ILE B 363 17.42 45.87 6.49
N LYS B 364 18.25 46.89 6.74
CA LYS B 364 17.88 48.28 6.45
C LYS B 364 17.44 48.46 4.99
N HIS B 365 18.17 47.87 4.04
CA HIS B 365 17.76 47.92 2.66
C HIS B 365 16.38 47.28 2.47
N MET B 366 16.27 46.01 2.88
CA MET B 366 15.02 45.25 2.77
C MET B 366 13.83 46.02 3.35
N GLU B 367 14.01 46.59 4.54
CA GLU B 367 13.01 47.45 5.16
CA GLU B 367 12.94 47.38 5.10
C GLU B 367 12.62 48.59 4.22
N ASN B 368 13.62 49.28 3.66
CA ASN B 368 13.30 50.44 2.83
C ASN B 368 12.62 50.02 1.54
N GLU B 369 13.06 48.92 0.95
CA GLU B 369 12.40 48.37 -0.23
C GLU B 369 10.94 48.00 0.04
N TYR B 370 10.62 47.46 1.22
CA TYR B 370 9.23 47.18 1.50
C TYR B 370 8.41 48.46 1.49
N ARG B 371 8.97 49.52 2.08
CA ARG B 371 8.28 50.80 2.17
C ARG B 371 8.09 51.43 0.79
N CYS B 372 9.18 51.62 0.05
CA CYS B 372 9.06 52.36 -1.20
C CYS B 372 8.62 51.50 -2.39
N ARG B 373 8.97 50.21 -2.42
CA ARG B 373 8.73 49.38 -3.59
C ARG B 373 7.69 48.30 -3.37
N GLY B 374 7.38 47.95 -2.12
CA GLY B 374 6.37 46.97 -1.77
C GLY B 374 6.85 45.55 -1.57
N GLY B 375 8.14 45.35 -1.39
CA GLY B 375 8.69 44.01 -1.31
C GLY B 375 10.17 44.05 -1.60
N CYS B 376 10.78 42.88 -1.52
CA CYS B 376 12.20 42.72 -1.74
C CYS B 376 12.50 41.23 -1.71
N PRO B 377 12.45 40.55 -2.85
CA PRO B 377 12.68 39.10 -2.86
C PRO B 377 14.05 38.76 -2.28
N ALA B 378 14.09 37.78 -1.38
CA ALA B 378 15.37 37.41 -0.78
C ALA B 378 15.43 35.91 -0.59
N ASP B 379 16.57 35.35 -0.90
CA ASP B 379 16.81 33.93 -0.68
C ASP B 379 17.54 33.78 0.66
N TRP B 380 16.79 33.33 1.69
CA TRP B 380 17.36 33.20 3.03
C TRP B 380 18.60 32.30 3.01
N VAL B 381 18.50 31.14 2.36
CA VAL B 381 19.57 30.16 2.31
C VAL B 381 20.89 30.77 1.82
N TRP B 382 20.83 31.83 1.00
CA TRP B 382 22.03 32.52 0.52
C TRP B 382 22.32 33.82 1.28
N ILE B 383 21.29 34.56 1.68
CA ILE B 383 21.54 35.79 2.44
C ILE B 383 22.26 35.49 3.74
N VAL B 384 21.84 34.45 4.48
CA VAL B 384 22.48 34.25 5.80
C VAL B 384 23.97 33.87 5.60
N PRO B 385 24.90 34.50 6.31
CA PRO B 385 26.31 34.19 6.07
C PRO B 385 26.68 32.82 6.61
N PRO B 386 27.68 32.16 6.03
CA PRO B 386 28.00 30.78 6.38
C PRO B 386 28.81 30.59 7.66
N MET B 387 28.94 31.62 8.50
CA MET B 387 29.40 31.46 9.88
C MET B 387 28.58 32.39 10.77
N SER B 388 28.52 32.04 12.06
CA SER B 388 27.88 32.89 13.06
C SER B 388 26.46 33.32 12.69
N GLY B 389 25.73 32.46 12.00
CA GLY B 389 24.42 32.83 11.46
C GLY B 389 23.49 33.60 12.38
N SER B 390 23.04 32.96 13.47
CA SER B 390 21.95 33.56 14.24
C SER B 390 22.38 34.80 15.00
N ILE B 391 23.67 35.16 15.03
CA ILE B 391 23.98 36.43 15.65
C ILE B 391 23.98 37.58 14.64
N THR B 392 23.66 37.31 13.33
CA THR B 392 23.41 38.34 12.32
C THR B 392 21.92 38.54 12.11
N PRO B 393 21.47 39.76 11.82
CA PRO B 393 20.02 40.05 11.91
C PRO B 393 19.21 39.36 10.85
N VAL B 394 19.83 38.84 9.79
CA VAL B 394 19.01 38.28 8.72
C VAL B 394 18.45 36.90 9.14
N PHE B 395 19.17 36.19 10.01
CA PHE B 395 18.75 34.86 10.43
C PHE B 395 17.32 34.88 10.94
N HIS B 396 16.99 35.86 11.75
CA HIS B 396 15.69 35.94 12.38
C HIS B 396 14.66 36.60 11.49
N GLN B 397 15.02 36.88 10.25
CA GLN B 397 14.20 37.66 9.32
C GLN B 397 13.51 36.70 8.37
N GLU B 398 12.18 36.61 8.46
CA GLU B 398 11.41 35.94 7.42
C GLU B 398 11.61 36.67 6.08
N MET B 399 11.79 35.90 5.02
CA MET B 399 11.96 36.43 3.68
C MET B 399 11.06 35.70 2.71
N LEU B 400 10.61 36.42 1.70
CA LEU B 400 9.88 35.84 0.59
C LEU B 400 10.81 35.77 -0.62
N ASN B 401 10.71 34.67 -1.37
CA ASN B 401 11.54 34.48 -2.55
C ASN B 401 10.66 34.34 -3.78
N TYR B 402 10.89 35.20 -4.76
CA TYR B 402 10.21 35.11 -6.05
C TYR B 402 11.12 35.76 -7.09
N ARG B 403 10.84 35.47 -8.36
CA ARG B 403 11.67 35.90 -9.47
C ARG B 403 11.06 37.13 -10.15
N LEU B 404 11.70 38.28 -9.95
CA LEU B 404 11.38 39.50 -10.69
C LEU B 404 12.33 39.65 -11.87
N THR B 405 11.79 40.08 -12.95
CA THR B 405 12.58 40.45 -14.11
C THR B 405 12.70 41.96 -14.20
N PRO B 406 13.81 42.51 -14.74
CA PRO B 406 15.03 41.90 -15.27
C PRO B 406 15.78 41.14 -14.20
N SER B 407 16.62 40.19 -14.61
CA SER B 407 17.20 39.26 -13.65
C SER B 407 18.49 38.69 -14.20
N PHE B 408 19.42 38.37 -13.30
CA PHE B 408 20.52 37.49 -13.62
C PHE B 408 20.06 36.04 -13.48
N GLU B 409 20.52 35.20 -14.39
CA GLU B 409 20.12 33.81 -14.49
C GLU B 409 21.36 32.96 -14.71
N TYR B 410 21.31 31.70 -14.26
CA TYR B 410 22.38 30.79 -14.56
C TYR B 410 22.26 30.34 -16.01
N GLN B 411 23.36 29.88 -16.57
CA GLN B 411 23.35 29.39 -17.94
C GLN B 411 24.37 28.28 -18.05
N PRO B 412 24.24 27.39 -19.02
CA PRO B 412 25.14 26.24 -19.08
C PRO B 412 26.59 26.67 -19.26
N ASP B 413 27.49 25.78 -18.86
CA ASP B 413 28.91 26.04 -19.00
C ASP B 413 29.29 25.94 -20.48
N PRO B 414 29.93 26.98 -21.03
CA PRO B 414 30.09 27.05 -22.48
C PRO B 414 30.82 25.85 -23.05
N TRP B 415 31.77 25.29 -22.31
CA TRP B 415 32.45 24.12 -22.85
C TRP B 415 31.53 22.91 -22.97
N ASN B 416 30.35 22.92 -22.32
CA ASN B 416 29.39 21.83 -22.51
C ASN B 416 28.50 22.04 -23.71
N THR B 417 28.47 23.24 -24.27
CA THR B 417 27.53 23.61 -25.32
C THR B 417 28.21 23.96 -26.62
N HIS B 418 29.33 24.67 -26.56
CA HIS B 418 30.03 25.13 -27.76
C HIS B 418 30.34 23.96 -28.68
N VAL B 419 30.24 24.21 -29.98
CA VAL B 419 30.70 23.25 -31.00
C VAL B 419 31.88 23.87 -31.73
N TRP B 420 33.01 23.17 -31.72
CA TRP B 420 34.30 23.69 -32.11
C TRP B 420 34.50 23.69 -33.63
N LYS B 421 35.40 24.57 -34.08
CA LYS B 421 36.00 24.44 -35.43
C LYS B 421 37.47 24.90 -35.50
N PRO C 2 -16.80 -10.88 10.08
CA PRO C 2 -17.20 -9.46 9.93
C PRO C 2 -18.70 -9.31 10.11
N ARG C 3 -19.18 -8.14 10.54
CA ARG C 3 -20.56 -8.01 11.01
C ARG C 3 -21.59 -8.48 9.99
N PHE C 4 -21.29 -8.38 8.70
CA PHE C 4 -22.21 -8.81 7.66
C PHE C 4 -21.41 -9.49 6.55
N LEU C 5 -21.90 -10.63 6.07
CA LEU C 5 -21.38 -11.26 4.87
C LEU C 5 -22.55 -11.51 3.93
N LYS C 6 -22.34 -11.22 2.66
CA LYS C 6 -23.40 -11.32 1.67
C LYS C 6 -23.21 -12.58 0.83
N VAL C 7 -24.31 -13.21 0.46
CA VAL C 7 -24.30 -14.32 -0.49
C VAL C 7 -25.25 -13.96 -1.61
N LYS C 8 -24.89 -14.37 -2.83
CA LYS C 8 -25.67 -14.05 -4.01
C LYS C 8 -26.11 -15.35 -4.67
N ASN C 9 -27.33 -15.35 -5.19
CA ASN C 9 -27.82 -16.40 -6.06
C ASN C 9 -27.64 -15.93 -7.49
N TRP C 10 -26.83 -16.65 -8.24
CA TRP C 10 -26.43 -16.19 -9.56
C TRP C 10 -27.48 -16.47 -10.62
N GLU C 11 -28.53 -17.22 -10.29
CA GLU C 11 -29.66 -17.42 -11.19
C GLU C 11 -30.77 -16.40 -10.96
N THR C 12 -31.05 -16.05 -9.71
CA THR C 12 -32.15 -15.17 -9.36
C THR C 12 -31.72 -13.76 -9.01
N GLU C 13 -30.43 -13.48 -8.94
CA GLU C 13 -29.84 -12.23 -8.46
C GLU C 13 -30.15 -11.93 -6.99
N VAL C 14 -30.91 -12.79 -6.29
CA VAL C 14 -31.20 -12.56 -4.88
C VAL C 14 -29.91 -12.52 -4.05
N VAL C 15 -29.83 -11.56 -3.13
CA VAL C 15 -28.71 -11.44 -2.20
C VAL C 15 -29.23 -11.58 -0.78
N LEU C 16 -28.50 -12.34 0.05
CA LEU C 16 -28.85 -12.52 1.46
C LEU C 16 -27.66 -12.08 2.31
N THR C 17 -27.94 -11.78 3.58
CA THR C 17 -26.96 -11.16 4.46
C THR C 17 -26.72 -12.05 5.67
N ASP C 18 -25.50 -12.54 5.80
CA ASP C 18 -25.20 -13.47 6.89
C ASP C 18 -24.61 -12.71 8.06
N THR C 19 -25.44 -12.46 9.05
CA THR C 19 -25.02 -12.61 10.42
C THR C 19 -25.31 -14.04 10.84
N LEU C 20 -24.86 -14.42 12.03
CA LEU C 20 -24.91 -15.78 12.59
C LEU C 20 -23.54 -16.42 12.44
N HIS C 21 -22.85 -16.15 11.34
CA HIS C 21 -21.46 -16.60 11.24
C HIS C 21 -20.60 -16.04 12.37
N LEU C 22 -21.03 -14.95 13.01
CA LEU C 22 -20.36 -14.48 14.23
C LEU C 22 -20.65 -15.35 15.45
N LYS C 23 -21.44 -16.42 15.31
CA LYS C 23 -21.62 -17.39 16.36
C LYS C 23 -20.81 -18.67 16.13
N SER C 24 -20.08 -18.77 15.02
CA SER C 24 -19.33 -19.97 14.70
C SER C 24 -18.23 -20.22 15.74
N THR C 25 -17.58 -21.39 15.66
CA THR C 25 -16.63 -21.79 16.69
C THR C 25 -15.49 -22.69 16.22
N LEU C 26 -15.80 -23.92 15.83
CA LEU C 26 -14.75 -24.88 15.57
C LEU C 26 -14.03 -24.51 14.27
N GLU C 27 -12.93 -25.20 14.04
CA GLU C 27 -12.24 -25.08 12.78
C GLU C 27 -13.13 -25.51 11.63
N THR C 28 -13.16 -24.71 10.57
CA THR C 28 -13.57 -25.22 9.26
C THR C 28 -12.54 -26.19 8.74
N GLY C 29 -11.26 -25.92 8.98
CA GLY C 29 -10.18 -26.60 8.33
C GLY C 29 -9.51 -25.73 7.29
N CYS C 30 -10.16 -24.64 6.92
CA CYS C 30 -9.58 -23.67 6.02
C CYS C 30 -8.69 -22.70 6.78
N THR C 31 -7.65 -22.27 6.12
CA THR C 31 -6.80 -21.19 6.58
C THR C 31 -6.96 -20.02 5.61
N GLU C 32 -6.39 -18.88 6.01
CA GLU C 32 -6.41 -17.71 5.14
C GLU C 32 -5.78 -18.00 3.78
N TYR C 33 -4.83 -18.93 3.71
CA TYR C 33 -4.07 -19.20 2.49
C TYR C 33 -4.44 -20.49 1.77
N ILE C 34 -5.38 -21.28 2.28
CA ILE C 34 -5.76 -22.53 1.61
C ILE C 34 -7.17 -22.89 2.02
N CYS C 35 -7.92 -23.48 1.08
CA CYS C 35 -9.29 -23.89 1.34
C CYS C 35 -9.40 -25.40 1.23
N MET C 36 -10.02 -26.02 2.23
CA MET C 36 -10.18 -27.47 2.30
C MET C 36 -11.61 -27.91 2.09
N GLY C 37 -12.47 -27.05 1.54
CA GLY C 37 -13.90 -27.29 1.41
C GLY C 37 -14.37 -28.51 0.62
N SER C 38 -13.45 -29.30 0.06
CA SER C 38 -13.76 -30.57 -0.58
C SER C 38 -13.08 -31.74 0.11
N ILE C 39 -12.26 -31.47 1.13
CA ILE C 39 -11.75 -32.52 2.00
C ILE C 39 -12.88 -33.09 2.85
N MET C 40 -13.01 -34.42 2.82
CA MET C 40 -14.12 -35.07 3.53
C MET C 40 -14.08 -34.82 5.04
N HIS C 41 -12.93 -35.09 5.69
CA HIS C 41 -12.88 -35.03 7.16
C HIS C 41 -11.85 -34.00 7.65
N PRO C 42 -12.12 -33.29 8.76
CA PRO C 42 -11.19 -32.25 9.20
C PRO C 42 -9.88 -32.78 9.77
N PRO C 49 -8.97 -42.42 24.52
CA PRO C 49 -10.08 -42.38 25.48
C PRO C 49 -10.21 -41.04 26.20
N GLU C 50 -9.16 -40.63 26.91
CA GLU C 50 -9.19 -39.44 27.75
C GLU C 50 -9.26 -38.15 26.95
N ASP C 51 -9.70 -38.23 25.69
CA ASP C 51 -9.96 -37.04 24.90
C ASP C 51 -11.22 -36.32 25.40
N VAL C 52 -11.56 -36.52 26.68
CA VAL C 52 -12.77 -35.98 27.30
C VAL C 52 -12.46 -34.59 27.84
N ALA C 53 -13.50 -33.75 27.84
CA ALA C 53 -13.38 -32.38 28.32
C ALA C 53 -13.00 -32.34 29.81
N THR C 54 -12.28 -31.30 30.19
CA THR C 54 -11.98 -31.02 31.58
C THR C 54 -13.14 -30.26 32.22
N LYS C 55 -13.05 -30.04 33.54
CA LYS C 55 -14.03 -29.17 34.19
C LYS C 55 -14.00 -27.78 33.58
N ASP C 56 -12.79 -27.25 33.36
CA ASP C 56 -12.60 -25.87 32.92
C ASP C 56 -12.99 -25.67 31.46
N GLN C 57 -12.87 -26.70 30.62
CA GLN C 57 -13.41 -26.64 29.27
C GLN C 57 -14.95 -26.71 29.28
N LEU C 58 -15.52 -27.39 30.27
CA LEU C 58 -16.95 -27.73 30.23
C LEU C 58 -17.84 -26.54 30.60
N PHE C 59 -17.51 -25.83 31.68
CA PHE C 59 -18.34 -24.69 32.10
C PHE C 59 -18.65 -23.77 30.92
N PRO C 60 -17.66 -23.16 30.22
CA PRO C 60 -18.03 -22.24 29.14
C PRO C 60 -18.87 -22.86 28.03
N LEU C 61 -18.61 -24.12 27.65
CA LEU C 61 -19.45 -24.72 26.62
C LEU C 61 -20.88 -24.89 27.13
N ALA C 62 -21.01 -25.33 28.38
CA ALA C 62 -22.35 -25.56 28.93
C ALA C 62 -23.09 -24.24 29.08
N LYS C 63 -22.44 -23.24 29.67
CA LYS C 63 -23.07 -21.94 29.87
C LYS C 63 -23.55 -21.37 28.56
N GLU C 64 -22.72 -21.44 27.53
CA GLU C 64 -23.11 -20.88 26.24
C GLU C 64 -24.34 -21.60 25.71
N PHE C 65 -24.37 -22.93 25.79
CA PHE C 65 -25.54 -23.67 25.34
C PHE C 65 -26.77 -23.29 26.16
N ILE C 66 -26.63 -23.21 27.47
CA ILE C 66 -27.80 -22.91 28.31
C ILE C 66 -28.35 -21.53 27.93
N ASP C 67 -27.48 -20.50 27.89
CA ASP C 67 -27.85 -19.20 27.34
C ASP C 67 -28.58 -19.33 26.00
N GLN C 68 -28.02 -20.14 25.11
CA GLN C 68 -28.65 -20.36 23.82
C GLN C 68 -30.06 -20.91 23.97
N TYR C 69 -30.22 -21.96 24.80
CA TYR C 69 -31.54 -22.56 25.05
C TYR C 69 -32.53 -21.53 25.61
N TYR C 70 -32.12 -20.83 26.66
CA TYR C 70 -33.04 -19.89 27.27
C TYR C 70 -33.32 -18.69 26.37
N SER C 71 -32.36 -18.30 25.54
CA SER C 71 -32.64 -17.24 24.57
C SER C 71 -33.71 -17.68 23.59
N SER C 72 -33.72 -18.97 23.22
CA SER C 72 -34.70 -19.50 22.28
C SER C 72 -36.11 -19.55 22.87
N ILE C 73 -36.24 -19.86 24.15
CA ILE C 73 -37.59 -19.97 24.72
C ILE C 73 -38.02 -18.65 25.33
N LYS C 74 -37.37 -17.55 24.91
CA LYS C 74 -37.78 -16.19 25.30
C LYS C 74 -37.76 -16.00 26.83
N ARG C 75 -36.79 -16.64 27.49
CA ARG C 75 -36.66 -16.56 28.94
C ARG C 75 -35.25 -16.12 29.36
N PHE C 76 -34.52 -15.47 28.45
CA PHE C 76 -33.14 -15.10 28.70
C PHE C 76 -33.08 -14.14 29.87
N GLY C 77 -32.16 -14.40 30.78
CA GLY C 77 -32.02 -13.62 31.99
C GLY C 77 -33.06 -13.85 33.05
N SER C 78 -33.94 -14.85 32.89
CA SER C 78 -34.98 -15.12 33.87
C SER C 78 -34.38 -15.74 35.13
N LYS C 79 -35.20 -15.88 36.16
CA LYS C 79 -34.73 -16.62 37.32
C LYS C 79 -34.52 -18.09 36.97
N ALA C 80 -35.39 -18.66 36.13
CA ALA C 80 -35.17 -20.02 35.65
C ALA C 80 -33.82 -20.12 34.94
N HIS C 81 -33.56 -19.17 34.05
CA HIS C 81 -32.28 -19.13 33.37
C HIS C 81 -31.11 -19.10 34.36
N MET C 82 -31.19 -18.24 35.38
CA MET C 82 -30.08 -18.14 36.33
C MET C 82 -29.95 -19.37 37.22
N GLU C 83 -31.08 -20.00 37.58
CA GLU C 83 -31.02 -21.18 38.45
C GLU C 83 -30.44 -22.39 37.72
N ARG C 84 -30.78 -22.55 36.45
CA ARG C 84 -30.20 -23.64 35.67
C ARG C 84 -28.69 -23.45 35.53
N LEU C 85 -28.26 -22.23 35.20
CA LEU C 85 -26.85 -21.90 35.13
C LEU C 85 -26.12 -22.27 36.41
N GLU C 86 -26.68 -21.87 37.55
CA GLU C 86 -26.13 -22.24 38.85
C GLU C 86 -26.16 -23.76 39.03
N GLU C 87 -27.30 -24.38 38.75
CA GLU C 87 -27.40 -25.83 38.82
C GLU C 87 -26.31 -26.52 37.99
N VAL C 88 -26.15 -26.10 36.73
CA VAL C 88 -25.15 -26.75 35.88
C VAL C 88 -23.75 -26.51 36.42
N ASN C 89 -23.47 -25.29 36.90
CA ASN C 89 -22.12 -24.98 37.36
C ASN C 89 -21.71 -25.86 38.52
N LYS C 90 -22.68 -26.18 39.41
CA LYS C 90 -22.39 -27.03 40.56
C LYS C 90 -22.18 -28.47 40.14
N GLU C 91 -23.03 -28.96 39.23
CA GLU C 91 -22.88 -30.33 38.76
C GLU C 91 -21.51 -30.55 38.15
N ILE C 92 -21.12 -29.69 37.20
CA ILE C 92 -19.79 -29.79 36.62
C ILE C 92 -18.74 -29.76 37.72
N ASP C 93 -18.95 -28.93 38.74
CA ASP C 93 -17.92 -28.75 39.75
C ASP C 93 -17.83 -29.97 40.67
N THR C 94 -18.96 -30.60 41.00
CA THR C 94 -18.90 -31.74 41.90
C THR C 94 -18.74 -33.06 41.16
N THR C 95 -19.55 -33.31 40.14
CA THR C 95 -19.55 -34.60 39.45
C THR C 95 -18.69 -34.61 38.18
N SER C 96 -18.03 -33.49 37.84
CA SER C 96 -17.16 -33.31 36.69
C SER C 96 -17.92 -33.32 35.37
N THR C 97 -19.23 -33.58 35.38
CA THR C 97 -20.08 -33.49 34.20
C THR C 97 -21.43 -32.93 34.65
N TYR C 98 -22.42 -32.96 33.76
CA TYR C 98 -23.78 -32.56 34.12
C TYR C 98 -24.73 -33.25 33.17
N GLN C 99 -26.02 -33.24 33.52
CA GLN C 99 -27.07 -33.92 32.77
C GLN C 99 -28.02 -32.90 32.18
N LEU C 100 -28.49 -33.16 30.96
CA LEU C 100 -29.39 -32.24 30.30
C LEU C 100 -30.83 -32.56 30.71
N LYS C 101 -31.58 -31.52 31.06
CA LYS C 101 -33.01 -31.62 31.12
C LYS C 101 -33.55 -32.21 29.82
N ASP C 102 -34.76 -32.79 29.85
CA ASP C 102 -35.29 -33.40 28.64
C ASP C 102 -35.64 -32.35 27.61
N THR C 103 -36.13 -31.20 28.05
CA THR C 103 -36.39 -30.11 27.13
C THR C 103 -35.10 -29.65 26.44
N GLU C 104 -33.99 -29.69 27.17
CA GLU C 104 -32.70 -29.27 26.64
C GLU C 104 -32.16 -30.28 25.64
N LEU C 105 -32.36 -31.57 25.92
CA LEU C 105 -31.92 -32.61 24.99
C LEU C 105 -32.67 -32.53 23.68
N ILE C 106 -33.95 -32.19 23.73
CA ILE C 106 -34.72 -32.14 22.50
C ILE C 106 -34.32 -30.93 21.66
N TYR C 107 -34.15 -29.78 22.32
CA TYR C 107 -33.74 -28.57 21.62
C TYR C 107 -32.39 -28.79 20.95
N GLY C 108 -31.44 -29.36 21.69
CA GLY C 108 -30.12 -29.61 21.15
C GLY C 108 -30.15 -30.57 19.98
N ALA C 109 -30.93 -31.65 20.09
CA ALA C 109 -31.02 -32.58 18.96
C ALA C 109 -31.53 -31.85 17.73
N LYS C 110 -32.64 -31.14 17.89
CA LYS C 110 -33.18 -30.44 16.73
C LYS C 110 -32.16 -29.45 16.19
N HIS C 111 -31.50 -28.72 17.08
CA HIS C 111 -30.57 -27.72 16.60
C HIS C 111 -29.31 -28.34 16.03
N ALA C 112 -28.96 -29.57 16.42
CA ALA C 112 -27.85 -30.21 15.74
C ALA C 112 -28.22 -30.52 14.29
N TRP C 113 -29.45 -30.99 14.07
CA TRP C 113 -29.93 -31.15 12.70
C TRP C 113 -29.97 -29.80 11.98
N ARG C 114 -30.51 -28.78 12.62
CA ARG C 114 -30.62 -27.46 12.02
C ARG C 114 -29.26 -26.95 11.55
N ASN C 115 -28.21 -27.28 12.28
CA ASN C 115 -26.87 -26.83 12.05
C ASN C 115 -26.07 -27.74 11.13
N ALA C 116 -26.66 -28.83 10.64
CA ALA C 116 -25.89 -29.80 9.87
C ALA C 116 -25.64 -29.24 8.47
N SER C 117 -24.44 -28.70 8.24
CA SER C 117 -24.22 -27.89 7.03
CA SER C 117 -24.22 -27.89 7.03
C SER C 117 -24.33 -28.73 5.76
N ARG C 118 -24.04 -30.03 5.85
CA ARG C 118 -24.09 -30.93 4.70
C ARG C 118 -25.45 -31.54 4.44
N CYS C 119 -26.51 -31.10 5.13
CA CYS C 119 -27.82 -31.75 5.00
C CYS C 119 -28.77 -30.86 4.21
N VAL C 120 -29.22 -31.36 3.06
CA VAL C 120 -30.14 -30.64 2.19
C VAL C 120 -31.57 -30.63 2.67
N GLY C 121 -31.94 -31.47 3.63
CA GLY C 121 -33.34 -31.63 3.96
C GLY C 121 -33.76 -30.93 5.23
N ARG C 122 -32.97 -29.96 5.68
CA ARG C 122 -33.15 -29.31 6.95
C ARG C 122 -34.41 -28.45 7.01
N ILE C 123 -35.18 -28.33 5.94
CA ILE C 123 -36.43 -27.61 6.12
C ILE C 123 -37.31 -28.35 7.13
N GLN C 124 -37.02 -29.63 7.36
CA GLN C 124 -37.80 -30.48 8.26
C GLN C 124 -37.27 -30.50 9.69
N TRP C 125 -36.36 -29.60 10.03
CA TRP C 125 -35.52 -29.79 11.22
C TRP C 125 -36.32 -29.82 12.52
N SER C 126 -37.36 -28.99 12.64
CA SER C 126 -38.03 -28.88 13.93
C SER C 126 -39.12 -29.91 14.11
N LYS C 127 -39.33 -30.79 13.14
CA LYS C 127 -40.27 -31.88 13.24
C LYS C 127 -39.45 -33.16 13.32
N LEU C 128 -38.81 -33.33 14.47
CA LEU C 128 -37.92 -34.45 14.75
C LEU C 128 -38.40 -35.14 16.03
N GLN C 129 -38.69 -36.43 15.95
CA GLN C 129 -39.05 -37.20 17.14
C GLN C 129 -37.79 -37.61 17.88
N VAL C 130 -37.70 -37.27 19.17
CA VAL C 130 -36.47 -37.53 19.94
C VAL C 130 -36.76 -38.61 20.98
N PHE C 131 -36.00 -39.70 20.94
CA PHE C 131 -36.17 -40.78 21.91
C PHE C 131 -35.03 -40.73 22.91
N ASP C 132 -35.36 -40.38 24.15
CA ASP C 132 -34.41 -40.35 25.26
C ASP C 132 -34.09 -41.76 25.70
N ALA C 133 -32.91 -42.20 25.39
CA ALA C 133 -32.50 -43.54 25.72
C ALA C 133 -31.30 -43.49 26.65
N ARG C 134 -31.19 -42.42 27.43
CA ARG C 134 -30.08 -42.27 28.37
C ARG C 134 -30.21 -43.16 29.63
N ASP C 135 -31.30 -43.91 29.80
CA ASP C 135 -31.39 -44.85 30.91
C ASP C 135 -30.87 -46.23 30.54
N CYS C 136 -30.42 -46.40 29.29
CA CYS C 136 -29.95 -47.68 28.78
C CYS C 136 -28.62 -48.04 29.43
N THR C 137 -28.40 -49.35 29.63
CA THR C 137 -27.19 -49.86 30.26
C THR C 137 -26.57 -51.06 29.57
N THR C 138 -27.22 -51.64 28.56
CA THR C 138 -26.74 -52.87 27.95
C THR C 138 -27.04 -52.86 26.47
N ALA C 139 -26.30 -53.70 25.75
CA ALA C 139 -26.51 -53.84 24.32
C ALA C 139 -27.91 -54.34 24.00
N HIS C 140 -28.42 -55.30 24.78
CA HIS C 140 -29.79 -55.75 24.62
C HIS C 140 -30.76 -54.60 24.79
N GLY C 141 -30.53 -53.77 25.82
CA GLY C 141 -31.32 -52.55 25.94
C GLY C 141 -31.23 -51.73 24.67
N MET C 142 -30.01 -51.50 24.17
CA MET C 142 -29.82 -50.77 22.92
C MET C 142 -30.65 -51.38 21.79
N PHE C 143 -30.56 -52.71 21.61
CA PHE C 143 -31.29 -53.35 20.51
C PHE C 143 -32.79 -53.05 20.61
N ASN C 144 -33.34 -53.01 21.81
CA ASN C 144 -34.76 -52.77 21.96
C ASN C 144 -35.11 -51.34 21.58
N TYR C 145 -34.28 -50.39 22.03
CA TYR C 145 -34.49 -48.98 21.71
C TYR C 145 -34.39 -48.73 20.19
N ILE C 146 -33.45 -49.38 19.52
CA ILE C 146 -33.26 -49.17 18.08
C ILE C 146 -34.45 -49.76 17.31
N CYS C 147 -34.93 -50.94 17.72
CA CYS C 147 -36.07 -51.57 17.07
C CYS C 147 -37.29 -50.67 17.12
N ASN C 148 -37.55 -50.11 18.30
CA ASN C 148 -38.66 -49.17 18.45
C ASN C 148 -38.46 -47.95 17.56
N HIS C 149 -37.23 -47.47 17.44
CA HIS C 149 -36.93 -46.38 16.50
C HIS C 149 -37.25 -46.81 15.06
N VAL C 150 -36.69 -47.94 14.60
CA VAL C 150 -36.94 -48.35 13.21
C VAL C 150 -38.42 -48.39 12.92
N LYS C 151 -39.18 -49.07 13.78
CA LYS C 151 -40.62 -49.23 13.58
C LYS C 151 -41.32 -47.88 13.60
N TYR C 152 -41.00 -47.03 14.57
CA TYR C 152 -41.64 -45.72 14.62
C TYR C 152 -41.33 -44.91 13.37
N ALA C 153 -40.06 -44.85 12.98
CA ALA C 153 -39.63 -44.06 11.83
C ALA C 153 -40.23 -44.61 10.54
N THR C 154 -40.17 -45.93 10.37
CA THR C 154 -40.64 -46.55 9.14
C THR C 154 -42.13 -46.30 8.93
N ASN C 155 -42.95 -46.60 9.94
CA ASN C 155 -44.36 -46.20 9.97
C ASN C 155 -45.10 -46.67 8.72
N LYS C 156 -44.81 -47.90 8.30
CA LYS C 156 -45.45 -48.54 7.14
C LYS C 156 -45.22 -47.76 5.84
N GLY C 157 -44.10 -47.03 5.74
CA GLY C 157 -43.73 -46.34 4.52
C GLY C 157 -44.01 -44.87 4.54
N ASN C 158 -44.59 -44.36 5.61
CA ASN C 158 -44.84 -42.94 5.76
C ASN C 158 -43.81 -42.36 6.72
N LEU C 159 -42.57 -42.30 6.22
CA LEU C 159 -41.41 -42.12 7.11
C LEU C 159 -41.56 -40.88 7.98
N ARG C 160 -41.00 -40.96 9.19
CA ARG C 160 -40.99 -39.89 10.17
C ARG C 160 -39.58 -39.76 10.70
N SER C 161 -39.03 -38.56 10.64
CA SER C 161 -37.65 -38.41 11.11
C SER C 161 -37.59 -38.70 12.60
N ALA C 162 -36.50 -39.31 13.05
CA ALA C 162 -36.35 -39.48 14.49
C ALA C 162 -34.89 -39.70 14.81
N ILE C 163 -34.56 -39.50 16.09
CA ILE C 163 -33.24 -39.72 16.66
C ILE C 163 -33.41 -40.48 17.97
N THR C 164 -32.48 -41.39 18.27
CA THR C 164 -32.42 -42.05 19.57
C THR C 164 -31.08 -41.78 20.21
N ILE C 165 -31.09 -41.19 21.41
CA ILE C 165 -29.91 -40.70 22.08
C ILE C 165 -29.57 -41.58 23.29
N PHE C 166 -28.39 -42.16 23.28
CA PHE C 166 -27.91 -43.07 24.31
C PHE C 166 -27.03 -42.34 25.30
N PRO C 167 -26.54 -42.99 26.35
CA PRO C 167 -25.80 -42.26 27.39
C PRO C 167 -24.61 -41.48 26.85
N GLN C 168 -24.45 -40.26 27.37
CA GLN C 168 -23.35 -39.41 26.95
C GLN C 168 -22.02 -39.99 27.43
N ARG C 169 -20.95 -39.61 26.73
CA ARG C 169 -19.61 -40.08 27.09
C ARG C 169 -19.26 -39.67 28.52
N THR C 170 -18.42 -40.47 29.17
CA THR C 170 -17.99 -40.16 30.53
C THR C 170 -16.49 -39.98 30.52
N ASP C 171 -15.71 -40.98 30.91
CA ASP C 171 -14.26 -40.89 30.85
C ASP C 171 -13.68 -41.32 29.51
N GLY C 172 -14.52 -41.54 28.48
CA GLY C 172 -14.08 -42.10 27.24
C GLY C 172 -13.88 -43.60 27.22
N LYS C 173 -13.72 -44.24 28.39
CA LYS C 173 -13.59 -45.68 28.46
C LYS C 173 -14.91 -46.43 28.49
N HIS C 174 -16.05 -45.74 28.52
CA HIS C 174 -17.33 -46.43 28.67
C HIS C 174 -18.31 -45.99 27.61
N ASP C 175 -17.85 -45.78 26.37
CA ASP C 175 -18.72 -45.22 25.36
C ASP C 175 -19.80 -46.21 24.95
N PHE C 176 -20.97 -45.67 24.62
CA PHE C 176 -21.98 -46.39 23.86
C PHE C 176 -21.74 -46.12 22.38
N ARG C 177 -21.62 -47.20 21.58
CA ARG C 177 -21.43 -47.09 20.15
C ARG C 177 -22.35 -48.04 19.41
N VAL C 178 -22.93 -47.53 18.32
CA VAL C 178 -23.46 -48.36 17.25
C VAL C 178 -22.34 -48.57 16.23
N TRP C 179 -21.85 -49.80 16.12
CA TRP C 179 -20.74 -50.05 15.22
C TRP C 179 -21.16 -50.06 13.76
N ASN C 180 -22.44 -50.23 13.47
CA ASN C 180 -22.93 -50.02 12.12
C ASN C 180 -22.88 -48.55 11.77
N SER C 181 -22.46 -48.26 10.53
CA SER C 181 -22.52 -46.88 10.02
C SER C 181 -23.94 -46.48 9.66
N GLN C 182 -24.76 -47.42 9.20
CA GLN C 182 -26.20 -47.15 9.13
C GLN C 182 -26.94 -48.32 9.76
N LEU C 183 -28.13 -48.05 10.32
CA LEU C 183 -28.84 -49.13 11.02
C LEU C 183 -29.24 -50.23 10.05
N ILE C 184 -29.62 -49.87 8.82
CA ILE C 184 -29.93 -50.81 7.76
C ILE C 184 -28.93 -50.64 6.63
N ARG C 185 -28.13 -51.68 6.36
CA ARG C 185 -27.19 -51.72 5.24
C ARG C 185 -27.09 -53.14 4.75
N TYR C 186 -26.68 -53.32 3.49
CA TYR C 186 -26.52 -54.66 2.93
C TYR C 186 -25.07 -55.11 3.05
N ALA C 187 -24.88 -56.34 3.51
CA ALA C 187 -23.57 -56.95 3.55
C ALA C 187 -22.94 -56.93 2.17
N GLY C 188 -21.62 -57.01 2.15
CA GLY C 188 -20.86 -57.24 0.95
C GLY C 188 -19.78 -58.25 1.26
N TYR C 189 -19.52 -59.18 0.35
CA TYR C 189 -18.61 -60.28 0.59
C TYR C 189 -17.57 -60.28 -0.52
N LYS C 190 -16.31 -60.11 -0.15
CA LYS C 190 -15.22 -60.24 -1.12
C LYS C 190 -15.07 -61.71 -1.53
N GLN C 191 -14.73 -61.93 -2.79
CA GLN C 191 -14.59 -63.28 -3.30
C GLN C 191 -13.11 -63.64 -3.47
N PRO C 192 -12.76 -64.92 -3.53
CA PRO C 192 -11.35 -65.28 -3.72
C PRO C 192 -10.76 -64.71 -4.99
N ASP C 193 -11.61 -64.33 -5.95
CA ASP C 193 -11.19 -63.94 -7.30
C ASP C 193 -11.14 -62.43 -7.47
N GLY C 194 -11.36 -61.66 -6.41
CA GLY C 194 -11.37 -60.22 -6.47
C GLY C 194 -12.74 -59.60 -6.69
N SER C 195 -13.67 -60.35 -7.30
CA SER C 195 -15.03 -59.84 -7.48
C SER C 195 -15.68 -59.63 -6.11
N THR C 196 -16.85 -58.98 -6.13
CA THR C 196 -17.55 -58.66 -4.89
C THR C 196 -19.04 -58.96 -5.02
N LEU C 197 -19.57 -59.68 -4.03
CA LEU C 197 -21.00 -59.94 -3.93
C LEU C 197 -21.60 -58.97 -2.92
N GLY C 198 -22.74 -58.37 -3.27
CA GLY C 198 -23.36 -57.40 -2.39
C GLY C 198 -22.80 -55.99 -2.54
N ASP C 199 -22.88 -55.25 -1.45
CA ASP C 199 -22.47 -53.85 -1.41
C ASP C 199 -20.97 -53.78 -1.09
N PRO C 200 -20.13 -53.36 -2.04
CA PRO C 200 -18.67 -53.38 -1.81
C PRO C 200 -18.21 -52.42 -0.74
N ALA C 201 -19.01 -51.39 -0.46
CA ALA C 201 -18.68 -50.45 0.60
C ALA C 201 -18.68 -51.07 1.99
N ASN C 202 -19.26 -52.26 2.17
CA ASN C 202 -19.50 -52.76 3.52
C ASN C 202 -18.72 -54.03 3.80
N VAL C 203 -17.74 -54.35 2.95
CA VAL C 203 -17.00 -55.61 3.07
C VAL C 203 -16.29 -55.70 4.40
N GLN C 204 -15.67 -54.61 4.86
CA GLN C 204 -14.96 -54.67 6.12
C GLN C 204 -15.90 -54.98 7.28
N PHE C 205 -16.98 -54.22 7.39
CA PHE C 205 -17.91 -54.41 8.49
C PHE C 205 -18.61 -55.76 8.41
N THR C 206 -18.99 -56.18 7.20
CA THR C 206 -19.45 -57.55 6.99
C THR C 206 -18.44 -58.57 7.55
N GLU C 207 -17.14 -58.33 7.33
CA GLU C 207 -16.15 -59.28 7.83
C GLU C 207 -16.06 -59.24 9.35
N ILE C 208 -16.23 -58.05 9.94
CA ILE C 208 -16.23 -57.96 11.41
C ILE C 208 -17.38 -58.78 11.97
N CYS C 209 -18.57 -58.60 11.39
CA CYS C 209 -19.76 -59.35 11.78
C CYS C 209 -19.53 -60.85 11.71
N ILE C 210 -19.01 -61.34 10.59
CA ILE C 210 -18.77 -62.77 10.48
C ILE C 210 -17.78 -63.24 11.55
N GLN C 211 -16.75 -62.44 11.82
CA GLN C 211 -15.83 -62.80 12.89
C GLN C 211 -16.53 -62.88 14.24
N GLN C 212 -17.57 -62.06 14.44
CA GLN C 212 -18.29 -62.04 15.69
C GLN C 212 -19.37 -63.11 15.78
N GLY C 213 -19.42 -64.03 14.83
CA GLY C 213 -20.35 -65.14 14.88
C GLY C 213 -21.50 -65.05 13.90
N TRP C 214 -21.69 -63.91 13.24
CA TRP C 214 -22.72 -63.81 12.21
C TRP C 214 -22.53 -64.88 11.15
N LYS C 215 -23.58 -65.67 10.93
CA LYS C 215 -23.56 -66.65 9.85
C LYS C 215 -24.18 -66.02 8.63
N PRO C 216 -23.40 -65.75 7.59
CA PRO C 216 -23.88 -64.89 6.51
C PRO C 216 -24.56 -65.70 5.43
N PRO C 217 -25.76 -65.31 5.01
CA PRO C 217 -26.45 -66.02 3.93
C PRO C 217 -25.87 -65.77 2.54
N ARG C 218 -25.01 -64.76 2.37
CA ARG C 218 -24.18 -64.59 1.18
C ARG C 218 -25.05 -64.35 -0.05
N GLY C 219 -25.83 -63.27 0.01
CA GLY C 219 -26.61 -62.79 -1.11
C GLY C 219 -26.28 -61.35 -1.44
N ARG C 220 -26.97 -60.84 -2.46
CA ARG C 220 -26.76 -59.49 -2.95
C ARG C 220 -27.39 -58.43 -2.07
N PHE C 221 -28.33 -58.81 -1.20
CA PHE C 221 -29.11 -57.87 -0.41
C PHE C 221 -29.41 -58.48 0.97
N ASP C 222 -28.35 -58.82 1.71
CA ASP C 222 -28.48 -59.33 3.07
C ASP C 222 -28.42 -58.17 4.05
N VAL C 223 -29.47 -57.99 4.84
CA VAL C 223 -29.43 -56.92 5.84
C VAL C 223 -28.39 -57.28 6.90
N LEU C 224 -27.59 -56.33 7.26
CA LEU C 224 -26.50 -56.66 8.16
C LEU C 224 -27.01 -56.69 9.61
N PRO C 225 -26.39 -57.48 10.48
CA PRO C 225 -26.87 -57.53 11.87
C PRO C 225 -26.46 -56.26 12.57
N LEU C 226 -27.22 -55.85 13.58
CA LEU C 226 -26.76 -54.75 14.40
C LEU C 226 -25.59 -55.19 15.26
N LEU C 227 -24.62 -54.29 15.48
CA LEU C 227 -23.46 -54.59 16.32
C LEU C 227 -23.36 -53.44 17.31
N LEU C 228 -23.67 -53.74 18.56
CA LEU C 228 -24.05 -52.73 19.54
C LEU C 228 -23.13 -52.81 20.75
N GLN C 229 -22.80 -51.65 21.32
CA GLN C 229 -21.79 -51.53 22.36
C GLN C 229 -22.33 -50.62 23.47
N ALA C 230 -22.41 -51.15 24.69
CA ALA C 230 -22.90 -50.40 25.84
C ALA C 230 -21.81 -50.27 26.88
N ASN C 231 -21.63 -49.04 27.39
CA ASN C 231 -20.78 -48.77 28.55
C ASN C 231 -19.34 -49.27 28.36
N GLY C 232 -18.80 -49.14 27.15
CA GLY C 232 -17.43 -49.54 26.90
C GLY C 232 -17.20 -51.03 26.77
N ASN C 233 -18.24 -51.85 26.85
CA ASN C 233 -18.05 -53.29 26.79
C ASN C 233 -17.89 -53.75 25.35
N ASP C 234 -17.35 -54.97 25.19
CA ASP C 234 -17.34 -55.60 23.89
C ASP C 234 -18.73 -55.53 23.26
N PRO C 235 -18.82 -55.35 21.95
CA PRO C 235 -20.13 -55.24 21.30
C PRO C 235 -20.77 -56.59 21.09
N GLU C 236 -22.07 -56.57 20.80
CA GLU C 236 -22.88 -57.78 20.71
C GLU C 236 -23.78 -57.73 19.48
N LEU C 237 -23.95 -58.89 18.84
CA LEU C 237 -24.72 -59.02 17.60
C LEU C 237 -26.21 -59.20 17.89
N PHE C 238 -27.04 -58.60 17.03
CA PHE C 238 -28.49 -58.75 17.10
C PHE C 238 -29.07 -58.66 15.69
N GLN C 239 -29.83 -59.67 15.26
CA GLN C 239 -30.55 -59.56 14.00
C GLN C 239 -31.76 -58.65 14.19
N ILE C 240 -32.02 -57.79 13.21
CA ILE C 240 -33.20 -56.93 13.23
C ILE C 240 -34.35 -57.78 12.75
N PRO C 241 -35.54 -57.66 13.31
CA PRO C 241 -36.64 -58.49 12.85
C PRO C 241 -37.04 -58.11 11.44
N PRO C 242 -36.94 -59.04 10.50
CA PRO C 242 -37.05 -58.66 9.07
C PRO C 242 -38.34 -57.91 8.74
N GLU C 243 -39.41 -58.12 9.55
CA GLU C 243 -40.69 -57.48 9.31
C GLU C 243 -40.62 -55.98 9.58
N LEU C 244 -39.60 -55.54 10.28
CA LEU C 244 -39.35 -54.14 10.53
C LEU C 244 -38.49 -53.47 9.47
N VAL C 245 -37.96 -54.22 8.50
CA VAL C 245 -37.02 -53.67 7.51
C VAL C 245 -37.80 -53.52 6.21
N LEU C 246 -38.31 -52.31 5.97
CA LEU C 246 -39.18 -52.09 4.83
C LEU C 246 -38.32 -51.99 3.57
N GLU C 247 -38.73 -52.67 2.51
CA GLU C 247 -37.92 -52.77 1.31
C GLU C 247 -38.77 -52.48 0.08
N VAL C 248 -38.10 -52.09 -1.01
CA VAL C 248 -38.76 -51.65 -2.23
C VAL C 248 -38.13 -52.33 -3.43
N PRO C 249 -38.86 -53.16 -4.15
CA PRO C 249 -38.32 -53.68 -5.41
C PRO C 249 -38.31 -52.61 -6.49
N ILE C 250 -37.27 -52.62 -7.30
CA ILE C 250 -37.01 -51.53 -8.25
C ILE C 250 -37.46 -51.93 -9.65
N ARG C 251 -38.47 -51.24 -10.16
CA ARG C 251 -38.96 -51.41 -11.52
C ARG C 251 -39.02 -50.05 -12.23
N HIS C 252 -39.20 -50.10 -13.55
CA HIS C 252 -39.20 -48.90 -14.37
C HIS C 252 -40.57 -48.68 -15.01
N PRO C 253 -41.06 -47.44 -15.08
CA PRO C 253 -42.38 -47.19 -15.68
C PRO C 253 -42.49 -47.57 -17.12
N LYS C 254 -41.38 -47.77 -17.81
CA LYS C 254 -41.42 -48.00 -19.25
C LYS C 254 -40.71 -49.28 -19.65
N PHE C 255 -39.54 -49.56 -19.08
CA PHE C 255 -38.75 -50.73 -19.43
C PHE C 255 -39.21 -51.91 -18.58
N GLU C 256 -39.94 -52.84 -19.19
CA GLU C 256 -40.45 -53.97 -18.42
C GLU C 256 -39.33 -54.89 -17.98
N TRP C 257 -38.16 -54.79 -18.62
CA TRP C 257 -37.01 -55.61 -18.29
C TRP C 257 -36.27 -55.12 -17.07
N PHE C 258 -36.69 -53.99 -16.51
CA PHE C 258 -35.97 -53.45 -15.37
C PHE C 258 -36.24 -54.27 -14.12
N LYS C 259 -37.49 -54.72 -13.96
CA LYS C 259 -37.79 -55.61 -12.85
C LYS C 259 -36.89 -56.84 -12.88
N ASP C 260 -36.40 -57.22 -14.07
CA ASP C 260 -35.54 -58.38 -14.24
C ASP C 260 -34.11 -58.14 -13.76
N LEU C 261 -33.68 -56.89 -13.55
CA LEU C 261 -32.38 -56.68 -12.90
C LEU C 261 -32.38 -57.11 -11.45
N GLY C 262 -33.53 -57.45 -10.85
CA GLY C 262 -33.57 -57.95 -9.49
C GLY C 262 -33.08 -57.00 -8.43
N LEU C 263 -33.26 -55.71 -8.62
CA LEU C 263 -32.76 -54.74 -7.66
C LEU C 263 -33.83 -54.41 -6.64
N LYS C 264 -33.36 -54.02 -5.47
CA LYS C 264 -34.24 -53.55 -4.42
C LYS C 264 -33.38 -52.78 -3.44
N TRP C 265 -34.03 -51.95 -2.63
CA TRP C 265 -33.33 -51.15 -1.65
C TRP C 265 -34.25 -50.98 -0.45
N TYR C 266 -33.65 -50.69 0.70
CA TYR C 266 -34.43 -50.47 1.92
C TYR C 266 -34.95 -49.04 1.99
N GLY C 267 -36.10 -48.88 2.67
CA GLY C 267 -36.75 -47.58 2.76
C GLY C 267 -36.14 -46.60 3.73
N LEU C 268 -35.51 -47.07 4.80
CA LEU C 268 -35.17 -46.14 5.87
C LEU C 268 -33.68 -45.87 5.92
N PRO C 269 -33.24 -44.64 5.61
CA PRO C 269 -31.83 -44.23 5.82
C PRO C 269 -31.64 -43.74 7.25
N ALA C 270 -30.69 -44.33 7.97
CA ALA C 270 -30.54 -44.10 9.41
C ALA C 270 -29.06 -44.07 9.72
N VAL C 271 -28.53 -42.88 10.06
CA VAL C 271 -27.10 -42.73 10.27
C VAL C 271 -26.77 -42.93 11.73
N SER C 272 -25.81 -43.81 12.01
CA SER C 272 -25.62 -44.24 13.38
C SER C 272 -24.16 -44.20 13.83
N ASN C 273 -23.27 -43.60 13.04
CA ASN C 273 -21.85 -43.60 13.38
C ASN C 273 -21.35 -42.23 13.78
N MET C 274 -22.22 -41.24 13.88
CA MET C 274 -21.78 -39.91 14.22
C MET C 274 -22.07 -39.60 15.68
N LEU C 275 -21.47 -38.50 16.15
CA LEU C 275 -21.46 -38.13 17.54
C LEU C 275 -22.16 -36.78 17.70
N LEU C 276 -23.00 -36.67 18.70
CA LEU C 276 -23.88 -35.52 18.91
C LEU C 276 -23.34 -34.67 20.04
N GLU C 277 -22.99 -33.42 19.76
CA GLU C 277 -22.43 -32.53 20.77
C GLU C 277 -23.50 -31.55 21.22
N ILE C 278 -23.79 -31.54 22.53
CA ILE C 278 -24.71 -30.59 23.12
C ILE C 278 -24.12 -30.10 24.42
N GLY C 279 -24.02 -28.78 24.57
CA GLY C 279 -23.44 -28.17 25.76
C GLY C 279 -22.14 -28.79 26.19
N GLY C 280 -21.28 -29.15 25.23
CA GLY C 280 -20.00 -29.75 25.53
C GLY C 280 -20.05 -31.22 25.86
N LEU C 281 -21.24 -31.79 26.00
CA LEU C 281 -21.40 -33.22 26.23
C LEU C 281 -21.43 -33.98 24.91
N GLU C 282 -20.88 -35.20 24.92
CA GLU C 282 -20.67 -35.99 23.71
C GLU C 282 -21.53 -37.25 23.74
N PHE C 283 -22.50 -37.34 22.83
CA PHE C 283 -23.37 -38.49 22.69
C PHE C 283 -22.88 -39.38 21.54
N SER C 284 -21.95 -40.29 21.84
CA SER C 284 -21.29 -41.12 20.82
C SER C 284 -22.20 -42.13 20.13
N ALA C 285 -23.45 -42.26 20.57
CA ALA C 285 -24.39 -43.17 19.94
C ALA C 285 -25.73 -42.46 19.89
N CYS C 286 -26.14 -42.08 18.69
CA CYS C 286 -27.31 -41.25 18.51
C CYS C 286 -27.94 -41.53 17.14
N PRO C 287 -28.29 -42.78 16.84
CA PRO C 287 -28.79 -43.07 15.49
C PRO C 287 -29.96 -42.17 15.14
N PHE C 288 -29.85 -41.47 14.01
CA PHE C 288 -30.94 -40.63 13.53
C PHE C 288 -31.32 -41.07 12.13
N SER C 289 -32.53 -40.70 11.68
CA SER C 289 -33.02 -41.22 10.42
C SER C 289 -34.06 -40.27 9.82
N GLY C 290 -34.24 -40.37 8.50
CA GLY C 290 -35.13 -39.49 7.78
C GLY C 290 -35.86 -40.21 6.68
N TRP C 291 -35.82 -39.65 5.47
CA TRP C 291 -36.24 -40.36 4.28
C TRP C 291 -35.27 -39.97 3.16
N TYR C 292 -35.25 -40.77 2.08
CA TYR C 292 -34.23 -40.63 1.05
C TYR C 292 -34.54 -39.52 0.04
N MET C 293 -33.48 -38.86 -0.41
CA MET C 293 -33.52 -38.24 -1.74
C MET C 293 -33.16 -39.32 -2.74
N GLY C 294 -33.86 -39.34 -3.87
CA GLY C 294 -33.68 -40.42 -4.84
C GLY C 294 -32.24 -40.60 -5.29
N THR C 295 -31.51 -39.50 -5.46
CA THR C 295 -30.18 -39.64 -6.06
C THR C 295 -29.23 -40.42 -5.17
N GLU C 296 -29.54 -40.52 -3.87
CA GLU C 296 -28.67 -41.25 -2.96
C GLU C 296 -28.61 -42.71 -3.35
N ILE C 297 -29.76 -43.30 -3.63
CA ILE C 297 -29.80 -44.68 -4.12
C ILE C 297 -29.34 -44.74 -5.56
N GLY C 298 -30.07 -44.05 -6.45
CA GLY C 298 -29.96 -44.27 -7.89
C GLY C 298 -28.73 -43.66 -8.56
N VAL C 299 -28.01 -42.77 -7.88
CA VAL C 299 -26.71 -42.32 -8.35
C VAL C 299 -25.57 -42.96 -7.54
N ARG C 300 -25.52 -42.70 -6.24
CA ARG C 300 -24.39 -43.18 -5.45
C ARG C 300 -24.43 -44.68 -5.20
N ASP C 301 -25.54 -45.20 -4.64
CA ASP C 301 -25.59 -46.62 -4.28
C ASP C 301 -25.51 -47.52 -5.51
N TYR C 302 -26.29 -47.22 -6.55
CA TYR C 302 -26.36 -48.12 -7.69
C TYR C 302 -25.25 -47.94 -8.72
N CYS C 303 -24.73 -46.70 -8.87
CA CYS C 303 -23.91 -46.33 -10.02
C CYS C 303 -22.46 -45.96 -9.72
N ASP C 304 -22.13 -45.51 -8.50
CA ASP C 304 -20.72 -45.40 -8.13
C ASP C 304 -19.97 -46.67 -8.52
N ASN C 305 -18.76 -46.51 -9.08
CA ASN C 305 -18.02 -47.67 -9.56
C ASN C 305 -17.61 -48.58 -8.41
N SER C 306 -17.29 -47.98 -7.26
CA SER C 306 -16.96 -48.71 -6.05
C SER C 306 -18.19 -49.34 -5.35
N ARG C 307 -19.40 -49.18 -5.90
CA ARG C 307 -20.63 -49.64 -5.25
C ARG C 307 -21.34 -50.72 -6.06
N TYR C 308 -22.64 -50.55 -6.31
CA TYR C 308 -23.32 -51.63 -7.02
C TYR C 308 -23.06 -51.64 -8.51
N ASN C 309 -22.62 -50.53 -9.09
CA ASN C 309 -21.98 -50.50 -10.41
C ASN C 309 -22.80 -51.19 -11.49
N ILE C 310 -24.00 -50.66 -11.73
CA ILE C 310 -24.95 -51.28 -12.67
C ILE C 310 -25.13 -50.52 -13.97
N LEU C 311 -24.52 -49.32 -14.12
CA LEU C 311 -24.65 -48.58 -15.36
C LEU C 311 -24.36 -49.48 -16.54
N GLU C 312 -23.33 -50.31 -16.40
CA GLU C 312 -22.93 -51.18 -17.51
C GLU C 312 -24.10 -52.03 -17.99
N GLU C 313 -24.75 -52.73 -17.05
CA GLU C 313 -25.81 -53.67 -17.41
C GLU C 313 -27.06 -52.96 -17.87
N VAL C 314 -27.39 -51.82 -17.25
CA VAL C 314 -28.57 -51.06 -17.63
C VAL C 314 -28.41 -50.55 -19.05
N ALA C 315 -27.25 -49.96 -19.36
CA ALA C 315 -26.98 -49.52 -20.72
C ALA C 315 -27.20 -50.65 -21.71
N LYS C 316 -26.63 -51.83 -21.43
CA LYS C 316 -26.79 -52.98 -22.32
C LYS C 316 -28.26 -53.21 -22.66
N LYS C 317 -29.10 -53.39 -21.63
CA LYS C 317 -30.52 -53.63 -21.87
C LYS C 317 -31.15 -52.49 -22.66
N MET C 318 -30.59 -51.28 -22.56
CA MET C 318 -31.06 -50.13 -23.31
C MET C 318 -30.52 -50.06 -24.73
N ASN C 319 -29.75 -51.07 -25.16
CA ASN C 319 -29.24 -51.13 -26.54
C ASN C 319 -28.40 -49.92 -26.88
N LEU C 320 -27.67 -49.43 -25.88
CA LEU C 320 -26.91 -48.21 -25.98
C LEU C 320 -25.53 -48.46 -26.56
N ASP C 321 -25.09 -47.57 -27.46
CA ASP C 321 -23.72 -47.64 -27.97
C ASP C 321 -22.75 -47.22 -26.88
N MET C 322 -21.94 -48.18 -26.43
CA MET C 322 -21.00 -47.99 -25.35
C MET C 322 -19.56 -47.99 -25.84
N ARG C 323 -19.35 -47.72 -27.12
CA ARG C 323 -18.02 -47.75 -27.71
C ARG C 323 -17.21 -46.52 -27.32
N LYS C 324 -17.86 -45.37 -27.24
CA LYS C 324 -17.21 -44.12 -26.85
C LYS C 324 -17.93 -43.50 -25.66
N THR C 325 -17.22 -42.63 -24.96
CA THR C 325 -17.89 -41.92 -23.87
C THR C 325 -18.77 -40.81 -24.42
N SER C 326 -18.45 -40.28 -25.60
CA SER C 326 -19.16 -39.11 -26.08
C SER C 326 -20.62 -39.43 -26.40
N SER C 327 -20.96 -40.70 -26.63
CA SER C 327 -22.36 -41.11 -26.72
C SER C 327 -23.15 -40.71 -25.49
N LEU C 328 -22.48 -40.51 -24.35
CA LEU C 328 -23.11 -40.20 -23.07
C LEU C 328 -24.00 -41.35 -22.60
N TRP C 329 -23.56 -42.58 -22.87
CA TRP C 329 -24.37 -43.73 -22.48
C TRP C 329 -24.48 -43.87 -20.97
N LYS C 330 -23.48 -43.40 -20.22
CA LYS C 330 -23.61 -43.42 -18.78
C LYS C 330 -24.62 -42.39 -18.29
N ASP C 331 -24.61 -41.19 -18.88
CA ASP C 331 -25.57 -40.18 -18.44
C ASP C 331 -26.99 -40.62 -18.76
N GLN C 332 -27.17 -41.28 -19.89
CA GLN C 332 -28.51 -41.70 -20.31
C GLN C 332 -29.09 -42.71 -19.34
N ALA C 333 -28.33 -43.75 -19.04
CA ALA C 333 -28.77 -44.87 -18.24
C ALA C 333 -28.81 -44.52 -16.76
N LEU C 334 -28.04 -43.50 -16.34
CA LEU C 334 -28.19 -42.97 -14.99
C LEU C 334 -29.57 -42.36 -14.81
N VAL C 335 -30.05 -41.60 -15.81
CA VAL C 335 -31.35 -40.95 -15.67
C VAL C 335 -32.47 -42.00 -15.53
N GLU C 336 -32.42 -43.07 -16.33
CA GLU C 336 -33.49 -44.07 -16.25
C GLU C 336 -33.46 -44.81 -14.93
N ILE C 337 -32.27 -45.16 -14.45
CA ILE C 337 -32.13 -45.75 -13.12
C ILE C 337 -32.77 -44.84 -12.08
N ASN C 338 -32.52 -43.55 -12.16
CA ASN C 338 -33.07 -42.70 -11.11
C ASN C 338 -34.56 -42.48 -11.30
N ILE C 339 -35.08 -42.70 -12.51
CA ILE C 339 -36.51 -42.65 -12.73
C ILE C 339 -37.16 -43.88 -12.10
N ALA C 340 -36.49 -45.02 -12.25
CA ALA C 340 -37.00 -46.28 -11.73
C ALA C 340 -37.09 -46.23 -10.21
N VAL C 341 -36.11 -45.60 -9.56
CA VAL C 341 -36.08 -45.55 -8.10
C VAL C 341 -37.19 -44.66 -7.58
N LEU C 342 -37.43 -43.52 -8.22
CA LEU C 342 -38.48 -42.65 -7.74
C LEU C 342 -39.85 -43.29 -7.98
N TYR C 343 -40.01 -43.95 -9.12
CA TYR C 343 -41.26 -44.59 -9.46
C TYR C 343 -41.63 -45.68 -8.49
N SER C 344 -40.61 -46.30 -7.89
CA SER C 344 -40.81 -47.52 -7.17
C SER C 344 -41.24 -47.22 -5.74
N PHE C 345 -40.49 -46.33 -5.08
CA PHE C 345 -40.91 -45.81 -3.78
C PHE C 345 -42.27 -45.14 -3.84
N GLN C 346 -42.56 -44.40 -4.91
CA GLN C 346 -43.86 -43.75 -4.95
C GLN C 346 -44.96 -44.77 -5.15
N SER C 347 -44.71 -45.80 -5.98
CA SER C 347 -45.72 -46.82 -6.23
C SER C 347 -46.04 -47.61 -4.97
N ASP C 348 -45.08 -47.71 -4.05
CA ASP C 348 -45.25 -48.42 -2.81
C ASP C 348 -45.54 -47.48 -1.65
N LYS C 349 -45.83 -46.21 -1.94
CA LYS C 349 -46.19 -45.25 -0.90
C LYS C 349 -45.15 -45.19 0.21
N VAL C 350 -43.89 -45.30 -0.20
CA VAL C 350 -42.74 -45.14 0.69
C VAL C 350 -42.17 -43.75 0.46
N THR C 351 -41.92 -43.02 1.55
CA THR C 351 -41.56 -41.63 1.44
C THR C 351 -40.21 -41.45 0.74
N ILE C 352 -40.19 -40.61 -0.30
CA ILE C 352 -38.95 -40.29 -1.01
C ILE C 352 -39.12 -38.92 -1.61
N VAL C 353 -37.99 -38.28 -1.92
CA VAL C 353 -37.98 -36.95 -2.51
C VAL C 353 -36.95 -36.92 -3.64
N ASP C 354 -37.35 -36.36 -4.77
CA ASP C 354 -36.44 -36.27 -5.91
C ASP C 354 -35.52 -35.07 -5.72
N HIS C 355 -34.44 -35.05 -6.51
CA HIS C 355 -33.44 -34.01 -6.28
C HIS C 355 -33.94 -32.61 -6.64
N HIS C 356 -35.00 -32.48 -7.43
CA HIS C 356 -35.48 -31.14 -7.75
C HIS C 356 -36.31 -30.57 -6.62
N SER C 357 -37.30 -31.33 -6.14
CA SER C 357 -38.09 -30.90 -4.98
CA SER C 357 -38.09 -30.90 -4.99
C SER C 357 -37.20 -30.63 -3.78
N ALA C 358 -36.23 -31.51 -3.51
CA ALA C 358 -35.37 -31.37 -2.34
C ALA C 358 -34.57 -30.07 -2.40
N THR C 359 -33.93 -29.81 -3.55
CA THR C 359 -33.10 -28.60 -3.64
C THR C 359 -33.97 -27.36 -3.58
N GLU C 360 -35.14 -27.40 -4.23
CA GLU C 360 -36.05 -26.25 -4.20
C GLU C 360 -36.49 -25.95 -2.78
N SER C 361 -36.92 -26.99 -2.05
CA SER C 361 -37.29 -26.79 -0.65
C SER C 361 -36.14 -26.21 0.15
N PHE C 362 -34.93 -26.70 -0.08
CA PHE C 362 -33.77 -26.21 0.66
C PHE C 362 -33.51 -24.72 0.42
N ILE C 363 -33.60 -24.26 -0.83
CA ILE C 363 -33.46 -22.83 -1.09
C ILE C 363 -34.50 -22.06 -0.28
N LYS C 364 -35.74 -22.57 -0.28
CA LYS C 364 -36.80 -21.94 0.49
C LYS C 364 -36.46 -21.93 1.97
N HIS C 365 -35.96 -23.05 2.47
CA HIS C 365 -35.55 -23.11 3.86
C HIS C 365 -34.41 -22.12 4.13
N MET C 366 -33.33 -22.24 3.34
CA MET C 366 -32.16 -21.36 3.52
C MET C 366 -32.55 -19.89 3.53
N GLU C 367 -33.43 -19.49 2.61
CA GLU C 367 -33.89 -18.11 2.59
C GLU C 367 -34.55 -17.74 3.92
N ASN C 368 -35.48 -18.57 4.39
CA ASN C 368 -36.21 -18.24 5.61
C ASN C 368 -35.27 -18.18 6.81
N GLU C 369 -34.26 -19.04 6.84
CA GLU C 369 -33.25 -19.03 7.88
C GLU C 369 -32.39 -17.76 7.86
N TYR C 370 -32.10 -17.20 6.67
CA TYR C 370 -31.44 -15.91 6.67
C TYR C 370 -32.34 -14.87 7.30
N ARG C 371 -33.62 -14.90 6.96
CA ARG C 371 -34.56 -13.88 7.44
C ARG C 371 -34.74 -13.99 8.95
N CYS C 372 -35.17 -15.15 9.42
CA CYS C 372 -35.55 -15.32 10.82
CA CYS C 372 -35.54 -15.23 10.81
C CYS C 372 -34.36 -15.59 11.72
N ARG C 373 -33.37 -16.35 11.24
CA ARG C 373 -32.23 -16.71 12.07
C ARG C 373 -30.97 -15.89 11.79
N GLY C 374 -30.87 -15.26 10.62
CA GLY C 374 -29.74 -14.43 10.27
C GLY C 374 -28.75 -15.08 9.33
N GLY C 375 -28.87 -16.38 9.11
CA GLY C 375 -27.98 -17.06 8.18
C GLY C 375 -28.34 -18.53 8.16
N CYS C 376 -27.55 -19.31 7.48
CA CYS C 376 -27.82 -20.73 7.41
C CYS C 376 -26.61 -21.42 6.80
N PRO C 377 -25.72 -21.97 7.62
CA PRO C 377 -24.50 -22.59 7.09
C PRO C 377 -24.85 -23.73 6.15
N ALA C 378 -24.11 -23.85 5.05
CA ALA C 378 -24.38 -24.91 4.09
C ALA C 378 -23.09 -25.27 3.39
N ASP C 379 -22.88 -26.57 3.20
CA ASP C 379 -21.68 -27.04 2.52
C ASP C 379 -22.08 -27.30 1.06
N TRP C 380 -21.70 -26.37 0.17
CA TRP C 380 -22.08 -26.47 -1.24
C TRP C 380 -21.70 -27.83 -1.80
N VAL C 381 -20.46 -28.24 -1.55
CA VAL C 381 -19.93 -29.48 -2.11
C VAL C 381 -20.84 -30.67 -1.88
N TRP C 382 -21.59 -30.68 -0.75
CA TRP C 382 -22.50 -31.77 -0.38
C TRP C 382 -23.97 -31.47 -0.67
N ILE C 383 -24.37 -30.20 -0.63
CA ILE C 383 -25.76 -29.82 -0.87
C ILE C 383 -26.16 -30.08 -2.32
N VAL C 384 -25.25 -29.82 -3.27
CA VAL C 384 -25.56 -30.00 -4.70
C VAL C 384 -25.68 -31.50 -5.00
N PRO C 385 -26.76 -31.95 -5.61
CA PRO C 385 -26.91 -33.40 -5.91
C PRO C 385 -25.88 -33.90 -6.91
N PRO C 386 -25.58 -35.19 -6.89
CA PRO C 386 -24.49 -35.72 -7.73
C PRO C 386 -24.87 -36.02 -9.17
N MET C 387 -26.10 -35.72 -9.60
CA MET C 387 -26.44 -35.67 -11.02
C MET C 387 -27.16 -34.36 -11.32
N SER C 388 -27.05 -33.91 -12.58
CA SER C 388 -27.84 -32.77 -13.08
C SER C 388 -27.65 -31.51 -12.24
N GLY C 389 -26.48 -31.34 -11.64
CA GLY C 389 -26.22 -30.21 -10.77
C GLY C 389 -26.87 -28.90 -11.18
N SER C 390 -26.35 -28.27 -12.25
CA SER C 390 -26.73 -26.89 -12.55
C SER C 390 -28.22 -26.74 -12.90
N ILE C 391 -28.95 -27.83 -13.17
CA ILE C 391 -30.37 -27.59 -13.37
C ILE C 391 -31.15 -27.55 -12.06
N THR C 392 -30.47 -27.68 -10.91
CA THR C 392 -31.07 -27.56 -9.57
C THR C 392 -30.63 -26.26 -8.94
N PRO C 393 -31.50 -25.60 -8.17
CA PRO C 393 -31.24 -24.19 -7.83
C PRO C 393 -30.10 -24.00 -6.86
N VAL C 394 -29.64 -25.05 -6.19
CA VAL C 394 -28.56 -24.84 -5.22
C VAL C 394 -27.22 -24.65 -5.93
N PHE C 395 -27.08 -25.16 -7.14
CA PHE C 395 -25.86 -24.96 -7.93
C PHE C 395 -25.52 -23.49 -8.06
N HIS C 396 -26.51 -22.65 -8.31
CA HIS C 396 -26.24 -21.25 -8.60
C HIS C 396 -26.29 -20.38 -7.36
N GLN C 397 -26.26 -20.99 -6.17
CA GLN C 397 -26.48 -20.31 -4.91
C GLN C 397 -25.18 -20.31 -4.11
N GLU C 398 -24.64 -19.12 -3.83
CA GLU C 398 -23.51 -19.00 -2.92
C GLU C 398 -23.93 -19.40 -1.51
N MET C 399 -23.01 -20.07 -0.81
CA MET C 399 -23.26 -20.53 0.55
C MET C 399 -22.01 -20.31 1.37
N LEU C 400 -22.22 -19.79 2.56
CA LEU C 400 -21.20 -19.71 3.59
C LEU C 400 -21.22 -21.00 4.42
N ASN C 401 -20.03 -21.50 4.76
CA ASN C 401 -19.92 -22.71 5.57
C ASN C 401 -19.16 -22.41 6.86
N TYR C 402 -19.84 -22.64 7.99
CA TYR C 402 -19.25 -22.51 9.31
C TYR C 402 -19.96 -23.50 10.24
N ARG C 403 -19.31 -23.80 11.35
CA ARG C 403 -19.77 -24.80 12.30
C ARG C 403 -20.42 -24.10 13.49
N LEU C 404 -21.71 -24.36 13.69
CA LEU C 404 -22.41 -24.00 14.91
C LEU C 404 -22.65 -25.25 15.76
N THR C 405 -22.58 -25.06 17.12
CA THR C 405 -23.01 -26.09 18.04
CA THR C 405 -23.02 -26.09 18.07
C THR C 405 -24.42 -25.76 18.57
N PRO C 406 -25.25 -26.78 18.92
CA PRO C 406 -25.03 -28.23 18.89
C PRO C 406 -24.78 -28.75 17.52
N SER C 407 -23.91 -29.75 17.45
CA SER C 407 -23.37 -30.23 16.20
C SER C 407 -23.35 -31.75 16.18
N PHE C 408 -23.56 -32.31 14.98
CA PHE C 408 -23.13 -33.66 14.65
C PHE C 408 -21.71 -33.65 14.12
N GLU C 409 -20.85 -34.45 14.72
CA GLU C 409 -19.46 -34.61 14.34
C GLU C 409 -19.18 -36.04 13.91
N TYR C 410 -18.15 -36.21 13.08
CA TYR C 410 -17.63 -37.54 12.79
C TYR C 410 -16.87 -38.04 14.00
N GLN C 411 -16.68 -39.36 14.08
CA GLN C 411 -15.89 -39.91 15.17
C GLN C 411 -15.17 -41.15 14.65
N PRO C 412 -14.07 -41.54 15.29
CA PRO C 412 -13.32 -42.70 14.79
C PRO C 412 -14.21 -43.93 14.69
N ASP C 413 -13.79 -44.86 13.85
CA ASP C 413 -14.47 -46.14 13.77
C ASP C 413 -14.19 -46.94 15.03
N PRO C 414 -15.21 -47.45 15.69
CA PRO C 414 -15.00 -48.08 17.02
C PRO C 414 -14.07 -49.26 16.96
N TRP C 415 -14.04 -50.01 15.88
CA TRP C 415 -13.10 -51.12 15.81
C TRP C 415 -11.65 -50.67 15.72
N ASN C 416 -11.39 -49.38 15.46
CA ASN C 416 -10.02 -48.88 15.50
C ASN C 416 -9.60 -48.43 16.89
N THR C 417 -10.54 -48.18 17.79
CA THR C 417 -10.21 -47.64 19.08
C THR C 417 -10.56 -48.54 20.25
N HIS C 418 -11.51 -49.46 20.07
CA HIS C 418 -11.95 -50.32 21.16
C HIS C 418 -10.82 -51.15 21.76
N VAL C 419 -10.79 -51.21 23.08
CA VAL C 419 -9.90 -52.12 23.79
C VAL C 419 -10.70 -53.37 24.12
N TRP C 420 -10.32 -54.50 23.53
CA TRP C 420 -11.13 -55.70 23.68
C TRP C 420 -10.98 -56.33 25.07
N LYS C 421 -12.13 -56.67 25.68
CA LYS C 421 -12.20 -57.31 26.98
C LYS C 421 -11.99 -58.82 26.87
N ARG D 3 5.84 -29.61 7.34
CA ARG D 3 4.41 -29.87 7.44
C ARG D 3 3.72 -29.74 6.08
N PHE D 4 3.05 -30.81 5.69
CA PHE D 4 2.41 -30.97 4.38
C PHE D 4 0.92 -31.21 4.56
N LEU D 5 0.24 -31.60 3.48
CA LEU D 5 -1.20 -31.88 3.49
C LEU D 5 -1.51 -33.00 2.52
N LYS D 6 -2.29 -33.99 2.97
CA LYS D 6 -2.68 -35.13 2.14
C LYS D 6 -4.07 -34.89 1.55
N VAL D 7 -4.26 -35.34 0.31
CA VAL D 7 -5.59 -35.37 -0.29
C VAL D 7 -5.83 -36.75 -0.87
N LYS D 8 -7.06 -37.23 -0.75
CA LYS D 8 -7.42 -38.62 -0.98
C LYS D 8 -8.53 -38.70 -2.00
N ASN D 9 -8.45 -39.70 -2.86
CA ASN D 9 -9.50 -39.98 -3.83
C ASN D 9 -10.36 -41.10 -3.26
N TRP D 10 -11.63 -40.80 -3.03
CA TRP D 10 -12.46 -41.74 -2.33
C TRP D 10 -13.00 -42.84 -3.22
N GLU D 11 -12.76 -42.77 -4.52
CA GLU D 11 -13.19 -43.86 -5.38
C GLU D 11 -12.07 -44.86 -5.62
N THR D 12 -10.82 -44.40 -5.54
CA THR D 12 -9.65 -45.22 -5.85
C THR D 12 -8.73 -45.38 -4.67
N GLU D 13 -8.92 -44.61 -3.61
CA GLU D 13 -8.11 -44.64 -2.40
C GLU D 13 -6.70 -44.16 -2.64
N VAL D 14 -6.45 -43.55 -3.79
CA VAL D 14 -5.18 -42.90 -4.03
C VAL D 14 -5.07 -41.67 -3.14
N VAL D 15 -3.85 -41.40 -2.68
CA VAL D 15 -3.56 -40.32 -1.74
C VAL D 15 -2.37 -39.54 -2.28
N LEU D 16 -2.47 -38.21 -2.26
CA LEU D 16 -1.44 -37.32 -2.77
C LEU D 16 -1.01 -36.37 -1.66
N THR D 17 0.27 -35.99 -1.69
CA THR D 17 0.84 -35.10 -0.71
C THR D 17 1.10 -33.75 -1.34
N ASP D 18 0.59 -32.70 -0.70
CA ASP D 18 0.70 -31.36 -1.23
C ASP D 18 1.74 -30.60 -0.42
N THR D 19 2.83 -30.25 -1.08
CA THR D 19 3.78 -29.28 -0.57
C THR D 19 3.64 -27.93 -1.25
N LEU D 20 3.07 -27.90 -2.47
CA LEU D 20 3.05 -26.70 -3.28
C LEU D 20 2.37 -25.55 -2.58
N HIS D 21 1.46 -25.88 -1.65
CA HIS D 21 0.65 -24.87 -0.98
C HIS D 21 1.48 -24.00 -0.06
N LEU D 22 2.67 -24.45 0.31
CA LEU D 22 3.55 -23.60 1.09
C LEU D 22 4.03 -22.40 0.29
N LYS D 23 3.89 -22.42 -1.02
CA LYS D 23 4.41 -21.35 -1.85
C LYS D 23 3.40 -20.25 -2.12
N SER D 24 2.18 -20.34 -1.60
CA SER D 24 1.26 -19.25 -1.87
C SER D 24 1.32 -18.20 -0.76
N THR D 25 0.85 -16.98 -1.08
CA THR D 25 0.63 -15.96 -0.06
C THR D 25 -0.68 -15.20 -0.26
N LEU D 26 -1.44 -15.48 -1.30
CA LEU D 26 -2.62 -14.69 -1.59
C LEU D 26 -3.85 -15.34 -0.94
N GLU D 27 -4.75 -14.48 -0.46
CA GLU D 27 -5.89 -14.93 0.34
C GLU D 27 -6.84 -15.80 -0.48
N THR D 28 -7.40 -16.83 0.18
CA THR D 28 -8.53 -17.54 -0.41
C THR D 28 -9.85 -16.85 -0.09
N GLY D 29 -9.88 -16.08 1.00
CA GLY D 29 -11.10 -15.60 1.59
C GLY D 29 -11.62 -16.46 2.73
N CYS D 30 -11.26 -17.73 2.78
CA CYS D 30 -11.64 -18.54 3.91
C CYS D 30 -10.85 -18.14 5.13
N THR D 31 -11.41 -18.43 6.31
CA THR D 31 -10.65 -18.34 7.54
C THR D 31 -10.83 -19.65 8.29
N GLU D 32 -10.30 -19.73 9.51
CA GLU D 32 -10.54 -20.93 10.31
C GLU D 32 -12.00 -21.06 10.67
N TYR D 33 -12.73 -19.94 10.74
CA TYR D 33 -14.13 -19.95 11.15
C TYR D 33 -15.12 -19.97 10.00
N ILE D 34 -14.75 -19.55 8.80
CA ILE D 34 -15.73 -19.47 7.72
C ILE D 34 -15.07 -19.84 6.41
N CYS D 35 -15.73 -20.67 5.61
CA CYS D 35 -15.20 -21.14 4.35
C CYS D 35 -16.03 -20.59 3.21
N MET D 36 -15.34 -20.02 2.21
CA MET D 36 -16.01 -19.34 1.10
C MET D 36 -15.73 -20.01 -0.24
N GLY D 37 -15.52 -21.32 -0.22
CA GLY D 37 -15.15 -22.03 -1.43
C GLY D 37 -16.25 -22.11 -2.46
N SER D 38 -17.45 -21.62 -2.16
CA SER D 38 -18.54 -21.50 -3.13
C SER D 38 -18.95 -20.07 -3.38
N ILE D 39 -18.23 -19.11 -2.80
CA ILE D 39 -18.34 -17.70 -3.18
C ILE D 39 -17.58 -17.47 -4.48
N MET D 40 -18.21 -16.77 -5.44
CA MET D 40 -17.65 -16.62 -6.79
C MET D 40 -16.39 -15.79 -6.79
N HIS D 41 -16.44 -14.65 -6.12
CA HIS D 41 -15.24 -13.83 -5.96
C HIS D 41 -15.27 -13.26 -4.55
N PRO D 42 -14.38 -13.71 -3.66
CA PRO D 42 -14.14 -12.99 -2.38
C PRO D 42 -13.08 -11.89 -2.53
N SER D 43 -13.46 -10.79 -3.16
CA SER D 43 -12.50 -9.71 -3.43
C SER D 43 -12.46 -8.73 -2.26
N VAL D 52 -2.94 2.97 -8.32
CA VAL D 52 -1.55 2.76 -8.70
C VAL D 52 -0.80 1.93 -7.65
N ALA D 53 -0.36 0.73 -8.05
CA ALA D 53 0.51 -0.08 -7.19
C ALA D 53 1.84 0.61 -6.98
N THR D 54 2.20 0.85 -5.72
CA THR D 54 3.26 1.79 -5.36
C THR D 54 4.64 1.27 -5.80
N LYS D 55 5.66 2.06 -5.49
CA LYS D 55 7.03 1.71 -5.87
C LYS D 55 7.55 0.53 -5.05
N ASP D 56 7.22 0.49 -3.76
CA ASP D 56 7.66 -0.60 -2.89
C ASP D 56 6.88 -1.88 -3.16
N GLN D 57 5.59 -1.76 -3.50
CA GLN D 57 4.76 -2.94 -3.65
C GLN D 57 5.18 -3.80 -4.85
N LEU D 58 5.83 -3.21 -5.86
CA LEU D 58 6.05 -3.86 -7.16
C LEU D 58 7.35 -4.66 -7.24
N PHE D 59 8.44 -4.15 -6.71
CA PHE D 59 9.70 -4.88 -6.90
C PHE D 59 9.75 -6.24 -6.21
N PRO D 60 9.20 -6.40 -4.99
CA PRO D 60 9.15 -7.76 -4.42
C PRO D 60 8.29 -8.71 -5.24
N LEU D 61 7.13 -8.27 -5.72
CA LEU D 61 6.37 -9.06 -6.69
C LEU D 61 7.24 -9.44 -7.87
N ALA D 62 7.92 -8.42 -8.45
CA ALA D 62 8.81 -8.66 -9.58
C ALA D 62 9.94 -9.61 -9.20
N LYS D 63 10.63 -9.31 -8.10
CA LYS D 63 11.72 -10.17 -7.62
C LYS D 63 11.31 -11.64 -7.58
N GLU D 64 10.16 -11.93 -6.96
CA GLU D 64 9.75 -13.32 -6.79
C GLU D 64 9.53 -14.02 -8.11
N PHE D 65 8.86 -13.35 -9.05
CA PHE D 65 8.62 -13.97 -10.35
C PHE D 65 9.92 -14.26 -11.05
N ILE D 66 10.83 -13.28 -11.10
CA ILE D 66 12.15 -13.51 -11.70
C ILE D 66 12.81 -14.69 -11.02
N ASP D 67 12.65 -14.79 -9.70
CA ASP D 67 13.24 -15.89 -8.95
C ASP D 67 12.68 -17.24 -9.39
N GLN D 68 11.35 -17.38 -9.43
CA GLN D 68 10.83 -18.66 -9.88
C GLN D 68 11.10 -18.89 -11.36
N TYR D 69 11.21 -17.83 -12.18
CA TYR D 69 11.58 -18.03 -13.57
C TYR D 69 12.96 -18.65 -13.66
N TYR D 70 13.96 -17.99 -13.07
CA TYR D 70 15.32 -18.51 -13.11
C TYR D 70 15.45 -19.82 -12.36
N SER D 71 14.58 -20.09 -11.39
CA SER D 71 14.58 -21.41 -10.77
C SER D 71 13.97 -22.45 -11.70
N SER D 72 12.97 -22.05 -12.49
CA SER D 72 12.32 -22.98 -13.40
C SER D 72 13.24 -23.46 -14.53
N ILE D 73 14.42 -22.87 -14.70
CA ILE D 73 15.35 -23.28 -15.75
C ILE D 73 16.61 -23.90 -15.20
N LYS D 74 16.61 -24.26 -13.90
CA LYS D 74 17.73 -24.94 -13.24
C LYS D 74 19.02 -24.13 -13.35
N ARG D 75 18.87 -22.79 -13.33
CA ARG D 75 19.96 -21.84 -13.26
C ARG D 75 19.68 -20.81 -12.17
N PHE D 76 19.08 -21.25 -11.07
CA PHE D 76 18.71 -20.34 -9.99
C PHE D 76 19.94 -19.70 -9.36
N GLY D 77 19.83 -18.42 -9.05
CA GLY D 77 20.96 -17.70 -8.50
C GLY D 77 22.12 -17.56 -9.47
N SER D 78 21.87 -17.76 -10.77
CA SER D 78 22.89 -17.63 -11.81
C SER D 78 23.40 -16.20 -11.93
N LYS D 79 24.62 -16.08 -12.47
CA LYS D 79 25.07 -14.79 -12.98
C LYS D 79 23.95 -14.08 -13.73
N ALA D 80 23.36 -14.78 -14.71
CA ALA D 80 22.24 -14.21 -15.46
C ALA D 80 21.11 -13.79 -14.53
N HIS D 81 20.84 -14.58 -13.49
CA HIS D 81 19.72 -14.33 -12.60
C HIS D 81 19.80 -12.96 -11.96
N MET D 82 20.69 -12.77 -10.99
CA MET D 82 20.73 -11.48 -10.32
C MET D 82 21.21 -10.37 -11.26
N GLU D 83 21.83 -10.72 -12.38
CA GLU D 83 22.02 -9.72 -13.42
C GLU D 83 20.67 -9.20 -13.90
N ARG D 84 19.70 -10.10 -14.03
CA ARG D 84 18.36 -9.69 -14.45
C ARG D 84 17.63 -8.90 -13.36
N LEU D 85 17.99 -9.11 -12.09
CA LEU D 85 17.32 -8.46 -10.98
C LEU D 85 17.71 -7.00 -10.86
N GLU D 86 18.99 -6.67 -11.10
CA GLU D 86 19.39 -5.27 -11.18
C GLU D 86 18.68 -4.57 -12.33
N GLU D 87 18.67 -5.20 -13.52
CA GLU D 87 18.04 -4.61 -14.70
C GLU D 87 16.58 -4.29 -14.44
N VAL D 88 15.88 -5.18 -13.72
CA VAL D 88 14.50 -4.90 -13.34
C VAL D 88 14.46 -3.70 -12.39
N ASN D 89 15.23 -3.77 -11.30
CA ASN D 89 15.12 -2.74 -10.26
C ASN D 89 15.46 -1.36 -10.80
N LYS D 90 16.54 -1.24 -11.58
CA LYS D 90 16.91 0.07 -12.13
C LYS D 90 15.81 0.61 -13.03
N GLU D 91 15.12 -0.27 -13.75
CA GLU D 91 14.00 0.14 -14.59
C GLU D 91 12.78 0.48 -13.75
N ILE D 92 12.50 -0.32 -12.70
CA ILE D 92 11.54 0.10 -11.67
C ILE D 92 11.85 1.52 -11.24
N ASP D 93 13.10 1.75 -10.82
CA ASP D 93 13.52 3.07 -10.38
C ASP D 93 13.28 4.11 -11.49
N THR D 94 13.83 3.86 -12.69
CA THR D 94 13.84 4.87 -13.75
C THR D 94 12.59 4.88 -14.64
N THR D 95 11.59 4.00 -14.40
CA THR D 95 10.36 4.06 -15.17
C THR D 95 9.10 3.76 -14.36
N SER D 96 9.20 3.57 -13.04
CA SER D 96 8.12 3.08 -12.18
C SER D 96 7.85 1.59 -12.39
N THR D 97 7.45 1.22 -13.60
CA THR D 97 7.20 -0.19 -13.91
C THR D 97 8.46 -0.79 -14.54
N TYR D 98 8.32 -1.94 -15.21
CA TYR D 98 9.39 -2.57 -15.96
C TYR D 98 8.72 -3.44 -17.02
N GLN D 99 9.53 -3.95 -17.95
CA GLN D 99 9.02 -4.68 -19.10
C GLN D 99 9.57 -6.10 -19.09
N LEU D 100 8.71 -7.06 -19.39
CA LEU D 100 9.12 -8.45 -19.34
C LEU D 100 9.81 -8.85 -20.63
N LYS D 101 10.91 -9.61 -20.51
CA LYS D 101 11.49 -10.29 -21.64
C LYS D 101 10.49 -11.29 -22.23
N ASP D 102 10.64 -11.57 -23.52
CA ASP D 102 9.72 -12.50 -24.17
C ASP D 102 9.65 -13.83 -23.43
N THR D 103 10.80 -14.37 -23.05
CA THR D 103 10.86 -15.61 -22.30
C THR D 103 9.99 -15.53 -21.05
N GLU D 104 10.13 -14.42 -20.31
CA GLU D 104 9.34 -14.20 -19.10
C GLU D 104 7.85 -14.12 -19.42
N LEU D 105 7.47 -13.37 -20.46
CA LEU D 105 6.06 -13.29 -20.84
C LEU D 105 5.51 -14.67 -21.18
N ILE D 106 6.27 -15.44 -21.97
CA ILE D 106 5.79 -16.75 -22.39
C ILE D 106 5.69 -17.69 -21.19
N TYR D 107 6.65 -17.65 -20.27
CA TYR D 107 6.58 -18.50 -19.09
C TYR D 107 5.38 -18.14 -18.23
N GLY D 108 5.26 -16.86 -17.90
CA GLY D 108 4.21 -16.42 -16.99
C GLY D 108 2.82 -16.67 -17.52
N ALA D 109 2.60 -16.45 -18.82
CA ALA D 109 1.27 -16.69 -19.35
C ALA D 109 0.96 -18.18 -19.32
N LYS D 110 1.98 -19.00 -19.54
CA LYS D 110 1.77 -20.44 -19.46
C LYS D 110 1.49 -20.87 -18.02
N HIS D 111 2.16 -20.22 -17.06
CA HIS D 111 1.97 -20.56 -15.67
C HIS D 111 0.69 -19.99 -15.09
N ALA D 112 0.20 -18.86 -15.62
CA ALA D 112 -1.12 -18.38 -15.21
C ALA D 112 -2.18 -19.43 -15.49
N TRP D 113 -2.18 -19.96 -16.70
CA TRP D 113 -3.04 -21.10 -17.03
C TRP D 113 -2.78 -22.27 -16.08
N ARG D 114 -1.52 -22.59 -15.83
CA ARG D 114 -1.20 -23.68 -14.92
C ARG D 114 -1.83 -23.48 -13.54
N ASN D 115 -1.77 -22.25 -13.02
CA ASN D 115 -2.30 -21.96 -11.69
C ASN D 115 -3.80 -21.69 -11.68
N ALA D 116 -4.47 -21.83 -12.81
CA ALA D 116 -5.90 -21.52 -12.85
C ALA D 116 -6.66 -22.65 -12.17
N SER D 117 -7.05 -22.42 -10.91
CA SER D 117 -7.61 -23.49 -10.08
CA SER D 117 -7.62 -23.47 -10.06
C SER D 117 -8.96 -23.96 -10.58
N ARG D 118 -9.68 -23.13 -11.33
CA ARG D 118 -11.02 -23.48 -11.76
C ARG D 118 -11.06 -24.16 -13.10
N CYS D 119 -9.91 -24.49 -13.66
CA CYS D 119 -9.80 -24.88 -15.05
C CYS D 119 -9.48 -26.37 -15.13
N VAL D 120 -10.40 -27.12 -15.71
CA VAL D 120 -10.21 -28.55 -15.92
C VAL D 120 -9.32 -28.88 -17.11
N GLY D 121 -8.99 -27.89 -17.96
CA GLY D 121 -8.24 -28.17 -19.18
C GLY D 121 -6.74 -28.24 -19.01
N ARG D 122 -6.23 -27.89 -17.83
CA ARG D 122 -4.84 -27.55 -17.63
C ARG D 122 -3.85 -28.66 -17.93
N ILE D 123 -4.29 -29.86 -18.33
CA ILE D 123 -3.30 -30.84 -18.76
C ILE D 123 -2.52 -30.30 -19.93
N GLN D 124 -3.10 -29.33 -20.63
CA GLN D 124 -2.60 -28.74 -21.87
C GLN D 124 -1.75 -27.49 -21.66
N TRP D 125 -1.49 -27.11 -20.40
CA TRP D 125 -1.11 -25.74 -20.06
C TRP D 125 0.15 -25.27 -20.76
N SER D 126 1.04 -26.16 -21.13
CA SER D 126 2.30 -25.69 -21.68
C SER D 126 2.31 -25.74 -23.19
N LYS D 127 1.23 -26.21 -23.81
CA LYS D 127 0.99 -26.08 -25.24
C LYS D 127 0.15 -24.82 -25.48
N LEU D 128 0.73 -23.69 -25.14
CA LEU D 128 0.06 -22.40 -25.23
C LEU D 128 0.82 -21.54 -26.23
N GLN D 129 0.09 -21.00 -27.19
CA GLN D 129 0.66 -20.10 -28.16
C GLN D 129 0.45 -18.68 -27.67
N VAL D 130 1.53 -17.94 -27.45
CA VAL D 130 1.48 -16.60 -26.88
C VAL D 130 1.77 -15.58 -27.97
N PHE D 131 0.84 -14.64 -28.18
CA PHE D 131 1.01 -13.55 -29.15
C PHE D 131 1.29 -12.27 -28.38
N ASP D 132 2.50 -11.75 -28.52
CA ASP D 132 2.87 -10.53 -27.79
C ASP D 132 2.32 -9.33 -28.54
N ALA D 133 1.33 -8.67 -27.96
CA ALA D 133 0.76 -7.47 -28.56
C ALA D 133 1.11 -6.23 -27.76
N ARG D 134 2.22 -6.28 -27.03
CA ARG D 134 2.63 -5.16 -26.20
C ARG D 134 3.07 -3.93 -26.98
N ASP D 135 3.14 -3.99 -28.31
CA ASP D 135 3.42 -2.83 -29.16
C ASP D 135 2.17 -2.18 -29.70
N CYS D 136 1.00 -2.68 -29.33
CA CYS D 136 -0.24 -2.11 -29.86
C CYS D 136 -0.55 -0.77 -29.20
N THR D 137 -1.13 0.16 -29.98
CA THR D 137 -1.45 1.48 -29.46
C THR D 137 -2.89 1.93 -29.68
N THR D 138 -3.68 1.25 -30.52
CA THR D 138 -5.03 1.70 -30.86
C THR D 138 -6.01 0.54 -30.90
N ALA D 139 -7.29 0.92 -30.92
CA ALA D 139 -8.36 -0.07 -31.04
C ALA D 139 -8.24 -0.84 -32.35
N HIS D 140 -7.95 -0.12 -33.45
CA HIS D 140 -7.74 -0.74 -34.75
C HIS D 140 -6.62 -1.77 -34.70
N GLY D 141 -5.52 -1.44 -34.04
CA GLY D 141 -4.47 -2.44 -33.85
C GLY D 141 -4.96 -3.62 -33.03
N MET D 142 -5.65 -3.35 -31.91
CA MET D 142 -6.24 -4.42 -31.13
C MET D 142 -7.07 -5.34 -32.01
N PHE D 143 -7.99 -4.76 -32.79
CA PHE D 143 -8.81 -5.55 -33.69
C PHE D 143 -8.00 -6.44 -34.62
N ASN D 144 -6.89 -5.91 -35.15
CA ASN D 144 -6.02 -6.71 -36.01
C ASN D 144 -5.43 -7.90 -35.24
N TYR D 145 -4.87 -7.64 -34.07
CA TYR D 145 -4.28 -8.71 -33.25
C TYR D 145 -5.32 -9.77 -32.89
N ILE D 146 -6.55 -9.34 -32.56
CA ILE D 146 -7.61 -10.27 -32.17
C ILE D 146 -8.02 -11.12 -33.36
N CYS D 147 -8.15 -10.51 -34.54
CA CYS D 147 -8.51 -11.27 -35.75
C CYS D 147 -7.47 -12.34 -36.04
N ASN D 148 -6.19 -11.99 -35.91
CA ASN D 148 -5.13 -12.96 -36.12
C ASN D 148 -5.17 -14.04 -35.05
N HIS D 149 -5.51 -13.66 -33.81
CA HIS D 149 -5.69 -14.68 -32.77
C HIS D 149 -6.80 -15.65 -33.15
N VAL D 150 -7.99 -15.12 -33.46
CA VAL D 150 -9.15 -15.95 -33.77
C VAL D 150 -8.85 -16.92 -34.91
N LYS D 151 -8.20 -16.44 -35.97
CA LYS D 151 -7.95 -17.27 -37.15
C LYS D 151 -6.94 -18.37 -36.83
N TYR D 152 -5.83 -18.00 -36.21
CA TYR D 152 -4.89 -19.01 -35.76
C TYR D 152 -5.58 -20.03 -34.85
N ALA D 153 -6.24 -19.57 -33.77
CA ALA D 153 -6.79 -20.54 -32.80
C ALA D 153 -7.88 -21.41 -33.41
N THR D 154 -8.68 -20.87 -34.33
CA THR D 154 -9.75 -21.68 -34.89
C THR D 154 -9.21 -22.79 -35.79
N ASN D 155 -8.31 -22.43 -36.71
CA ASN D 155 -7.50 -23.38 -37.49
C ASN D 155 -8.35 -24.42 -38.22
N LYS D 156 -9.45 -23.94 -38.82
CA LYS D 156 -10.30 -24.73 -39.69
C LYS D 156 -11.06 -25.82 -38.96
N GLY D 157 -11.14 -25.73 -37.62
CA GLY D 157 -11.80 -26.72 -36.79
C GLY D 157 -10.85 -27.38 -35.80
N ASN D 158 -9.56 -27.48 -36.15
CA ASN D 158 -8.57 -28.17 -35.32
C ASN D 158 -7.98 -27.20 -34.29
N LEU D 159 -8.81 -26.81 -33.31
CA LEU D 159 -8.54 -25.64 -32.49
C LEU D 159 -7.22 -25.76 -31.72
N ARG D 160 -6.63 -24.61 -31.40
CA ARG D 160 -5.34 -24.52 -30.74
C ARG D 160 -5.38 -23.44 -29.69
N SER D 161 -4.76 -23.69 -28.54
CA SER D 161 -4.85 -22.75 -27.43
C SER D 161 -3.97 -21.54 -27.69
N ALA D 162 -4.46 -20.36 -27.31
CA ALA D 162 -3.71 -19.15 -27.62
C ALA D 162 -4.15 -18.01 -26.73
N ILE D 163 -3.21 -17.09 -26.48
CA ILE D 163 -3.45 -15.86 -25.74
C ILE D 163 -2.71 -14.72 -26.46
N THR D 164 -3.35 -13.56 -26.53
CA THR D 164 -2.75 -12.33 -27.05
C THR D 164 -2.67 -11.34 -25.90
N ILE D 165 -1.48 -10.80 -25.66
CA ILE D 165 -1.26 -9.94 -24.49
C ILE D 165 -1.02 -8.50 -24.96
N PHE D 166 -1.97 -7.62 -24.65
CA PHE D 166 -1.88 -6.19 -24.91
C PHE D 166 -1.06 -5.47 -23.84
N PRO D 167 -0.75 -4.17 -24.04
CA PRO D 167 0.11 -3.47 -23.09
C PRO D 167 -0.40 -3.49 -21.65
N GLN D 168 0.55 -3.53 -20.73
CA GLN D 168 0.22 -3.60 -19.31
C GLN D 168 -0.34 -2.26 -18.85
N ARG D 169 -1.08 -2.30 -17.75
CA ARG D 169 -1.60 -1.08 -17.16
C ARG D 169 -0.46 -0.18 -16.69
N THR D 170 -0.67 1.13 -16.72
CA THR D 170 0.39 2.00 -16.28
C THR D 170 -0.09 2.80 -15.09
N ASP D 171 -0.94 3.79 -15.33
CA ASP D 171 -1.51 4.57 -14.23
C ASP D 171 -2.98 4.23 -13.95
N GLY D 172 -3.61 3.35 -14.73
CA GLY D 172 -5.04 3.15 -14.69
C GLY D 172 -5.86 4.05 -15.62
N LYS D 173 -5.35 5.25 -15.93
CA LYS D 173 -6.05 6.12 -16.87
C LYS D 173 -5.98 5.63 -18.31
N HIS D 174 -4.97 4.81 -18.64
CA HIS D 174 -4.75 4.38 -20.01
C HIS D 174 -4.89 2.87 -20.20
N ASP D 175 -5.94 2.27 -19.63
CA ASP D 175 -6.11 0.82 -19.71
C ASP D 175 -6.43 0.36 -21.13
N PHE D 176 -5.84 -0.77 -21.50
CA PHE D 176 -6.36 -1.54 -22.62
C PHE D 176 -7.38 -2.55 -22.10
N ARG D 177 -8.54 -2.60 -22.75
CA ARG D 177 -9.63 -3.48 -22.34
C ARG D 177 -10.36 -4.01 -23.57
N VAL D 178 -10.62 -5.32 -23.57
CA VAL D 178 -11.66 -5.88 -24.45
C VAL D 178 -12.98 -5.86 -23.68
N TRP D 179 -13.95 -5.11 -24.19
CA TRP D 179 -15.17 -4.92 -23.42
C TRP D 179 -16.09 -6.14 -23.46
N ASN D 180 -16.06 -6.91 -24.54
CA ASN D 180 -16.82 -8.14 -24.56
C ASN D 180 -16.24 -9.06 -23.50
N SER D 181 -17.10 -9.90 -22.90
CA SER D 181 -16.59 -10.88 -21.95
C SER D 181 -15.91 -12.04 -22.67
N GLN D 182 -16.44 -12.43 -23.82
CA GLN D 182 -15.77 -13.37 -24.70
C GLN D 182 -15.68 -12.77 -26.11
N LEU D 183 -14.65 -13.17 -26.85
CA LEU D 183 -14.47 -12.65 -28.22
C LEU D 183 -15.66 -13.01 -29.11
N ILE D 184 -16.27 -14.18 -28.88
CA ILE D 184 -17.39 -14.65 -29.70
C ILE D 184 -18.53 -14.92 -28.73
N ARG D 185 -19.60 -14.13 -28.85
CA ARG D 185 -20.83 -14.30 -28.09
C ARG D 185 -22.01 -13.80 -28.91
N TYR D 186 -23.19 -14.36 -28.65
CA TYR D 186 -24.39 -13.89 -29.33
C TYR D 186 -25.11 -12.79 -28.55
N ALA D 187 -25.84 -11.96 -29.27
CA ALA D 187 -26.48 -10.78 -28.70
C ALA D 187 -27.75 -11.13 -27.92
N GLY D 188 -28.16 -10.20 -27.07
CA GLY D 188 -29.36 -10.40 -26.29
C GLY D 188 -30.27 -9.19 -26.33
N TYR D 189 -31.48 -9.39 -26.83
CA TYR D 189 -32.45 -8.31 -27.01
C TYR D 189 -33.63 -8.54 -26.07
N LYS D 190 -34.04 -7.46 -25.39
CA LYS D 190 -35.31 -7.49 -24.67
C LYS D 190 -36.47 -7.37 -25.66
N GLN D 191 -37.57 -7.96 -25.29
CA GLN D 191 -38.73 -8.00 -26.15
C GLN D 191 -39.79 -7.01 -25.69
N PRO D 192 -40.70 -6.61 -26.58
CA PRO D 192 -41.76 -5.66 -26.19
C PRO D 192 -42.48 -6.08 -24.93
N ASP D 193 -42.44 -7.37 -24.62
CA ASP D 193 -43.06 -7.94 -23.42
C ASP D 193 -41.99 -8.65 -22.60
N GLY D 194 -41.32 -7.90 -21.72
CA GLY D 194 -40.48 -8.41 -20.64
C GLY D 194 -39.64 -9.66 -20.83
N SER D 195 -39.80 -10.35 -21.95
CA SER D 195 -39.09 -11.59 -22.23
C SER D 195 -37.77 -11.23 -22.92
N THR D 196 -37.12 -12.22 -23.54
CA THR D 196 -35.77 -11.98 -24.06
C THR D 196 -35.49 -12.85 -25.28
N LEU D 197 -35.05 -12.22 -26.37
CA LEU D 197 -34.61 -12.92 -27.57
C LEU D 197 -33.09 -13.00 -27.60
N GLY D 198 -32.57 -14.16 -28.00
CA GLY D 198 -31.13 -14.38 -28.08
C GLY D 198 -30.56 -14.88 -26.78
N ASP D 199 -29.31 -14.52 -26.48
CA ASP D 199 -28.65 -14.90 -25.24
C ASP D 199 -28.97 -13.88 -24.16
N PRO D 200 -29.71 -14.24 -23.11
CA PRO D 200 -30.13 -13.25 -22.12
C PRO D 200 -29.00 -12.72 -21.26
N ALA D 201 -27.89 -13.45 -21.13
CA ALA D 201 -26.75 -12.97 -20.37
C ALA D 201 -26.10 -11.74 -20.99
N ASN D 202 -26.40 -11.43 -22.25
CA ASN D 202 -25.68 -10.42 -23.00
C ASN D 202 -26.56 -9.21 -23.31
N VAL D 203 -27.69 -9.08 -22.61
CA VAL D 203 -28.63 -8.03 -22.95
C VAL D 203 -28.02 -6.67 -22.69
N GLN D 204 -27.36 -6.51 -21.54
CA GLN D 204 -26.71 -5.25 -21.22
C GLN D 204 -25.65 -4.87 -22.27
N PHE D 205 -24.72 -5.79 -22.53
CA PHE D 205 -23.68 -5.49 -23.50
C PHE D 205 -24.27 -5.16 -24.86
N THR D 206 -25.25 -5.95 -25.30
CA THR D 206 -25.91 -5.65 -26.56
C THR D 206 -26.53 -4.25 -26.55
N GLU D 207 -27.11 -3.83 -25.41
CA GLU D 207 -27.70 -2.49 -25.38
C GLU D 207 -26.64 -1.41 -25.53
N ILE D 208 -25.44 -1.63 -24.98
CA ILE D 208 -24.35 -0.69 -25.18
C ILE D 208 -23.96 -0.66 -26.64
N CYS D 209 -23.68 -1.83 -27.21
CA CYS D 209 -23.30 -1.92 -28.61
C CYS D 209 -24.31 -1.22 -29.51
N ILE D 210 -25.60 -1.46 -29.27
CA ILE D 210 -26.63 -0.76 -30.02
C ILE D 210 -26.52 0.74 -29.79
N GLN D 211 -26.48 1.16 -28.51
CA GLN D 211 -26.30 2.57 -28.19
C GLN D 211 -25.01 3.12 -28.75
N GLN D 212 -24.03 2.27 -29.03
CA GLN D 212 -22.77 2.71 -29.60
C GLN D 212 -22.78 2.72 -31.11
N GLY D 213 -23.92 2.45 -31.74
CA GLY D 213 -24.04 2.47 -33.20
C GLY D 213 -24.25 1.12 -33.85
N TRP D 214 -24.02 0.01 -33.15
CA TRP D 214 -24.26 -1.30 -33.75
C TRP D 214 -25.71 -1.42 -34.20
N LYS D 215 -25.89 -1.80 -35.48
CA LYS D 215 -27.20 -2.07 -36.07
C LYS D 215 -27.54 -3.54 -35.87
N PRO D 216 -28.43 -3.86 -34.94
CA PRO D 216 -28.63 -5.25 -34.56
C PRO D 216 -29.57 -5.95 -35.54
N PRO D 217 -29.15 -7.09 -36.09
CA PRO D 217 -30.10 -7.88 -36.91
C PRO D 217 -31.29 -8.42 -36.12
N ARG D 218 -31.18 -8.45 -34.78
CA ARG D 218 -32.31 -8.78 -33.90
C ARG D 218 -32.82 -10.20 -34.16
N GLY D 219 -31.89 -11.15 -34.13
CA GLY D 219 -32.21 -12.57 -34.24
C GLY D 219 -31.56 -13.36 -33.10
N ARG D 220 -31.85 -14.67 -33.11
CA ARG D 220 -31.57 -15.53 -31.95
C ARG D 220 -30.09 -15.85 -31.76
N PHE D 221 -29.22 -15.59 -32.77
CA PHE D 221 -27.80 -15.97 -32.75
C PHE D 221 -27.01 -14.98 -33.63
N ASP D 222 -26.96 -13.73 -33.19
CA ASP D 222 -26.22 -12.67 -33.86
C ASP D 222 -24.88 -12.53 -33.15
N VAL D 223 -23.78 -12.61 -33.92
CA VAL D 223 -22.46 -12.49 -33.32
C VAL D 223 -22.24 -11.04 -32.91
N LEU D 224 -21.93 -10.84 -31.64
CA LEU D 224 -21.76 -9.49 -31.17
C LEU D 224 -20.52 -8.90 -31.84
N PRO D 225 -20.46 -7.59 -31.98
CA PRO D 225 -19.24 -6.95 -32.47
C PRO D 225 -18.24 -6.78 -31.34
N LEU D 226 -16.96 -6.76 -31.71
CA LEU D 226 -15.89 -6.40 -30.78
C LEU D 226 -16.00 -4.93 -30.39
N LEU D 227 -15.71 -4.62 -29.14
CA LEU D 227 -15.77 -3.24 -28.62
C LEU D 227 -14.47 -3.06 -27.87
N LEU D 228 -13.53 -2.35 -28.45
CA LEU D 228 -12.16 -2.43 -27.99
C LEU D 228 -11.68 -1.07 -27.51
N GLN D 229 -10.96 -1.08 -26.40
CA GLN D 229 -10.51 0.12 -25.72
C GLN D 229 -9.01 0.04 -25.62
N ALA D 230 -8.32 0.96 -26.28
CA ALA D 230 -6.87 1.01 -26.17
C ALA D 230 -6.49 2.25 -25.39
N ASN D 231 -5.50 2.10 -24.51
CA ASN D 231 -4.80 3.25 -23.94
C ASN D 231 -5.75 4.17 -23.19
N GLY D 232 -6.91 3.67 -22.79
CA GLY D 232 -7.82 4.44 -21.98
C GLY D 232 -8.77 5.31 -22.77
N ASN D 233 -8.75 5.25 -24.09
CA ASN D 233 -9.72 6.03 -24.84
C ASN D 233 -11.06 5.32 -24.84
N ASP D 234 -12.10 6.05 -25.24
CA ASP D 234 -13.41 5.45 -25.45
C ASP D 234 -13.29 4.25 -26.39
N PRO D 235 -14.05 3.18 -26.18
CA PRO D 235 -13.94 2.00 -27.04
C PRO D 235 -14.61 2.17 -28.41
N GLU D 236 -14.23 1.28 -29.34
CA GLU D 236 -14.65 1.36 -30.73
C GLU D 236 -15.16 0.00 -31.23
N LEU D 237 -16.23 0.03 -32.02
CA LEU D 237 -16.80 -1.20 -32.55
C LEU D 237 -16.02 -1.72 -33.75
N PHE D 238 -16.02 -3.05 -33.89
CA PHE D 238 -15.41 -3.75 -35.03
C PHE D 238 -16.15 -5.07 -35.21
N GLN D 239 -16.54 -5.38 -36.44
CA GLN D 239 -17.21 -6.64 -36.74
C GLN D 239 -16.18 -7.66 -37.19
N ILE D 240 -16.06 -8.74 -36.43
CA ILE D 240 -15.17 -9.83 -36.84
C ILE D 240 -15.58 -10.31 -38.22
N PRO D 241 -14.66 -10.59 -39.12
CA PRO D 241 -15.05 -11.13 -40.43
C PRO D 241 -15.72 -12.48 -40.29
N PRO D 242 -16.94 -12.62 -40.83
CA PRO D 242 -17.71 -13.85 -40.62
C PRO D 242 -16.98 -15.13 -40.95
N GLU D 243 -16.14 -15.11 -41.98
CA GLU D 243 -15.38 -16.30 -42.31
C GLU D 243 -14.39 -16.67 -41.21
N LEU D 244 -14.17 -15.80 -40.24
CA LEU D 244 -13.36 -16.21 -39.11
C LEU D 244 -14.19 -16.84 -37.98
N VAL D 245 -15.52 -16.75 -38.01
CA VAL D 245 -16.32 -17.21 -36.87
C VAL D 245 -16.88 -18.60 -37.22
N LEU D 246 -16.20 -19.64 -36.73
CA LEU D 246 -16.66 -21.00 -37.01
C LEU D 246 -17.86 -21.31 -36.11
N GLU D 247 -18.88 -21.91 -36.71
CA GLU D 247 -20.13 -22.19 -36.02
C GLU D 247 -20.58 -23.59 -36.39
N VAL D 248 -21.28 -24.25 -35.46
CA VAL D 248 -21.73 -25.63 -35.64
C VAL D 248 -23.24 -25.66 -35.50
N PRO D 249 -23.97 -26.19 -36.49
CA PRO D 249 -25.41 -26.38 -36.32
C PRO D 249 -25.70 -27.69 -35.58
N ILE D 250 -26.48 -27.60 -34.51
CA ILE D 250 -26.69 -28.73 -33.61
C ILE D 250 -27.79 -29.60 -34.17
N ARG D 251 -27.45 -30.83 -34.54
CA ARG D 251 -28.44 -31.83 -34.91
C ARG D 251 -28.33 -33.04 -33.96
N HIS D 252 -29.34 -33.89 -33.99
CA HIS D 252 -29.25 -35.03 -33.10
C HIS D 252 -28.97 -36.28 -33.92
N PRO D 253 -28.20 -37.24 -33.39
CA PRO D 253 -27.91 -38.46 -34.16
C PRO D 253 -29.06 -39.45 -34.19
N LYS D 254 -30.16 -39.14 -33.50
CA LYS D 254 -31.33 -40.00 -33.50
C LYS D 254 -32.58 -39.21 -33.78
N PHE D 255 -32.77 -38.08 -33.09
CA PHE D 255 -33.99 -37.27 -33.21
C PHE D 255 -33.88 -36.38 -34.44
N GLU D 256 -34.47 -36.81 -35.55
CA GLU D 256 -34.42 -36.01 -36.77
C GLU D 256 -35.17 -34.70 -36.64
N TRP D 257 -36.00 -34.53 -35.61
CA TRP D 257 -36.64 -33.25 -35.38
C TRP D 257 -35.72 -32.26 -34.69
N PHE D 258 -34.59 -32.71 -34.18
CA PHE D 258 -33.73 -31.83 -33.40
C PHE D 258 -33.24 -30.66 -34.23
N LYS D 259 -32.80 -30.94 -35.46
CA LYS D 259 -32.33 -29.89 -36.35
C LYS D 259 -33.37 -28.79 -36.52
N ASP D 260 -34.65 -29.13 -36.43
CA ASP D 260 -35.71 -28.12 -36.53
C ASP D 260 -35.71 -27.16 -35.35
N LEU D 261 -35.11 -27.54 -34.22
CA LEU D 261 -35.06 -26.62 -33.08
C LEU D 261 -34.37 -25.32 -33.45
N GLY D 262 -33.57 -25.31 -34.51
CA GLY D 262 -32.87 -24.12 -34.97
C GLY D 262 -31.70 -23.72 -34.12
N LEU D 263 -30.92 -24.68 -33.65
CA LEU D 263 -29.86 -24.37 -32.70
C LEU D 263 -28.51 -24.41 -33.40
N LYS D 264 -27.62 -23.53 -32.96
CA LYS D 264 -26.25 -23.48 -33.42
C LYS D 264 -25.43 -22.86 -32.31
N TRP D 265 -24.13 -23.14 -32.33
CA TRP D 265 -23.21 -22.50 -31.41
C TRP D 265 -21.87 -22.37 -32.13
N TYR D 266 -20.98 -21.62 -31.50
CA TYR D 266 -19.68 -21.31 -32.07
C TYR D 266 -18.62 -22.24 -31.50
N GLY D 267 -17.51 -22.33 -32.22
CA GLY D 267 -16.48 -23.30 -31.87
C GLY D 267 -15.43 -22.83 -30.89
N LEU D 268 -15.27 -21.52 -30.72
CA LEU D 268 -14.09 -20.98 -30.04
C LEU D 268 -14.45 -20.29 -28.76
N PRO D 269 -14.25 -20.91 -27.60
CA PRO D 269 -14.44 -20.20 -26.33
C PRO D 269 -13.18 -19.37 -26.08
N ALA D 270 -13.38 -18.09 -25.83
CA ALA D 270 -12.25 -17.15 -25.85
C ALA D 270 -12.55 -16.07 -24.82
N VAL D 271 -11.90 -16.14 -23.67
CA VAL D 271 -12.23 -15.29 -22.52
C VAL D 271 -11.48 -13.99 -22.66
N SER D 272 -12.20 -12.87 -22.61
CA SER D 272 -11.56 -11.59 -22.90
C SER D 272 -11.75 -10.55 -21.80
N ASN D 273 -12.38 -10.89 -20.69
CA ASN D 273 -12.65 -9.90 -19.65
C ASN D 273 -11.74 -10.03 -18.43
N MET D 274 -10.75 -10.93 -18.45
CA MET D 274 -9.97 -11.16 -17.24
C MET D 274 -8.61 -10.47 -17.29
N LEU D 275 -7.95 -10.42 -16.12
CA LEU D 275 -6.70 -9.70 -15.93
C LEU D 275 -5.56 -10.67 -15.65
N LEU D 276 -4.48 -10.54 -16.39
CA LEU D 276 -3.32 -11.42 -16.26
C LEU D 276 -2.21 -10.72 -15.47
N GLU D 277 -1.86 -11.26 -14.30
CA GLU D 277 -0.79 -10.72 -13.47
C GLU D 277 0.44 -11.60 -13.56
N ILE D 278 1.55 -11.02 -14.02
CA ILE D 278 2.88 -11.64 -14.01
C ILE D 278 3.81 -10.65 -13.30
N GLY D 279 4.66 -11.15 -12.40
CA GLY D 279 5.57 -10.31 -11.65
C GLY D 279 5.05 -8.93 -11.25
N GLY D 280 3.84 -8.85 -10.70
CA GLY D 280 3.33 -7.58 -10.24
C GLY D 280 2.85 -6.62 -11.31
N LEU D 281 2.98 -6.99 -12.59
CA LEU D 281 2.47 -6.22 -13.70
C LEU D 281 1.06 -6.70 -14.06
N GLU D 282 0.23 -5.78 -14.56
CA GLU D 282 -1.22 -6.03 -14.70
C GLU D 282 -1.64 -5.89 -16.16
N PHE D 283 -1.99 -7.02 -16.77
CA PHE D 283 -2.33 -7.09 -18.18
C PHE D 283 -3.85 -7.15 -18.32
N SER D 284 -4.48 -5.96 -18.36
CA SER D 284 -5.94 -5.84 -18.34
C SER D 284 -6.61 -6.32 -19.62
N ALA D 285 -5.84 -6.55 -20.70
CA ALA D 285 -6.37 -7.09 -21.94
C ALA D 285 -5.48 -8.26 -22.38
N CYS D 286 -6.03 -9.47 -22.31
CA CYS D 286 -5.27 -10.69 -22.56
C CYS D 286 -6.20 -11.81 -22.99
N PRO D 287 -6.87 -11.66 -24.13
CA PRO D 287 -7.85 -12.68 -24.54
C PRO D 287 -7.20 -14.04 -24.77
N PHE D 288 -7.74 -15.06 -24.08
CA PHE D 288 -7.24 -16.43 -24.15
C PHE D 288 -8.37 -17.38 -24.52
N SER D 289 -8.02 -18.46 -25.22
CA SER D 289 -9.00 -19.30 -25.87
C SER D 289 -8.48 -20.72 -25.94
N GLY D 290 -9.42 -21.67 -25.86
CA GLY D 290 -9.09 -23.08 -25.92
C GLY D 290 -10.08 -23.79 -26.84
N TRP D 291 -10.72 -24.81 -26.32
CA TRP D 291 -11.80 -25.48 -27.03
C TRP D 291 -12.78 -25.95 -25.96
N TYR D 292 -13.99 -26.32 -26.38
CA TYR D 292 -15.11 -26.43 -25.44
C TYR D 292 -15.17 -27.79 -24.75
N MET D 293 -15.61 -27.77 -23.49
CA MET D 293 -16.18 -28.96 -22.89
C MET D 293 -17.66 -28.96 -23.24
N GLY D 294 -18.14 -30.09 -23.75
CA GLY D 294 -19.52 -30.16 -24.24
C GLY D 294 -20.55 -29.58 -23.27
N THR D 295 -20.38 -29.84 -21.97
CA THR D 295 -21.41 -29.43 -21.01
C THR D 295 -21.57 -27.92 -20.96
N GLU D 296 -20.50 -27.17 -21.29
CA GLU D 296 -20.59 -25.71 -21.28
C GLU D 296 -21.68 -25.22 -22.23
N ILE D 297 -21.69 -25.76 -23.44
CA ILE D 297 -22.74 -25.44 -24.38
C ILE D 297 -24.03 -26.11 -23.97
N GLY D 298 -23.99 -27.43 -23.75
CA GLY D 298 -25.21 -28.21 -23.58
C GLY D 298 -25.90 -27.97 -22.25
N VAL D 299 -25.14 -27.87 -21.18
CA VAL D 299 -25.78 -27.72 -19.88
C VAL D 299 -25.98 -26.24 -19.54
N ARG D 300 -24.89 -25.48 -19.45
CA ARG D 300 -24.99 -24.09 -18.97
C ARG D 300 -25.64 -23.17 -20.01
N ASP D 301 -25.06 -23.07 -21.23
CA ASP D 301 -25.59 -22.09 -22.19
C ASP D 301 -27.02 -22.41 -22.62
N TYR D 302 -27.28 -23.67 -22.94
CA TYR D 302 -28.60 -24.02 -23.46
C TYR D 302 -29.66 -24.17 -22.37
N CYS D 303 -29.28 -24.58 -21.14
CA CYS D 303 -30.26 -25.04 -20.17
C CYS D 303 -30.40 -24.21 -18.90
N ASP D 304 -29.44 -23.34 -18.55
CA ASP D 304 -29.68 -22.37 -17.49
C ASP D 304 -31.00 -21.64 -17.74
N ASN D 305 -31.72 -21.33 -16.68
CA ASN D 305 -32.97 -20.60 -16.87
C ASN D 305 -32.72 -19.17 -17.31
N SER D 306 -31.61 -18.57 -16.85
CA SER D 306 -31.25 -17.20 -17.16
C SER D 306 -30.45 -17.11 -18.45
N ARG D 307 -30.46 -18.20 -19.22
CA ARG D 307 -29.81 -18.33 -20.50
C ARG D 307 -30.85 -18.82 -21.52
N TYR D 308 -30.46 -19.69 -22.45
CA TYR D 308 -31.35 -19.99 -23.58
C TYR D 308 -32.58 -20.79 -23.17
N ASN D 309 -32.48 -21.59 -22.10
CA ASN D 309 -33.61 -22.19 -21.39
C ASN D 309 -34.46 -23.08 -22.31
N ILE D 310 -33.81 -24.07 -22.92
CA ILE D 310 -34.41 -24.85 -23.99
C ILE D 310 -35.02 -26.15 -23.49
N LEU D 311 -35.04 -26.37 -22.18
CA LEU D 311 -35.49 -27.63 -21.62
C LEU D 311 -36.98 -27.91 -21.89
N GLU D 312 -37.85 -26.93 -21.64
CA GLU D 312 -39.26 -27.15 -21.99
C GLU D 312 -39.38 -27.61 -23.43
N GLU D 313 -38.73 -26.89 -24.36
CA GLU D 313 -38.95 -27.14 -25.78
C GLU D 313 -38.47 -28.52 -26.18
N VAL D 314 -37.31 -28.94 -25.67
CA VAL D 314 -36.78 -30.25 -26.04
C VAL D 314 -37.70 -31.37 -25.51
N ALA D 315 -37.99 -31.36 -24.20
CA ALA D 315 -38.85 -32.39 -23.65
C ALA D 315 -40.24 -32.34 -24.27
N LYS D 316 -40.73 -31.14 -24.58
CA LYS D 316 -42.01 -31.04 -25.27
C LYS D 316 -41.97 -31.79 -26.60
N LYS D 317 -40.88 -31.60 -27.37
CA LYS D 317 -40.70 -32.39 -28.59
C LYS D 317 -40.40 -33.86 -28.27
N MET D 318 -39.76 -34.14 -27.13
CA MET D 318 -39.61 -35.52 -26.66
C MET D 318 -40.90 -36.12 -26.11
N ASN D 319 -41.99 -35.35 -26.02
CA ASN D 319 -43.28 -35.84 -25.51
C ASN D 319 -43.15 -36.45 -24.12
N LEU D 320 -42.34 -35.83 -23.27
CA LEU D 320 -42.15 -36.32 -21.90
C LEU D 320 -43.25 -35.79 -20.97
N ASP D 321 -43.51 -36.54 -19.90
CA ASP D 321 -44.42 -36.09 -18.86
C ASP D 321 -43.76 -34.95 -18.09
N MET D 322 -44.22 -33.72 -18.34
CA MET D 322 -43.59 -32.54 -17.75
C MET D 322 -44.33 -32.00 -16.54
N ARG D 323 -45.35 -32.71 -16.07
CA ARG D 323 -46.11 -32.21 -14.93
C ARG D 323 -45.38 -32.48 -13.61
N LYS D 324 -44.97 -33.72 -13.37
CA LYS D 324 -44.35 -34.11 -12.11
C LYS D 324 -42.83 -34.04 -12.23
N THR D 325 -42.19 -33.26 -11.34
CA THR D 325 -40.73 -33.13 -11.32
C THR D 325 -40.01 -34.46 -11.12
N SER D 326 -40.64 -35.42 -10.45
CA SER D 326 -40.00 -36.72 -10.19
C SER D 326 -39.98 -37.61 -11.42
N SER D 327 -40.66 -37.24 -12.51
CA SER D 327 -40.45 -37.94 -13.76
C SER D 327 -39.05 -37.73 -14.30
N LEU D 328 -38.33 -36.74 -13.77
CA LEU D 328 -36.97 -36.43 -14.18
C LEU D 328 -36.89 -35.98 -15.64
N TRP D 329 -37.94 -35.31 -16.13
CA TRP D 329 -37.98 -34.92 -17.53
C TRP D 329 -36.89 -33.88 -17.86
N LYS D 330 -36.57 -32.99 -16.93
CA LYS D 330 -35.45 -32.09 -17.17
C LYS D 330 -34.17 -32.87 -17.37
N ASP D 331 -33.94 -33.89 -16.54
CA ASP D 331 -32.72 -34.68 -16.65
C ASP D 331 -32.66 -35.43 -17.98
N GLN D 332 -33.78 -36.03 -18.38
CA GLN D 332 -33.81 -36.77 -19.65
C GLN D 332 -33.48 -35.86 -20.83
N ALA D 333 -34.18 -34.74 -20.95
CA ALA D 333 -33.89 -33.80 -22.02
C ALA D 333 -32.44 -33.34 -21.97
N LEU D 334 -31.94 -33.04 -20.78
CA LEU D 334 -30.59 -32.54 -20.62
C LEU D 334 -29.59 -33.46 -21.32
N VAL D 335 -29.64 -34.76 -21.02
CA VAL D 335 -28.68 -35.67 -21.60
C VAL D 335 -28.75 -35.64 -23.13
N GLU D 336 -29.96 -35.59 -23.69
CA GLU D 336 -30.11 -35.62 -25.13
C GLU D 336 -29.51 -34.38 -25.79
N ILE D 337 -29.76 -33.21 -25.20
CA ILE D 337 -29.15 -31.98 -25.68
C ILE D 337 -27.63 -32.14 -25.73
N ASN D 338 -27.03 -32.67 -24.65
CA ASN D 338 -25.58 -32.79 -24.63
C ASN D 338 -25.07 -33.89 -25.56
N ILE D 339 -25.90 -34.86 -25.91
CA ILE D 339 -25.56 -35.82 -26.96
C ILE D 339 -25.52 -35.10 -28.30
N ALA D 340 -26.38 -34.12 -28.46
CA ALA D 340 -26.54 -33.44 -29.73
C ALA D 340 -25.36 -32.51 -29.99
N VAL D 341 -24.98 -31.72 -28.98
CA VAL D 341 -23.83 -30.84 -29.10
C VAL D 341 -22.58 -31.65 -29.42
N LEU D 342 -22.34 -32.73 -28.68
CA LEU D 342 -21.15 -33.52 -28.93
C LEU D 342 -21.14 -34.09 -30.34
N TYR D 343 -22.28 -34.57 -30.81
CA TYR D 343 -22.32 -35.22 -32.10
C TYR D 343 -22.18 -34.22 -33.22
N SER D 344 -22.59 -32.99 -32.96
CA SER D 344 -22.61 -31.97 -33.97
C SER D 344 -21.19 -31.44 -34.24
N PHE D 345 -20.48 -31.09 -33.16
CA PHE D 345 -19.08 -30.69 -33.27
C PHE D 345 -18.22 -31.79 -33.86
N GLN D 346 -18.54 -33.05 -33.55
CA GLN D 346 -17.74 -34.14 -34.10
C GLN D 346 -18.03 -34.41 -35.56
N SER D 347 -19.28 -34.28 -36.02
CA SER D 347 -19.56 -34.42 -37.44
C SER D 347 -18.97 -33.26 -38.26
N ASP D 348 -18.54 -32.18 -37.61
CA ASP D 348 -17.94 -31.07 -38.31
C ASP D 348 -16.46 -30.92 -37.98
N LYS D 349 -15.85 -31.96 -37.42
CA LYS D 349 -14.42 -31.94 -37.09
C LYS D 349 -14.00 -30.65 -36.38
N VAL D 350 -14.86 -30.19 -35.47
CA VAL D 350 -14.56 -29.08 -34.58
C VAL D 350 -14.21 -29.65 -33.23
N THR D 351 -13.00 -29.35 -32.76
CA THR D 351 -12.53 -29.88 -31.48
C THR D 351 -13.55 -29.64 -30.37
N ILE D 352 -13.86 -30.71 -29.64
CA ILE D 352 -14.74 -30.62 -28.48
C ILE D 352 -14.37 -31.75 -27.56
N VAL D 353 -14.56 -31.54 -26.26
CA VAL D 353 -14.25 -32.59 -25.30
C VAL D 353 -15.46 -32.85 -24.40
N ASP D 354 -15.81 -34.14 -24.24
CA ASP D 354 -16.91 -34.43 -23.33
C ASP D 354 -16.41 -34.49 -21.90
N HIS D 355 -17.35 -34.27 -20.98
CA HIS D 355 -17.01 -34.14 -19.57
C HIS D 355 -16.41 -35.42 -18.98
N HIS D 356 -16.66 -36.59 -19.56
CA HIS D 356 -16.00 -37.80 -19.05
C HIS D 356 -14.52 -37.81 -19.43
N SER D 357 -14.23 -37.59 -20.72
CA SER D 357 -12.84 -37.57 -21.15
C SER D 357 -12.08 -36.43 -20.48
N ALA D 358 -12.71 -35.26 -20.38
CA ALA D 358 -12.01 -34.08 -19.86
C ALA D 358 -11.66 -34.26 -18.40
N THR D 359 -12.60 -34.78 -17.60
CA THR D 359 -12.33 -34.99 -16.17
C THR D 359 -11.28 -36.07 -15.97
N GLU D 360 -11.34 -37.14 -16.76
CA GLU D 360 -10.29 -38.14 -16.72
C GLU D 360 -8.91 -37.53 -17.03
N SER D 361 -8.82 -36.74 -18.11
CA SER D 361 -7.56 -36.04 -18.40
CA SER D 361 -7.57 -36.03 -18.42
C SER D 361 -7.10 -35.22 -17.21
N PHE D 362 -8.01 -34.50 -16.56
CA PHE D 362 -7.61 -33.68 -15.43
C PHE D 362 -7.06 -34.52 -14.27
N ILE D 363 -7.55 -35.76 -14.08
CA ILE D 363 -7.06 -36.53 -12.93
C ILE D 363 -5.61 -36.93 -13.17
N LYS D 364 -5.32 -37.43 -14.38
CA LYS D 364 -3.93 -37.72 -14.75
C LYS D 364 -3.05 -36.48 -14.64
N HIS D 365 -3.62 -35.30 -14.94
CA HIS D 365 -2.88 -34.05 -14.76
C HIS D 365 -2.59 -33.80 -13.28
N MET D 366 -3.61 -33.89 -12.42
CA MET D 366 -3.38 -33.87 -10.98
C MET D 366 -2.23 -34.80 -10.56
N GLU D 367 -2.28 -36.08 -10.98
CA GLU D 367 -1.18 -36.99 -10.68
CA GLU D 367 -1.17 -36.99 -10.69
C GLU D 367 0.16 -36.40 -11.13
N ASN D 368 0.20 -35.88 -12.37
CA ASN D 368 1.45 -35.33 -12.92
C ASN D 368 1.98 -34.18 -12.09
N GLU D 369 1.10 -33.22 -11.77
CA GLU D 369 1.51 -32.03 -11.01
C GLU D 369 2.07 -32.41 -9.63
N TYR D 370 1.40 -33.33 -8.92
CA TYR D 370 1.88 -33.73 -7.61
C TYR D 370 3.27 -34.31 -7.68
N ARG D 371 3.56 -35.14 -8.68
CA ARG D 371 4.89 -35.72 -8.82
C ARG D 371 5.95 -34.64 -9.08
N CYS D 372 5.82 -33.87 -10.17
CA CYS D 372 6.88 -32.97 -10.59
C CYS D 372 6.87 -31.62 -9.88
N ARG D 373 5.70 -31.14 -9.46
CA ARG D 373 5.58 -29.81 -8.85
C ARG D 373 5.23 -29.86 -7.35
N GLY D 374 4.69 -30.98 -6.87
CA GLY D 374 4.31 -31.12 -5.47
C GLY D 374 2.92 -30.64 -5.13
N GLY D 375 1.97 -30.78 -6.06
CA GLY D 375 0.66 -30.21 -5.87
C GLY D 375 0.09 -29.48 -7.07
N CYS D 376 -1.22 -29.26 -7.02
CA CYS D 376 -1.94 -28.67 -8.12
C CYS D 376 -3.19 -27.99 -7.61
N PRO D 377 -3.25 -26.65 -7.51
CA PRO D 377 -4.46 -26.04 -6.95
C PRO D 377 -5.68 -26.29 -7.83
N ALA D 378 -6.74 -26.80 -7.19
CA ALA D 378 -7.99 -27.07 -7.88
C ALA D 378 -9.17 -26.65 -7.01
N ASP D 379 -10.23 -26.20 -7.69
CA ASP D 379 -11.45 -25.67 -7.09
C ASP D 379 -12.53 -26.68 -7.44
N TRP D 380 -12.75 -27.62 -6.51
CA TRP D 380 -13.70 -28.73 -6.72
C TRP D 380 -15.03 -28.21 -7.24
N VAL D 381 -15.49 -27.07 -6.72
CA VAL D 381 -16.79 -26.50 -7.06
C VAL D 381 -16.89 -26.18 -8.54
N TRP D 382 -15.79 -25.73 -9.16
CA TRP D 382 -15.77 -25.44 -10.57
C TRP D 382 -15.29 -26.62 -11.41
N ILE D 383 -14.46 -27.49 -10.84
CA ILE D 383 -13.93 -28.58 -11.63
C ILE D 383 -15.00 -29.64 -11.90
N VAL D 384 -15.87 -29.93 -10.92
CA VAL D 384 -16.86 -31.00 -11.16
C VAL D 384 -17.87 -30.53 -12.22
N PRO D 385 -18.12 -31.32 -13.27
CA PRO D 385 -19.02 -30.87 -14.36
C PRO D 385 -20.44 -30.63 -13.84
N PRO D 386 -21.21 -29.75 -14.50
CA PRO D 386 -22.56 -29.44 -14.01
C PRO D 386 -23.62 -30.48 -14.32
N MET D 387 -23.27 -31.62 -14.92
CA MET D 387 -24.21 -32.72 -15.09
C MET D 387 -23.49 -34.03 -14.83
N SER D 388 -24.22 -35.02 -14.28
CA SER D 388 -23.67 -36.34 -14.06
C SER D 388 -22.42 -36.30 -13.16
N GLY D 389 -22.39 -35.37 -12.22
CA GLY D 389 -21.23 -35.18 -11.37
C GLY D 389 -20.54 -36.44 -10.90
N SER D 390 -21.19 -37.20 -10.01
CA SER D 390 -20.50 -38.30 -9.34
C SER D 390 -20.14 -39.45 -10.26
N ILE D 391 -20.58 -39.46 -11.52
CA ILE D 391 -20.07 -40.50 -12.41
C ILE D 391 -18.79 -40.07 -13.12
N THR D 392 -18.26 -38.83 -12.84
CA THR D 392 -16.93 -38.45 -13.30
C THR D 392 -15.93 -38.54 -12.16
N PRO D 393 -14.66 -38.78 -12.46
CA PRO D 393 -13.71 -39.17 -11.37
C PRO D 393 -13.35 -38.03 -10.48
N VAL D 394 -13.64 -36.79 -10.88
CA VAL D 394 -13.26 -35.66 -10.06
C VAL D 394 -14.23 -35.42 -8.91
N PHE D 395 -15.42 -36.01 -8.98
CA PHE D 395 -16.37 -35.87 -7.90
C PHE D 395 -15.81 -36.47 -6.62
N HIS D 396 -15.05 -37.55 -6.76
CA HIS D 396 -14.55 -38.36 -5.66
C HIS D 396 -13.16 -37.94 -5.25
N GLN D 397 -12.66 -36.87 -5.85
CA GLN D 397 -11.29 -36.40 -5.70
C GLN D 397 -11.26 -35.23 -4.72
N GLU D 398 -10.64 -35.43 -3.58
CA GLU D 398 -10.32 -34.30 -2.73
C GLU D 398 -9.40 -33.35 -3.49
N MET D 399 -9.61 -32.05 -3.28
CA MET D 399 -8.81 -31.02 -3.91
C MET D 399 -8.52 -29.94 -2.89
N LEU D 400 -7.29 -29.44 -2.92
CA LEU D 400 -6.89 -28.24 -2.20
C LEU D 400 -6.92 -27.05 -3.15
N ASN D 401 -7.39 -25.93 -2.64
CA ASN D 401 -7.48 -24.70 -3.41
C ASN D 401 -6.60 -23.65 -2.74
N TYR D 402 -5.69 -23.09 -3.52
CA TYR D 402 -4.82 -22.03 -3.06
C TYR D 402 -4.38 -21.23 -4.28
N ARG D 403 -3.99 -19.98 -4.04
CA ARG D 403 -3.77 -19.02 -5.12
C ARG D 403 -2.27 -18.88 -5.37
N LEU D 404 -1.81 -19.34 -6.53
CA LEU D 404 -0.42 -19.17 -6.95
C LEU D 404 -0.31 -18.09 -8.01
N THR D 405 0.81 -17.39 -8.00
CA THR D 405 1.18 -16.38 -8.98
C THR D 405 2.21 -16.92 -9.95
N PRO D 406 2.15 -16.57 -11.25
CA PRO D 406 1.21 -15.68 -11.95
C PRO D 406 -0.19 -16.29 -12.11
N SER D 407 -1.19 -15.44 -12.27
CA SER D 407 -2.57 -15.88 -12.27
C SER D 407 -3.44 -14.99 -13.14
N PHE D 408 -4.58 -15.55 -13.57
CA PHE D 408 -5.69 -14.77 -14.07
C PHE D 408 -6.61 -14.38 -12.92
N GLU D 409 -7.08 -13.12 -12.94
CA GLU D 409 -8.02 -12.59 -11.96
C GLU D 409 -9.19 -11.93 -12.68
N TYR D 410 -10.30 -11.81 -11.98
CA TYR D 410 -11.41 -10.99 -12.45
C TYR D 410 -11.08 -9.51 -12.28
N GLN D 411 -11.83 -8.68 -13.00
CA GLN D 411 -11.68 -7.23 -12.95
C GLN D 411 -13.04 -6.59 -13.20
N PRO D 412 -13.25 -5.36 -12.75
CA PRO D 412 -14.53 -4.68 -12.98
C PRO D 412 -14.87 -4.55 -14.45
N ASP D 413 -16.15 -4.65 -14.76
CA ASP D 413 -16.63 -4.32 -16.10
C ASP D 413 -16.23 -2.90 -16.46
N PRO D 414 -15.74 -2.66 -17.68
CA PRO D 414 -15.21 -1.32 -18.00
C PRO D 414 -16.29 -0.24 -17.98
N TRP D 415 -17.54 -0.60 -18.22
CA TRP D 415 -18.60 0.40 -18.27
C TRP D 415 -19.05 0.89 -16.89
N ASN D 416 -18.61 0.23 -15.82
CA ASN D 416 -18.80 0.77 -14.48
C ASN D 416 -17.67 1.71 -14.09
N THR D 417 -16.61 1.76 -14.90
CA THR D 417 -15.38 2.51 -14.63
C THR D 417 -15.14 3.66 -15.58
N HIS D 418 -15.55 3.52 -16.84
CA HIS D 418 -14.98 4.33 -17.90
C HIS D 418 -15.52 5.75 -17.90
N VAL D 419 -14.62 6.71 -18.11
CA VAL D 419 -14.93 8.13 -18.09
C VAL D 419 -14.86 8.63 -19.54
N TRP D 420 -16.03 8.82 -20.15
CA TRP D 420 -16.11 9.22 -21.56
C TRP D 420 -15.80 10.70 -21.74
N LYS D 421 -15.36 11.04 -22.95
CA LYS D 421 -15.31 12.44 -23.39
C LYS D 421 -15.38 12.51 -24.91
CHA HEM E . 13.70 20.40 16.24
CHB HEM E . 17.73 18.13 17.64
CHC HEM E . 14.98 14.52 19.46
CHD HEM E . 11.12 16.36 17.18
C1A HEM E . 15.01 20.18 16.61
C2A HEM E . 16.08 21.16 16.68
C3A HEM E . 17.19 20.55 17.08
C4A HEM E . 16.87 19.15 17.26
CMA HEM E . 18.57 21.23 17.28
CAA HEM E . 15.96 22.67 16.41
CBA HEM E . 15.28 23.23 17.66
CGA HEM E . 15.21 24.73 17.61
O1A HEM E . 16.16 25.33 17.03
O2A HEM E . 14.21 25.29 18.17
C1B HEM E . 17.34 16.97 18.29
C2B HEM E . 18.23 16.08 18.99
C3B HEM E . 17.50 15.08 19.49
C4B HEM E . 16.10 15.30 19.13
CMB HEM E . 19.76 16.26 19.11
CAB HEM E . 18.13 13.92 20.32
CBB HEM E . 17.45 12.80 20.65
C1C HEM E . 13.67 14.70 19.05
C2C HEM E . 12.50 13.91 19.44
C3C HEM E . 11.43 14.43 18.81
C4C HEM E . 11.88 15.55 18.00
CMC HEM E . 12.57 12.73 20.44
CAC HEM E . 9.93 14.01 18.83
CBC HEM E . 9.48 12.92 19.45
C1D HEM E . 11.49 17.64 16.77
C2D HEM E . 10.59 18.63 16.20
C3D HEM E . 11.29 19.74 15.94
C4D HEM E . 12.67 19.50 16.34
CMD HEM E . 9.08 18.45 15.93
CAD HEM E . 10.73 21.03 15.31
CBD HEM E . 10.93 22.19 16.28
CGD HEM E . 9.96 23.28 15.94
O1D HEM E . 9.20 23.13 14.94
O2D HEM E . 9.97 24.30 16.71
NA HEM E . 15.53 18.97 16.96
NB HEM E . 16.06 16.47 18.38
NC HEM E . 13.24 15.67 18.18
ND HEM E . 12.76 18.21 16.83
FE HEM E . 14.44 17.20 17.38
N1 H4B F . 16.63 27.13 12.60
C2 H4B F . 16.49 26.47 13.78
N2 H4B F . 17.10 25.27 13.98
N3 H4B F . 15.74 27.02 14.77
C4 H4B F . 15.13 28.21 14.61
O4 H4B F . 14.46 28.71 15.52
C4A H4B F . 15.26 28.89 13.40
C8A H4B F . 16.03 28.33 12.38
N5 H4B F . 14.65 30.07 13.20
N8 H4B F . 16.18 28.98 11.19
C6 H4B F . 14.40 30.42 11.82
C7 H4B F . 15.66 30.32 10.97
C9 H4B F . 13.79 31.80 11.70
O9 H4B F . 14.54 32.71 12.51
C10 H4B F . 13.74 32.23 10.25
C11 H4B F . 12.94 33.53 10.14
O10 H4B F . 13.11 31.21 9.46
C13 XVK G . 13.81 25.43 24.73
C15 XVK G . 13.60 26.41 22.53
C17 XVK G . 13.54 27.67 21.68
C22 XVK G . 12.27 29.62 19.72
C26 XVK G . 11.69 27.73 18.35
C14 XVK G . 13.77 26.55 23.90
C18 XVK G . 13.09 27.36 20.26
C23 XVK G . 11.09 30.38 19.14
C25 XVK G . 10.50 28.50 17.76
C16 XVK G . 13.49 25.13 21.97
C11 XVK G . 13.55 24.00 22.80
C12 XVK G . 13.70 24.17 24.17
C02 XVK G . 16.24 19.12 21.17
C03 XVK G . 15.31 18.08 21.21
C04 XVK G . 13.96 18.41 21.18
C05 XVK G . 13.55 19.74 21.11
C06 XVK G . 14.52 20.74 21.10
C07 XVK G . 12.94 17.31 21.19
C08 XVK G . 14.16 22.21 21.05
C09 XVK G . 13.42 22.56 22.32
C27 XVK G . 9.63 30.67 17.25
F12 XVK G . 13.76 23.10 25.00
F13 XVK G . 13.98 25.56 26.06
N01 XVK G . 15.82 20.40 21.13
N02 XVK G . 17.58 18.87 21.21
N21 XVK G . 11.98 28.17 19.73
N24 XVK G . 10.79 29.93 17.76
C1 GOL H . 4.57 6.88 3.73
O1 GOL H . 4.46 8.06 4.50
C2 GOL H . 5.47 5.82 4.38
O2 GOL H . 6.23 6.32 5.47
C3 GOL H . 6.39 5.15 3.35
O3 GOL H . 7.25 4.25 4.01
C1 GOL I . 10.23 1.31 21.63
O1 GOL I . 11.34 2.04 21.12
C2 GOL I . 9.89 1.79 23.05
O2 GOL I . 10.68 1.13 24.01
C3 GOL I . 8.40 1.67 23.40
O3 GOL I . 7.58 2.25 22.42
ZN ZN J . 9.73 26.79 -1.35
CHA HEM K . 25.65 36.97 -4.74
CHB HEM K . 27.60 40.29 -1.83
CHC HEM K . 27.65 43.26 -5.67
CHD HEM K . 24.66 40.34 -8.08
C1A HEM K . 26.33 37.55 -3.67
C2A HEM K . 26.90 36.87 -2.53
C3A HEM K . 27.43 37.79 -1.72
C4A HEM K . 27.21 39.07 -2.32
CMA HEM K . 28.17 37.52 -0.38
CAA HEM K . 26.92 35.36 -2.29
CBA HEM K . 28.09 34.84 -3.13
CGA HEM K . 28.44 33.43 -2.76
O1A HEM K . 28.39 33.04 -1.55
O2A HEM K . 28.79 32.68 -3.71
C1B HEM K . 27.81 41.38 -2.63
C2B HEM K . 28.47 42.60 -2.24
C3B HEM K . 28.47 43.42 -3.28
C4B HEM K . 27.82 42.75 -4.40
CMB HEM K . 29.06 42.95 -0.87
CAB HEM K . 29.09 44.83 -3.26
CBB HEM K . 28.57 45.78 -4.04
C1C HEM K . 26.87 42.76 -6.68
C2C HEM K . 26.63 43.37 -7.97
C3C HEM K . 25.81 42.55 -8.63
C4C HEM K . 25.50 41.41 -7.78
CMC HEM K . 27.29 44.70 -8.44
CAC HEM K . 25.19 42.67 -10.02
CBC HEM K . 25.29 43.80 -10.73
C1D HEM K . 24.72 39.16 -7.39
C2D HEM K . 24.18 37.90 -7.87
C3D HEM K . 24.46 36.98 -6.95
C4D HEM K . 25.19 37.61 -5.86
CMD HEM K . 23.41 37.66 -9.18
CAD HEM K . 24.04 35.50 -7.06
CBD HEM K . 25.31 34.72 -7.41
CGD HEM K . 24.93 33.35 -7.85
O1D HEM K . 23.70 33.06 -7.94
O2D HEM K . 25.86 32.55 -8.12
NA HEM K . 26.53 38.90 -3.50
NB HEM K . 27.42 41.49 -3.95
NC HEM K . 26.18 41.58 -6.61
ND HEM K . 25.31 38.97 -6.15
FE HEM K . 26.06 40.36 -4.85
N1 H4B L . 24.88 30.57 0.53
C2 H4B L . 25.81 31.35 -0.05
N2 H4B L . 25.87 32.66 0.30
N3 H4B L . 26.65 30.82 -0.97
C4 H4B L . 26.58 29.51 -1.33
O4 H4B L . 27.36 29.02 -2.19
C4A H4B L . 25.62 28.70 -0.74
C8A H4B L . 24.78 29.27 0.19
N5 H4B L . 25.49 27.40 -1.06
N8 H4B L . 23.84 28.53 0.80
C6 H4B L . 24.20 26.75 -0.83
C7 H4B L . 23.72 27.10 0.57
C9 H4B L . 24.20 25.23 -0.94
O9 H4B L . 25.26 24.71 -0.12
C10 H4B L . 22.87 24.59 -0.53
C11 H4B L . 22.70 23.17 -1.05
O10 H4B L . 21.78 25.36 -1.07
C13 XVK M . 34.74 33.49 -6.52
C15 XVK M . 32.72 32.30 -5.88
C17 XVK M . 32.08 30.99 -5.49
C22 XVK M . 31.04 28.48 -5.90
C26 XVK M . 28.88 29.34 -6.50
C14 XVK M . 34.09 32.31 -6.15
C18 XVK M . 30.68 30.91 -6.08
C23 XVK M . 30.69 27.15 -6.58
C25 XVK M . 28.54 28.04 -7.21
C16 XVK M . 31.99 33.49 -5.99
C11 XVK M . 32.64 34.67 -6.35
C12 XVK M . 34.00 34.66 -6.62
C02 XVK M . 30.49 39.56 -4.15
C03 XVK M . 30.12 40.38 -5.20
C04 XVK M . 29.91 39.83 -6.46
C05 XVK M . 30.07 38.46 -6.64
C06 XVK M . 30.44 37.67 -5.55
C07 XVK M . 29.49 40.70 -7.60
C08 XVK M . 30.64 36.18 -5.72
C09 XVK M . 31.94 36.01 -6.50
C27 XVK M . 28.91 25.69 -7.25
F12 XVK M . 34.63 35.79 -6.97
F13 XVK M . 36.06 33.50 -6.77
N01 XVK M . 30.63 38.24 -4.36
N02 XVK M . 30.73 40.04 -2.90
N21 XVK M . 30.33 29.56 -6.59
N24 XVK M . 29.24 26.93 -6.54
C1 GOL N . 8.30 46.19 -10.70
O1 GOL N . 8.95 45.02 -11.21
C2 GOL N . 9.30 47.34 -10.48
O2 GOL N . 10.62 46.88 -10.27
C3 GOL N . 8.90 48.22 -9.29
O3 GOL N . 10.00 49.04 -8.93
CHA HEM O . -26.55 -35.52 5.07
CHB HEM O . -30.94 -35.64 3.01
CHC HEM O . -32.82 -35.96 7.51
CHD HEM O . -28.55 -34.92 9.48
C1A HEM O . -27.57 -35.65 4.13
C2A HEM O . -27.41 -35.97 2.72
C3A HEM O . -28.61 -36.01 2.14
C4A HEM O . -29.58 -35.70 3.17
CMA HEM O . -28.95 -36.31 0.65
CAA HEM O . -26.08 -36.27 2.01
CBA HEM O . -26.14 -37.80 1.97
CGA HEM O . -24.84 -38.47 1.62
O1A HEM O . -24.35 -38.27 0.49
O2A HEM O . -24.35 -39.25 2.47
C1B HEM O . -31.82 -35.73 4.07
C2B HEM O . -33.27 -35.78 3.95
C3B HEM O . -33.78 -35.84 5.17
C4B HEM O . -32.69 -35.86 6.13
CMB HEM O . -34.07 -35.75 2.65
CAB HEM O . -35.29 -35.92 5.47
CBB HEM O . -35.79 -35.52 6.66
C1C HEM O . -31.86 -35.76 8.46
C2C HEM O . -32.02 -35.82 9.89
C3C HEM O . -30.82 -35.55 10.43
C4C HEM O . -29.88 -35.29 9.37
CMC HEM O . -33.36 -36.21 10.60
CAC HEM O . -30.43 -35.46 11.91
CBC HEM O . -31.35 -35.16 12.82
C1D HEM O . -27.65 -35.02 8.42
C2D HEM O . -26.21 -35.00 8.59
C3D HEM O . -25.65 -35.17 7.40
C4D HEM O . -26.72 -35.32 6.42
CMD HEM O . -25.49 -34.79 9.94
CAD HEM O . -24.15 -35.21 7.10
CBD HEM O . -23.80 -36.68 6.84
CGD HEM O . -22.32 -36.88 6.91
O1D HEM O . -21.61 -35.88 7.21
O2D HEM O . -21.87 -38.03 6.63
NA HEM O . -28.91 -35.48 4.36
NB HEM O . -31.49 -35.76 5.42
NC HEM O . -30.56 -35.44 8.19
ND HEM O . -27.93 -35.20 7.08
FE HEM O . -29.79 -35.14 6.22
N1 H4B P . -21.77 -34.81 -1.74
C2 H4B P . -22.67 -35.63 -1.15
N2 H4B P . -23.96 -35.24 -1.09
N3 H4B P . -22.27 -36.82 -0.65
C4 H4B P . -20.97 -37.24 -0.73
O4 H4B P . -20.61 -38.33 -0.26
C4A H4B P . -20.05 -36.40 -1.31
C8A H4B P . -20.47 -35.17 -1.82
N5 H4B P . -18.76 -36.73 -1.40
N8 H4B P . -19.59 -34.32 -2.42
C6 H4B P . -17.78 -35.65 -1.56
C7 H4B P . -18.21 -34.69 -2.65
C9 H4B P . -16.38 -36.17 -1.91
O9 H4B P . -16.50 -37.04 -3.03
C10 H4B P . -15.46 -35.00 -2.26
C11 H4B P . -14.01 -35.44 -2.19
O10 H4B P . -15.62 -33.91 -1.33
C13 XVK Q . -26.02 -45.04 3.18
C15 XVK Q . -24.47 -43.21 2.97
C17 XVK Q . -23.12 -42.73 2.48
C22 XVK Q . -20.45 -42.99 2.20
C26 XVK Q . -20.33 -40.99 3.53
C14 XVK Q . -24.80 -44.54 2.75
C18 XVK Q . -22.29 -42.37 3.71
C23 XVK Q . -18.91 -43.03 2.13
C25 XVK Q . -18.81 -41.02 3.46
C16 XVK Q . -25.35 -42.35 3.64
C11 XVK Q . -26.59 -42.86 4.07
C12 XVK Q . -26.90 -44.19 3.84
C02 XVK Q . -30.82 -39.13 4.29
C03 XVK Q . -31.25 -38.92 5.59
C04 XVK Q . -30.40 -39.23 6.65
C05 XVK Q . -29.15 -39.75 6.40
C06 XVK Q . -28.73 -39.92 5.07
C07 XVK Q . -30.87 -38.99 8.07
C08 XVK Q . -27.37 -40.50 4.73
C09 XVK Q . -27.60 -42.00 4.79
C27 XVK Q . -16.97 -41.58 1.99
F12 XVK Q . -28.08 -44.71 4.24
F13 XVK Q . -26.38 -46.32 2.98
N01 XVK Q . -29.59 -39.63 4.07
N02 XVK Q . -31.62 -38.85 3.24
N21 XVK Q . -20.83 -42.37 3.47
N24 XVK Q . -18.43 -41.63 2.18
C1 GOL R . -26.98 -19.70 17.84
O1 GOL R . -26.25 -20.92 17.71
C2 GOL R . -28.50 -19.91 17.84
O2 GOL R . -28.88 -21.16 17.28
C3 GOL R . -29.24 -18.81 17.08
O3 GOL R . -30.52 -19.30 16.72
C1 GOL S . -41.27 -34.02 18.67
O1 GOL S . -40.97 -33.17 17.59
C2 GOL S . -40.06 -34.04 19.62
O2 GOL S . -39.83 -35.31 20.24
C3 GOL S . -40.23 -32.90 20.60
O3 GOL S . -41.00 -31.90 19.98
ZN ZN T . -12.61 -22.85 2.40
CHA HEM U . -12.21 -22.34 -16.66
CHB HEM U . -12.10 -26.05 -19.72
CHC HEM U . -8.24 -24.09 -21.97
CHD HEM U . -7.90 -20.74 -18.44
C1A HEM U . -12.62 -23.43 -17.38
C2A HEM U . -13.94 -24.05 -17.38
C3A HEM U . -13.91 -25.06 -18.24
C4A HEM U . -12.58 -25.14 -18.80
CMA HEM U . -15.11 -26.00 -18.54
CAA HEM U . -15.19 -23.60 -16.60
CBA HEM U . -15.83 -22.49 -17.43
CGA HEM U . -17.15 -22.08 -16.89
O1A HEM U . -17.94 -22.99 -16.51
O2A HEM U . -17.43 -20.85 -16.84
C1B HEM U . -11.07 -25.82 -20.62
C2B HEM U . -10.79 -26.64 -21.77
C3B HEM U . -9.73 -26.13 -22.38
C4B HEM U . -9.30 -24.94 -21.65
CMB HEM U . -11.57 -27.91 -22.17
CAB HEM U . -9.11 -26.74 -23.67
CBB HEM U . -7.92 -26.35 -24.16
C1C HEM U . -7.84 -22.95 -21.29
C2C HEM U . -6.87 -21.97 -21.70
C3C HEM U . -6.75 -21.07 -20.74
C4C HEM U . -7.67 -21.40 -19.65
CMC HEM U . -6.05 -21.92 -23.02
CAC HEM U . -5.79 -19.90 -20.93
CBC HEM U . -5.30 -19.29 -19.87
C1D HEM U . -9.07 -20.87 -17.67
C2D HEM U . -9.54 -19.98 -16.61
C3D HEM U . -10.70 -20.43 -16.14
C4D HEM U . -11.06 -21.62 -16.88
CMD HEM U . -8.85 -18.72 -16.05
CAD HEM U . -11.54 -19.78 -15.02
CBD HEM U . -12.79 -19.18 -15.65
CGD HEM U . -13.44 -18.19 -14.74
O1D HEM U . -12.83 -17.91 -13.66
O2D HEM U . -14.56 -17.73 -15.09
NA HEM U . -11.83 -24.12 -18.25
NB HEM U . -10.15 -24.78 -20.57
NC HEM U . -8.30 -22.55 -20.04
ND HEM U . -10.03 -21.89 -17.79
FE HEM U . -9.98 -23.41 -19.06
N1 H4B V . -18.63 -24.26 -11.98
C2 H4B V . -18.37 -23.87 -13.26
N2 H4B V . -17.57 -24.60 -14.07
N3 H4B V . -18.90 -22.71 -13.72
C4 H4B V . -19.70 -21.94 -12.95
O4 H4B V . -20.19 -20.89 -13.38
C4A H4B V . -19.98 -22.34 -11.67
C8A H4B V . -19.45 -23.51 -11.19
N5 H4B V . -20.76 -21.59 -10.88
N8 H4B V . -19.73 -23.88 -9.92
C6 H4B V . -20.53 -21.71 -9.45
C7 H4B V . -20.69 -23.17 -9.10
C9 H4B V . -21.54 -20.82 -8.73
O9 H4B V . -22.77 -20.93 -9.46
C10 H4B V . -21.69 -21.20 -7.26
C11 H4B V . -22.80 -20.41 -6.58
O10 H4B V . -20.48 -20.94 -6.54
C13 XVK W . -18.97 -17.87 -22.73
C15 XVK W . -19.08 -18.30 -20.35
C17 XVK W . -19.83 -18.13 -19.04
C22 XVK W . -20.81 -17.53 -16.50
C26 XVK W . -18.62 -17.38 -15.55
C14 XVK W . -19.63 -17.75 -21.51
C18 XVK W . -18.83 -17.92 -17.91
C23 XVK W . -21.37 -16.61 -15.42
C25 XVK W . -19.14 -16.44 -14.47
C16 XVK W . -17.86 -19.00 -20.41
C11 XVK W . -17.21 -19.12 -21.64
C12 XVK W . -17.78 -18.55 -22.78
C02 XVK W . -13.31 -23.14 -22.14
C03 XVK W . -12.04 -22.57 -22.30
C04 XVK W . -11.78 -21.29 -21.85
C05 XVK W . -12.81 -20.57 -21.25
C06 XVK W . -14.07 -21.16 -21.11
C07 XVK W . -10.40 -20.72 -22.01
C08 XVK W . -15.23 -20.39 -20.52
C09 XVK W . -15.90 -19.86 -21.78
C27 XVK W . -21.04 -15.62 -13.29
F12 XVK W . -17.18 -18.65 -24.00
F13 XVK W . -19.48 -17.34 -23.87
N01 XVK W . -14.30 -22.40 -21.58
N02 XVK W . -13.55 -24.40 -22.62
N21 XVK W . -19.41 -17.15 -16.77
N24 XVK W . -20.56 -16.68 -14.19
C1 GOL X . 5.02 -21.52 -9.26
O1 GOL X . 4.63 -21.27 -7.93
C2 GOL X . 6.33 -22.30 -9.33
O2 GOL X . 6.19 -23.45 -10.18
C3 GOL X . 6.79 -22.67 -7.91
O3 GOL X . 7.21 -24.02 -7.86
#